data_2NSL
# 
_entry.id   2NSL 
# 
_audit_conform.dict_name       mmcif_pdbx.dic 
_audit_conform.dict_version    5.377 
_audit_conform.dict_location   http://mmcif.pdb.org/dictionaries/ascii/mmcif_pdbx.dic 
# 
loop_
_database_2.database_id 
_database_2.database_code 
_database_2.pdbx_database_accession 
_database_2.pdbx_DOI 
PDB   2NSL         pdb_00002nsl 10.2210/pdb2nsl/pdb 
RCSB  RCSB040250   ?            ?                   
WWPDB D_1000040250 ?            ?                   
# 
loop_
_pdbx_database_related.db_name 
_pdbx_database_related.db_id 
_pdbx_database_related.details 
_pdbx_database_related.content_type 
PDB 2ATE 'EcPurE-nitroAIR complex'      unspecified 
PDB 2NSH 'EcPurE-H45Q-nitroAIR complex' unspecified 
PDB 2NSJ 'EcPurE-H45Q-CAIR complex'     unspecified 
# 
_pdbx_database_status.status_code                     REL 
_pdbx_database_status.entry_id                        2NSL 
_pdbx_database_status.recvd_initial_deposition_date   2006-11-04 
_pdbx_database_status.deposit_site                    RCSB 
_pdbx_database_status.process_site                    RCSB 
_pdbx_database_status.status_code_sf                  REL 
_pdbx_database_status.status_code_mr                  ? 
_pdbx_database_status.SG_entry                        ? 
_pdbx_database_status.pdb_format_compatible           Y 
_pdbx_database_status.status_code_cs                  ? 
_pdbx_database_status.status_code_nmr_data            ? 
_pdbx_database_status.methods_development_category    ? 
# 
loop_
_audit_author.name 
_audit_author.pdbx_ordinal 
'Ealick, S.E.' 1 
'Morar, M.'    2 
# 
_citation.id                        primary 
_citation.title                     'N(5)-CAIR Mutase: Role of a CO(2) Binding Site and Substrate Movement in Catalysis.' 
_citation.journal_abbrev            Biochemistry 
_citation.journal_volume            46 
_citation.page_first                2842 
_citation.page_last                 2855 
_citation.year                      2007 
_citation.journal_id_ASTM           BICHAW 
_citation.country                   US 
_citation.journal_id_ISSN           0006-2960 
_citation.journal_id_CSD            0033 
_citation.book_publisher            ? 
_citation.pdbx_database_id_PubMed   17298082 
_citation.pdbx_database_id_DOI      10.1021/bi602436g 
# 
loop_
_citation_author.citation_id 
_citation_author.name 
_citation_author.ordinal 
_citation_author.identifier_ORCID 
primary 'Hoskins, A.A.' 1  ? 
primary 'Morar, M.'     2  ? 
primary 'Kappock, T.J.' 3  ? 
primary 'Mathews, I.I.' 4  ? 
primary 'Zaugg, J.B.'   5  ? 
primary 'Barder, T.E.'  6  ? 
primary 'Peng, P.'      7  ? 
primary 'Okamoto, A.'   8  ? 
primary 'Ealick, S.E.'  9  ? 
primary 'Stubbe, J.'    10 ? 
# 
_cell.entry_id           2NSL 
_cell.length_a           111.317 
_cell.length_b           111.317 
_cell.length_c           49.200 
_cell.angle_alpha        90.00 
_cell.angle_beta         90.00 
_cell.angle_gamma        90.00 
_cell.Z_PDB              16 
_cell.pdbx_unique_axis   ? 
_cell.length_a_esd       ? 
_cell.length_b_esd       ? 
_cell.length_c_esd       ? 
_cell.angle_alpha_esd    ? 
_cell.angle_beta_esd     ? 
_cell.angle_gamma_esd    ? 
# 
_symmetry.entry_id                         2NSL 
_symmetry.space_group_name_H-M             'I 4 2 2' 
_symmetry.pdbx_full_space_group_name_H-M   ? 
_symmetry.cell_setting                     ? 
_symmetry.Int_Tables_number                97 
_symmetry.space_group_name_Hall            ? 
# 
loop_
_entity.id 
_entity.type 
_entity.src_method 
_entity.pdbx_description 
_entity.formula_weight 
_entity.pdbx_number_of_molecules 
_entity.pdbx_ec 
_entity.pdbx_mutation 
_entity.pdbx_fragment 
_entity.details 
1 polymer     man 'Phosphoribosylaminoimidazole carboxylase catalytic subunit'                    17775.227 1   4.1.1.21 H45N ? ? 
2 non-polymer syn '5-AMINO-1-(5-O-PHOSPHONO-BETA-D-RIBOFURANOSYL)-1H-IMIDAZOLE-4-CARBOXYLIC ACID' 339.196   1   ?        ?    ? ? 
3 water       nat water                                                                           18.015    122 ?        ?    ? ? 
# 
_entity_name_com.entity_id   1 
_entity_name_com.name        'AIR carboxylase, AIRC' 
# 
_entity_poly.entity_id                      1 
_entity_poly.type                           'polypeptide(L)' 
_entity_poly.nstd_linkage                   no 
_entity_poly.nstd_monomer                   no 
_entity_poly.pdbx_seq_one_letter_code       
;MSSRNNPARVAIVMGSKSDWATMQFAAEIFEILNVPHHVEVVSANRTPDKLFSFAESAEENGYQVIIAGAGGAAHLPGMI
AAKTLVPVLGVPVQSAALSGVDSLYSIVQMPRGIPVGTLAIGKAGAANAALLAAQILATHDKELHQRLNDWRKAQTDEVL
ENPDPRGAA
;
_entity_poly.pdbx_seq_one_letter_code_can   
;MSSRNNPARVAIVMGSKSDWATMQFAAEIFEILNVPHHVEVVSANRTPDKLFSFAESAEENGYQVIIAGAGGAAHLPGMI
AAKTLVPVLGVPVQSAALSGVDSLYSIVQMPRGIPVGTLAIGKAGAANAALLAAQILATHDKELHQRLNDWRKAQTDEVL
ENPDPRGAA
;
_entity_poly.pdbx_strand_id                 A 
_entity_poly.pdbx_target_identifier         ? 
# 
loop_
_entity_poly_seq.entity_id 
_entity_poly_seq.num 
_entity_poly_seq.mon_id 
_entity_poly_seq.hetero 
1 1   MET n 
1 2   SER n 
1 3   SER n 
1 4   ARG n 
1 5   ASN n 
1 6   ASN n 
1 7   PRO n 
1 8   ALA n 
1 9   ARG n 
1 10  VAL n 
1 11  ALA n 
1 12  ILE n 
1 13  VAL n 
1 14  MET n 
1 15  GLY n 
1 16  SER n 
1 17  LYS n 
1 18  SER n 
1 19  ASP n 
1 20  TRP n 
1 21  ALA n 
1 22  THR n 
1 23  MET n 
1 24  GLN n 
1 25  PHE n 
1 26  ALA n 
1 27  ALA n 
1 28  GLU n 
1 29  ILE n 
1 30  PHE n 
1 31  GLU n 
1 32  ILE n 
1 33  LEU n 
1 34  ASN n 
1 35  VAL n 
1 36  PRO n 
1 37  HIS n 
1 38  HIS n 
1 39  VAL n 
1 40  GLU n 
1 41  VAL n 
1 42  VAL n 
1 43  SER n 
1 44  ALA n 
1 45  ASN n 
1 46  ARG n 
1 47  THR n 
1 48  PRO n 
1 49  ASP n 
1 50  LYS n 
1 51  LEU n 
1 52  PHE n 
1 53  SER n 
1 54  PHE n 
1 55  ALA n 
1 56  GLU n 
1 57  SER n 
1 58  ALA n 
1 59  GLU n 
1 60  GLU n 
1 61  ASN n 
1 62  GLY n 
1 63  TYR n 
1 64  GLN n 
1 65  VAL n 
1 66  ILE n 
1 67  ILE n 
1 68  ALA n 
1 69  GLY n 
1 70  ALA n 
1 71  GLY n 
1 72  GLY n 
1 73  ALA n 
1 74  ALA n 
1 75  HIS n 
1 76  LEU n 
1 77  PRO n 
1 78  GLY n 
1 79  MET n 
1 80  ILE n 
1 81  ALA n 
1 82  ALA n 
1 83  LYS n 
1 84  THR n 
1 85  LEU n 
1 86  VAL n 
1 87  PRO n 
1 88  VAL n 
1 89  LEU n 
1 90  GLY n 
1 91  VAL n 
1 92  PRO n 
1 93  VAL n 
1 94  GLN n 
1 95  SER n 
1 96  ALA n 
1 97  ALA n 
1 98  LEU n 
1 99  SER n 
1 100 GLY n 
1 101 VAL n 
1 102 ASP n 
1 103 SER n 
1 104 LEU n 
1 105 TYR n 
1 106 SER n 
1 107 ILE n 
1 108 VAL n 
1 109 GLN n 
1 110 MET n 
1 111 PRO n 
1 112 ARG n 
1 113 GLY n 
1 114 ILE n 
1 115 PRO n 
1 116 VAL n 
1 117 GLY n 
1 118 THR n 
1 119 LEU n 
1 120 ALA n 
1 121 ILE n 
1 122 GLY n 
1 123 LYS n 
1 124 ALA n 
1 125 GLY n 
1 126 ALA n 
1 127 ALA n 
1 128 ASN n 
1 129 ALA n 
1 130 ALA n 
1 131 LEU n 
1 132 LEU n 
1 133 ALA n 
1 134 ALA n 
1 135 GLN n 
1 136 ILE n 
1 137 LEU n 
1 138 ALA n 
1 139 THR n 
1 140 HIS n 
1 141 ASP n 
1 142 LYS n 
1 143 GLU n 
1 144 LEU n 
1 145 HIS n 
1 146 GLN n 
1 147 ARG n 
1 148 LEU n 
1 149 ASN n 
1 150 ASP n 
1 151 TRP n 
1 152 ARG n 
1 153 LYS n 
1 154 ALA n 
1 155 GLN n 
1 156 THR n 
1 157 ASP n 
1 158 GLU n 
1 159 VAL n 
1 160 LEU n 
1 161 GLU n 
1 162 ASN n 
1 163 PRO n 
1 164 ASP n 
1 165 PRO n 
1 166 ARG n 
1 167 GLY n 
1 168 ALA n 
1 169 ALA n 
# 
_entity_src_gen.entity_id                          1 
_entity_src_gen.pdbx_src_id                        1 
_entity_src_gen.pdbx_alt_source_flag               sample 
_entity_src_gen.pdbx_seq_type                      ? 
_entity_src_gen.pdbx_beg_seq_num                   ? 
_entity_src_gen.pdbx_end_seq_num                   ? 
_entity_src_gen.gene_src_common_name               ? 
_entity_src_gen.gene_src_genus                     Escherichia 
_entity_src_gen.pdbx_gene_src_gene                 purE 
_entity_src_gen.gene_src_species                   ? 
_entity_src_gen.gene_src_strain                    ? 
_entity_src_gen.gene_src_tissue                    ? 
_entity_src_gen.gene_src_tissue_fraction           ? 
_entity_src_gen.gene_src_details                   ? 
_entity_src_gen.pdbx_gene_src_fragment             ? 
_entity_src_gen.pdbx_gene_src_scientific_name      'Escherichia coli' 
_entity_src_gen.pdbx_gene_src_ncbi_taxonomy_id     562 
_entity_src_gen.pdbx_gene_src_variant              ? 
_entity_src_gen.pdbx_gene_src_cell_line            ? 
_entity_src_gen.pdbx_gene_src_atcc                 ? 
_entity_src_gen.pdbx_gene_src_organ                ? 
_entity_src_gen.pdbx_gene_src_organelle            ? 
_entity_src_gen.pdbx_gene_src_cell                 ? 
_entity_src_gen.pdbx_gene_src_cellular_location    ? 
_entity_src_gen.host_org_common_name               ? 
_entity_src_gen.pdbx_host_org_scientific_name      'Escherichia coli' 
_entity_src_gen.pdbx_host_org_ncbi_taxonomy_id     562 
_entity_src_gen.host_org_genus                     Escherichia 
_entity_src_gen.pdbx_host_org_gene                 ? 
_entity_src_gen.pdbx_host_org_organ                ? 
_entity_src_gen.host_org_species                   ? 
_entity_src_gen.pdbx_host_org_tissue               ? 
_entity_src_gen.pdbx_host_org_tissue_fraction      ? 
_entity_src_gen.pdbx_host_org_strain               ? 
_entity_src_gen.pdbx_host_org_variant              ? 
_entity_src_gen.pdbx_host_org_cell_line            ? 
_entity_src_gen.pdbx_host_org_atcc                 ? 
_entity_src_gen.pdbx_host_org_culture_collection   ? 
_entity_src_gen.pdbx_host_org_cell                 ? 
_entity_src_gen.pdbx_host_org_organelle            ? 
_entity_src_gen.pdbx_host_org_cellular_location    ? 
_entity_src_gen.pdbx_host_org_vector_type          ? 
_entity_src_gen.pdbx_host_org_vector               ? 
_entity_src_gen.host_org_details                   ? 
_entity_src_gen.expression_system_id               ? 
_entity_src_gen.plasmid_name                       ? 
_entity_src_gen.plasmid_details                    ? 
_entity_src_gen.pdbx_description                   ? 
# 
_struct_ref.id                         1 
_struct_ref.db_name                    UNP 
_struct_ref.db_code                    PUR6_ECOLI 
_struct_ref.pdbx_db_accession          P0AG18 
_struct_ref.entity_id                  1 
_struct_ref.pdbx_seq_one_letter_code   
;MSSRNNPARVAIVMGSKSDWATMQFAAEIFEILNVPHHVEVVSAHRTPDKLFSFAESAEENGYQVIIAGAGGAAHLPGMI
AAKTLVPVLGVPVQSAALSGVDSLYSIVQMPRGIPVGTLAIGKAGAANAALLAAQILATHDKELHQRLNDWRKAQTDEVL
ENPDPRGAA
;
_struct_ref.pdbx_align_begin           0 
_struct_ref.pdbx_db_isoform            ? 
# 
_struct_ref_seq.align_id                      1 
_struct_ref_seq.ref_id                        1 
_struct_ref_seq.pdbx_PDB_id_code              2NSL 
_struct_ref_seq.pdbx_strand_id                A 
_struct_ref_seq.seq_align_beg                 1 
_struct_ref_seq.pdbx_seq_align_beg_ins_code   ? 
_struct_ref_seq.seq_align_end                 169 
_struct_ref_seq.pdbx_seq_align_end_ins_code   ? 
_struct_ref_seq.pdbx_db_accession             P0AG18 
_struct_ref_seq.db_align_beg                  0 
_struct_ref_seq.pdbx_db_align_beg_ins_code    ? 
_struct_ref_seq.db_align_end                  168 
_struct_ref_seq.pdbx_db_align_end_ins_code    ? 
_struct_ref_seq.pdbx_auth_seq_align_beg       1 
_struct_ref_seq.pdbx_auth_seq_align_end       169 
# 
_struct_ref_seq_dif.align_id                     1 
_struct_ref_seq_dif.pdbx_pdb_id_code             2NSL 
_struct_ref_seq_dif.mon_id                       ASN 
_struct_ref_seq_dif.pdbx_pdb_strand_id           A 
_struct_ref_seq_dif.seq_num                      45 
_struct_ref_seq_dif.pdbx_pdb_ins_code            ? 
_struct_ref_seq_dif.pdbx_seq_db_name             UNP 
_struct_ref_seq_dif.pdbx_seq_db_accession_code   P0AG18 
_struct_ref_seq_dif.db_mon_id                    HIS 
_struct_ref_seq_dif.pdbx_seq_db_seq_num          44 
_struct_ref_seq_dif.details                      'engineered mutation' 
_struct_ref_seq_dif.pdbx_auth_seq_num            45 
_struct_ref_seq_dif.pdbx_ordinal                 1 
# 
loop_
_chem_comp.id 
_chem_comp.type 
_chem_comp.mon_nstd_flag 
_chem_comp.name 
_chem_comp.pdbx_synonyms 
_chem_comp.formula 
_chem_comp.formula_weight 
ALA 'L-peptide linking' y ALANINE                                                                         ? 'C3 H7 N O2'     
89.093  
ARG 'L-peptide linking' y ARGININE                                                                        ? 'C6 H15 N4 O2 1' 
175.209 
ASN 'L-peptide linking' y ASPARAGINE                                                                      ? 'C4 H8 N2 O3'    
132.118 
ASP 'L-peptide linking' y 'ASPARTIC ACID'                                                                 ? 'C4 H7 N O4'     
133.103 
C2R non-polymer         . '5-AMINO-1-(5-O-PHOSPHONO-BETA-D-RIBOFURANOSYL)-1H-IMIDAZOLE-4-CARBOXYLIC ACID' 
'CAIR; 4-CARBOXY-5-AMINOIMIDAZOLE RIBONUCLEOTIDE' 'C9 H14 N3 O9 P' 339.196 
GLN 'L-peptide linking' y GLUTAMINE                                                                       ? 'C5 H10 N2 O3'   
146.144 
GLU 'L-peptide linking' y 'GLUTAMIC ACID'                                                                 ? 'C5 H9 N O4'     
147.129 
GLY 'peptide linking'   y GLYCINE                                                                         ? 'C2 H5 N O2'     
75.067  
HIS 'L-peptide linking' y HISTIDINE                                                                       ? 'C6 H10 N3 O2 1' 
156.162 
HOH non-polymer         . WATER                                                                           ? 'H2 O'           
18.015  
ILE 'L-peptide linking' y ISOLEUCINE                                                                      ? 'C6 H13 N O2'    
131.173 
LEU 'L-peptide linking' y LEUCINE                                                                         ? 'C6 H13 N O2'    
131.173 
LYS 'L-peptide linking' y LYSINE                                                                          ? 'C6 H15 N2 O2 1' 
147.195 
MET 'L-peptide linking' y METHIONINE                                                                      ? 'C5 H11 N O2 S'  
149.211 
PHE 'L-peptide linking' y PHENYLALANINE                                                                   ? 'C9 H11 N O2'    
165.189 
PRO 'L-peptide linking' y PROLINE                                                                         ? 'C5 H9 N O2'     
115.130 
SER 'L-peptide linking' y SERINE                                                                          ? 'C3 H7 N O3'     
105.093 
THR 'L-peptide linking' y THREONINE                                                                       ? 'C4 H9 N O3'     
119.119 
TRP 'L-peptide linking' y TRYPTOPHAN                                                                      ? 'C11 H12 N2 O2'  
204.225 
TYR 'L-peptide linking' y TYROSINE                                                                        ? 'C9 H11 N O3'    
181.189 
VAL 'L-peptide linking' y VALINE                                                                          ? 'C5 H11 N O2'    
117.146 
# 
_exptl.entry_id          2NSL 
_exptl.method            'X-RAY DIFFRACTION' 
_exptl.crystals_number   1 
# 
_exptl_crystal.id                    1 
_exptl_crystal.density_meas          ? 
_exptl_crystal.density_Matthews      2.14 
_exptl_crystal.density_percent_sol   42.59 
_exptl_crystal.description           ? 
_exptl_crystal.F_000                 ? 
_exptl_crystal.preparation           ? 
# 
_exptl_crystal_grow.crystal_id      1 
_exptl_crystal_grow.method          'VAPOR DIFFUSION, HANGING DROP' 
_exptl_crystal_grow.temp            298 
_exptl_crystal_grow.temp_details    ? 
_exptl_crystal_grow.pH              8.0 
_exptl_crystal_grow.pdbx_details    
'25% PEG400, 0.2M magnesium chloride, 0.1M Tris, pH 8.0, VAPOR DIFFUSION, HANGING DROP, temperature 298K' 
_exptl_crystal_grow.pdbx_pH_range   . 
# 
_diffrn.id                     1 
_diffrn.ambient_temp           100 
_diffrn.ambient_temp_details   ? 
_diffrn.crystal_id             1 
# 
_diffrn_detector.diffrn_id              1 
_diffrn_detector.detector               'IMAGE PLATE' 
_diffrn_detector.type                   'RIGAKU RAXIS IV' 
_diffrn_detector.pdbx_collection_date   2006-05-13 
_diffrn_detector.details                ? 
# 
_diffrn_radiation.diffrn_id                        1 
_diffrn_radiation.wavelength_id                    1 
_diffrn_radiation.pdbx_monochromatic_or_laue_m_l   M 
_diffrn_radiation.monochromator                    ? 
_diffrn_radiation.pdbx_diffrn_protocol             'SINGLE WAVELENGTH' 
_diffrn_radiation.pdbx_scattering_type             x-ray 
# 
_diffrn_radiation_wavelength.id           1 
_diffrn_radiation_wavelength.wavelength   1.542 
_diffrn_radiation_wavelength.wt           1.0 
# 
_diffrn_source.diffrn_id                   1 
_diffrn_source.source                      'ROTATING ANODE' 
_diffrn_source.type                        RIGAKU 
_diffrn_source.pdbx_synchrotron_site       ? 
_diffrn_source.pdbx_synchrotron_beamline   ? 
_diffrn_source.pdbx_wavelength             1.542 
_diffrn_source.pdbx_wavelength_list        ? 
# 
_reflns.entry_id                     2NSL 
_reflns.observed_criterion_sigma_I   0 
_reflns.observed_criterion_sigma_F   0 
_reflns.d_resolution_low             35.20 
_reflns.d_resolution_high            2.00 
_reflns.number_obs                   10410 
_reflns.number_all                   10623 
_reflns.percent_possible_obs         96.7 
_reflns.pdbx_Rmerge_I_obs            ? 
_reflns.pdbx_Rsym_value              ? 
_reflns.pdbx_netI_over_sigmaI        ? 
_reflns.B_iso_Wilson_estimate        21.7 
_reflns.pdbx_redundancy              ? 
_reflns.R_free_details               ? 
_reflns.limit_h_max                  ? 
_reflns.limit_h_min                  ? 
_reflns.limit_k_max                  ? 
_reflns.limit_k_min                  ? 
_reflns.limit_l_max                  ? 
_reflns.limit_l_min                  ? 
_reflns.observed_criterion_F_max     ? 
_reflns.observed_criterion_F_min     ? 
_reflns.pdbx_chi_squared             ? 
_reflns.pdbx_scaling_rejects         ? 
_reflns.pdbx_ordinal                 1 
_reflns.pdbx_diffrn_id               1 
# 
_reflns_shell.d_res_high             2.00 
_reflns_shell.d_res_low              2.13 
_reflns_shell.percent_possible_all   93.0 
_reflns_shell.Rmerge_I_obs           ? 
_reflns_shell.pdbx_Rsym_value        ? 
_reflns_shell.meanI_over_sigI_obs    ? 
_reflns_shell.pdbx_redundancy        ? 
_reflns_shell.percent_possible_obs   ? 
_reflns_shell.number_unique_all      ? 
_reflns_shell.number_measured_all    ? 
_reflns_shell.number_measured_obs    ? 
_reflns_shell.number_unique_obs      ? 
_reflns_shell.pdbx_chi_squared       ? 
_reflns_shell.pdbx_ordinal           1 
_reflns_shell.pdbx_diffrn_id         1 
# 
_refine.entry_id                                 2NSL 
_refine.ls_number_reflns_obs                     10410 
_refine.ls_number_reflns_all                     10623 
_refine.pdbx_ls_sigma_I                          ? 
_refine.pdbx_ls_sigma_F                          0.0 
_refine.pdbx_data_cutoff_high_absF               150438.81 
_refine.pdbx_data_cutoff_low_absF                0.000000 
_refine.pdbx_data_cutoff_high_rms_absF           ? 
_refine.ls_d_res_low                             35.20 
_refine.ls_d_res_high                            2.00 
_refine.ls_percent_reflns_obs                    96.7 
_refine.ls_R_factor_obs                          0.181 
_refine.ls_R_factor_all                          ? 
_refine.ls_R_factor_R_work                       0.181 
_refine.ls_R_factor_R_free                       0.224 
_refine.ls_R_factor_R_free_error                 0.007 
_refine.ls_R_factor_R_free_error_details         ? 
_refine.ls_percent_reflns_R_free                 10.4 
_refine.ls_number_reflns_R_free                  1082 
_refine.ls_number_parameters                     ? 
_refine.ls_number_restraints                     ? 
_refine.occupancy_min                            ? 
_refine.occupancy_max                            ? 
_refine.correlation_coeff_Fo_to_Fc               ? 
_refine.correlation_coeff_Fo_to_Fc_free          ? 
_refine.B_iso_mean                               32.0 
_refine.aniso_B[1][1]                            2.44 
_refine.aniso_B[2][2]                            2.44 
_refine.aniso_B[3][3]                            -4.87 
_refine.aniso_B[1][2]                            0.00 
_refine.aniso_B[1][3]                            0.00 
_refine.aniso_B[2][3]                            0.00 
_refine.solvent_model_details                    'FLAT MODEL' 
_refine.solvent_model_param_ksol                 0.361258 
_refine.solvent_model_param_bsol                 54.0614 
_refine.pdbx_solvent_vdw_probe_radii             ? 
_refine.pdbx_solvent_ion_probe_radii             ? 
_refine.pdbx_solvent_shrinkage_radii             ? 
_refine.pdbx_ls_cross_valid_method               THROUGHOUT 
_refine.details                                  ? 
_refine.pdbx_starting_model                      'PDB ENTRY 2ATE' 
_refine.pdbx_method_to_determine_struct          'MOLECULAR REPLACEMENT' 
_refine.pdbx_isotropic_thermal_model             RESTRAINED 
_refine.pdbx_stereochemistry_target_values       ? 
_refine.pdbx_stereochem_target_val_spec_case     ? 
_refine.pdbx_R_Free_selection_details            RANDOM 
_refine.pdbx_overall_ESU_R                       ? 
_refine.pdbx_overall_ESU_R_Free                  ? 
_refine.overall_SU_ML                            ? 
_refine.overall_SU_B                             ? 
_refine.ls_redundancy_reflns_obs                 ? 
_refine.B_iso_min                                ? 
_refine.B_iso_max                                ? 
_refine.overall_SU_R_Cruickshank_DPI             ? 
_refine.overall_SU_R_free                        ? 
_refine.ls_wR_factor_R_free                      ? 
_refine.ls_wR_factor_R_work                      ? 
_refine.overall_FOM_free_R_set                   ? 
_refine.overall_FOM_work_R_set                   ? 
_refine.pdbx_refine_id                           'X-RAY DIFFRACTION' 
_refine.pdbx_diffrn_id                           1 
_refine.pdbx_TLS_residual_ADP_flag               ? 
_refine.pdbx_overall_phase_error                 ? 
_refine.pdbx_overall_SU_R_free_Cruickshank_DPI   ? 
_refine.pdbx_overall_SU_R_Blow_DPI               ? 
_refine.pdbx_overall_SU_R_free_Blow_DPI          ? 
# 
_refine_analyze.entry_id                        2NSL 
_refine_analyze.Luzzati_coordinate_error_obs    0.20 
_refine_analyze.Luzzati_sigma_a_obs             0.17 
_refine_analyze.Luzzati_d_res_low_obs           5.00 
_refine_analyze.Luzzati_coordinate_error_free   0.25 
_refine_analyze.Luzzati_sigma_a_free            0.17 
_refine_analyze.Luzzati_d_res_low_free          ? 
_refine_analyze.number_disordered_residues      ? 
_refine_analyze.occupancy_sum_hydrogen          ? 
_refine_analyze.occupancy_sum_non_hydrogen      ? 
_refine_analyze.pdbx_Luzzati_d_res_high_obs     ? 
_refine_analyze.pdbx_refine_id                  'X-RAY DIFFRACTION' 
# 
_refine_hist.pdbx_refine_id                   'X-RAY DIFFRACTION' 
_refine_hist.cycle_id                         LAST 
_refine_hist.pdbx_number_atoms_protein        1196 
_refine_hist.pdbx_number_atoms_nucleic_acid   0 
_refine_hist.pdbx_number_atoms_ligand         22 
_refine_hist.number_atoms_solvent             122 
_refine_hist.number_atoms_total               1340 
_refine_hist.d_res_high                       2.00 
_refine_hist.d_res_low                        35.20 
# 
loop_
_refine_ls_restr.type 
_refine_ls_restr.dev_ideal 
_refine_ls_restr.dev_ideal_target 
_refine_ls_restr.weight 
_refine_ls_restr.number 
_refine_ls_restr.pdbx_refine_id 
_refine_ls_restr.pdbx_restraint_function 
c_bond_d                0.005 ?    ? ? 'X-RAY DIFFRACTION' ? 
c_bond_d_na             ?     ?    ? ? 'X-RAY DIFFRACTION' ? 
c_bond_d_prot           ?     ?    ? ? 'X-RAY DIFFRACTION' ? 
c_angle_d               ?     ?    ? ? 'X-RAY DIFFRACTION' ? 
c_angle_d_na            ?     ?    ? ? 'X-RAY DIFFRACTION' ? 
c_angle_d_prot          ?     ?    ? ? 'X-RAY DIFFRACTION' ? 
c_angle_deg             1.2   ?    ? ? 'X-RAY DIFFRACTION' ? 
c_angle_deg_na          ?     ?    ? ? 'X-RAY DIFFRACTION' ? 
c_angle_deg_prot        ?     ?    ? ? 'X-RAY DIFFRACTION' ? 
c_dihedral_angle_d      22.1  ?    ? ? 'X-RAY DIFFRACTION' ? 
c_dihedral_angle_d_na   ?     ?    ? ? 'X-RAY DIFFRACTION' ? 
c_dihedral_angle_d_prot ?     ?    ? ? 'X-RAY DIFFRACTION' ? 
c_improper_angle_d      0.80  ?    ? ? 'X-RAY DIFFRACTION' ? 
c_improper_angle_d_na   ?     ?    ? ? 'X-RAY DIFFRACTION' ? 
c_improper_angle_d_prot ?     ?    ? ? 'X-RAY DIFFRACTION' ? 
c_mcbond_it             1.14  1.50 ? ? 'X-RAY DIFFRACTION' ? 
c_mcangle_it            1.63  2.00 ? ? 'X-RAY DIFFRACTION' ? 
c_scbond_it             2.09  2.00 ? ? 'X-RAY DIFFRACTION' ? 
c_scangle_it            2.96  2.50 ? ? 'X-RAY DIFFRACTION' ? 
# 
_refine_ls_shell.pdbx_total_number_of_bins_used   6 
_refine_ls_shell.d_res_high                       2.00 
_refine_ls_shell.d_res_low                        2.13 
_refine_ls_shell.number_reflns_R_work             1450 
_refine_ls_shell.R_factor_R_work                  0.228 
_refine_ls_shell.percent_reflns_obs               93.0 
_refine_ls_shell.R_factor_R_free                  0.253 
_refine_ls_shell.R_factor_R_free_error            0.019 
_refine_ls_shell.percent_reflns_R_free            11.3 
_refine_ls_shell.number_reflns_R_free             185 
_refine_ls_shell.number_reflns_all                ? 
_refine_ls_shell.R_factor_all                     ? 
_refine_ls_shell.redundancy_reflns_obs            ? 
_refine_ls_shell.number_reflns_obs                ? 
_refine_ls_shell.pdbx_refine_id                   'X-RAY DIFFRACTION' 
# 
loop_
_pdbx_xplor_file.serial_no 
_pdbx_xplor_file.param_file 
_pdbx_xplor_file.topol_file 
_pdbx_xplor_file.pdbx_refine_id 
1 protein_rep.param protein.top 'X-RAY DIFFRACTION' 
2 h45n.param        h45n.top    'X-RAY DIFFRACTION' 
3 water_rep.param   water.top   'X-RAY DIFFRACTION' 
5 ?                 ?           'X-RAY DIFFRACTION' 
# 
_struct.entry_id                  2NSL 
_struct.title                     'E. coli PurE H45N mutant complexed with CAIR' 
_struct.pdbx_model_details        ? 
_struct.pdbx_CASP_flag            ? 
_struct.pdbx_model_type_details   ? 
# 
_struct_keywords.entry_id        2NSL 
_struct_keywords.pdbx_keywords   LYASE 
_struct_keywords.text            'central three layer alpha-beta-alpha sandwich, kinked C-terminal helix, LYASE' 
# 
loop_
_struct_asym.id 
_struct_asym.pdbx_blank_PDB_chainid_flag 
_struct_asym.pdbx_modified 
_struct_asym.entity_id 
_struct_asym.details 
A N N 1 ? 
B N N 2 ? 
C N N 3 ? 
# 
_struct_biol.id   1 
# 
loop_
_struct_conf.conf_type_id 
_struct_conf.id 
_struct_conf.pdbx_PDB_helix_id 
_struct_conf.beg_label_comp_id 
_struct_conf.beg_label_asym_id 
_struct_conf.beg_label_seq_id 
_struct_conf.pdbx_beg_PDB_ins_code 
_struct_conf.end_label_comp_id 
_struct_conf.end_label_asym_id 
_struct_conf.end_label_seq_id 
_struct_conf.pdbx_end_PDB_ins_code 
_struct_conf.beg_auth_comp_id 
_struct_conf.beg_auth_asym_id 
_struct_conf.beg_auth_seq_id 
_struct_conf.end_auth_comp_id 
_struct_conf.end_auth_asym_id 
_struct_conf.end_auth_seq_id 
_struct_conf.pdbx_PDB_helix_class 
_struct_conf.details 
_struct_conf.pdbx_PDB_helix_length 
HELX_P HELX_P1 1 SER A 16  ? SER A 18  ? SER A 16  SER A 18  5 ? 3  
HELX_P HELX_P2 2 ASP A 19  ? LEU A 33  ? ASP A 19  LEU A 33  1 ? 15 
HELX_P HELX_P3 3 THR A 47  ? SER A 57  ? THR A 47  SER A 57  1 ? 11 
HELX_P HELX_P4 4 HIS A 75  ? LYS A 83  ? HIS A 75  LYS A 83  1 ? 9  
HELX_P HELX_P5 5 GLY A 100 ? GLN A 109 ? GLY A 100 GLN A 109 1 ? 10 
HELX_P HELX_P6 6 GLY A 122 ? THR A 139 ? GLY A 122 THR A 139 1 ? 18 
HELX_P HELX_P7 7 ASP A 141 ? GLU A 161 ? ASP A 141 GLU A 161 1 ? 21 
# 
_struct_conf_type.id          HELX_P 
_struct_conf_type.criteria    ? 
_struct_conf_type.reference   ? 
# 
_struct_sheet.id               A 
_struct_sheet.type             ? 
_struct_sheet.number_strands   5 
_struct_sheet.details          ? 
# 
loop_
_struct_sheet_order.sheet_id 
_struct_sheet_order.range_id_1 
_struct_sheet_order.range_id_2 
_struct_sheet_order.offset 
_struct_sheet_order.sense 
A 1 2 ? parallel 
A 2 3 ? parallel 
A 3 4 ? parallel 
A 4 5 ? parallel 
# 
loop_
_struct_sheet_range.sheet_id 
_struct_sheet_range.id 
_struct_sheet_range.beg_label_comp_id 
_struct_sheet_range.beg_label_asym_id 
_struct_sheet_range.beg_label_seq_id 
_struct_sheet_range.pdbx_beg_PDB_ins_code 
_struct_sheet_range.end_label_comp_id 
_struct_sheet_range.end_label_asym_id 
_struct_sheet_range.end_label_seq_id 
_struct_sheet_range.pdbx_end_PDB_ins_code 
_struct_sheet_range.beg_auth_comp_id 
_struct_sheet_range.beg_auth_asym_id 
_struct_sheet_range.beg_auth_seq_id 
_struct_sheet_range.end_auth_comp_id 
_struct_sheet_range.end_auth_asym_id 
_struct_sheet_range.end_auth_seq_id 
A 1 HIS A 37  ? VAL A 41  ? HIS A 37  VAL A 41  
A 2 VAL A 10  ? MET A 14  ? VAL A 10  MET A 14  
A 3 VAL A 65  ? ALA A 70  ? VAL A 65  ALA A 70  
A 4 VAL A 88  ? PRO A 92  ? VAL A 88  PRO A 92  
A 5 GLY A 117 ? THR A 118 ? GLY A 117 THR A 118 
# 
loop_
_pdbx_struct_sheet_hbond.sheet_id 
_pdbx_struct_sheet_hbond.range_id_1 
_pdbx_struct_sheet_hbond.range_id_2 
_pdbx_struct_sheet_hbond.range_1_label_atom_id 
_pdbx_struct_sheet_hbond.range_1_label_comp_id 
_pdbx_struct_sheet_hbond.range_1_label_asym_id 
_pdbx_struct_sheet_hbond.range_1_label_seq_id 
_pdbx_struct_sheet_hbond.range_1_PDB_ins_code 
_pdbx_struct_sheet_hbond.range_1_auth_atom_id 
_pdbx_struct_sheet_hbond.range_1_auth_comp_id 
_pdbx_struct_sheet_hbond.range_1_auth_asym_id 
_pdbx_struct_sheet_hbond.range_1_auth_seq_id 
_pdbx_struct_sheet_hbond.range_2_label_atom_id 
_pdbx_struct_sheet_hbond.range_2_label_comp_id 
_pdbx_struct_sheet_hbond.range_2_label_asym_id 
_pdbx_struct_sheet_hbond.range_2_label_seq_id 
_pdbx_struct_sheet_hbond.range_2_PDB_ins_code 
_pdbx_struct_sheet_hbond.range_2_auth_atom_id 
_pdbx_struct_sheet_hbond.range_2_auth_comp_id 
_pdbx_struct_sheet_hbond.range_2_auth_asym_id 
_pdbx_struct_sheet_hbond.range_2_auth_seq_id 
A 1 2 O HIS A 38 ? O HIS A 38 N ILE A 12  ? N ILE A 12  
A 2 3 N VAL A 13 ? N VAL A 13 O ILE A 67  ? O ILE A 67  
A 3 4 N ILE A 66 ? N ILE A 66 O LEU A 89  ? O LEU A 89  
A 4 5 N GLY A 90 ? N GLY A 90 O GLY A 117 ? O GLY A 117 
# 
_struct_site.id                   AC1 
_struct_site.pdbx_evidence_code   Software 
_struct_site.pdbx_auth_asym_id    A 
_struct_site.pdbx_auth_comp_id    C2R 
_struct_site.pdbx_auth_seq_id     300 
_struct_site.pdbx_auth_ins_code   ? 
_struct_site.pdbx_num_residues    17 
_struct_site.details              'BINDING SITE FOR RESIDUE C2R A 300' 
# 
loop_
_struct_site_gen.id 
_struct_site_gen.site_id 
_struct_site_gen.pdbx_num_res 
_struct_site_gen.label_comp_id 
_struct_site_gen.label_asym_id 
_struct_site_gen.label_seq_id 
_struct_site_gen.pdbx_auth_ins_code 
_struct_site_gen.auth_comp_id 
_struct_site_gen.auth_asym_id 
_struct_site_gen.auth_seq_id 
_struct_site_gen.label_atom_id 
_struct_site_gen.label_alt_id 
_struct_site_gen.symmetry 
_struct_site_gen.details 
1  AC1 17 SER A 16  ? SER A 16  . ? 1_555 ? 
2  AC1 17 SER A 18  ? SER A 18  . ? 1_555 ? 
3  AC1 17 ASP A 19  ? ASP A 19  . ? 1_555 ? 
4  AC1 17 SER A 43  ? SER A 43  . ? 1_555 ? 
5  AC1 17 ALA A 44  ? ALA A 44  . ? 1_555 ? 
6  AC1 17 ASN A 45  ? ASN A 45  . ? 1_555 ? 
7  AC1 17 ARG A 46  ? ARG A 46  . ? 1_555 ? 
8  AC1 17 ALA A 70  ? ALA A 70  . ? 1_555 ? 
9  AC1 17 GLY A 71  ? GLY A 71  . ? 1_555 ? 
10 AC1 17 ALA A 73  ? ALA A 73  . ? 1_555 ? 
11 AC1 17 ALA A 74  ? ALA A 74  . ? 1_555 ? 
12 AC1 17 HIS A 75  ? HIS A 75  . ? 1_555 ? 
13 AC1 17 LEU A 76  ? LEU A 76  . ? 1_555 ? 
14 AC1 17 PRO A 111 ? PRO A 111 . ? 8_554 ? 
15 AC1 17 HOH C .   ? HOH A 324 . ? 1_555 ? 
16 AC1 17 HOH C .   ? HOH A 345 . ? 3_555 ? 
17 AC1 17 HOH C .   ? HOH A 420 . ? 1_555 ? 
# 
_atom_sites.entry_id                    2NSL 
_atom_sites.fract_transf_matrix[1][1]   0.00414313 
_atom_sites.fract_transf_matrix[1][2]   0.00589846 
_atom_sites.fract_transf_matrix[1][3]   0.00536068 
_atom_sites.fract_transf_matrix[2][1]   -0.00727399 
_atom_sites.fract_transf_matrix[2][2]   0.00526809 
_atom_sites.fract_transf_matrix[2][3]   -0.00017471 
_atom_sites.fract_transf_matrix[3][1]   -0.00737270 
_atom_sites.fract_transf_matrix[3][2]   -0.00963925 
_atom_sites.fract_transf_matrix[3][3]   0.01630441 
_atom_sites.fract_transf_vector[1]      0.030105 
_atom_sites.fract_transf_vector[2]      -0.216554 
_atom_sites.fract_transf_vector[3]      -0.325735 
# 
loop_
_atom_type.symbol 
C 
N 
O 
P 
S 
# 
loop_
_atom_site.group_PDB 
_atom_site.id 
_atom_site.type_symbol 
_atom_site.label_atom_id 
_atom_site.label_alt_id 
_atom_site.label_comp_id 
_atom_site.label_asym_id 
_atom_site.label_entity_id 
_atom_site.label_seq_id 
_atom_site.pdbx_PDB_ins_code 
_atom_site.Cartn_x 
_atom_site.Cartn_y 
_atom_site.Cartn_z 
_atom_site.occupancy 
_atom_site.B_iso_or_equiv 
_atom_site.pdbx_formal_charge 
_atom_site.auth_seq_id 
_atom_site.auth_comp_id 
_atom_site.auth_asym_id 
_atom_site.auth_atom_id 
_atom_site.pdbx_PDB_model_num 
ATOM   1    N N     . PRO A 1 7   ? 14.538  -10.355 5.909   1.00 48.10 ? 7   PRO A N     1 
ATOM   2    C CA    . PRO A 1 7   ? 14.410  -8.911  6.223   1.00 46.79 ? 7   PRO A CA    1 
ATOM   3    C C     . PRO A 1 7   ? 13.096  -8.384  5.660   1.00 44.91 ? 7   PRO A C     1 
ATOM   4    O O     . PRO A 1 7   ? 12.495  -9.006  4.783   1.00 43.54 ? 7   PRO A O     1 
ATOM   5    C CB    . PRO A 1 7   ? 15.583  -8.199  5.563   1.00 47.62 ? 7   PRO A CB    1 
ATOM   6    C CG    . PRO A 1 7   ? 16.570  -9.357  5.337   1.00 48.46 ? 7   PRO A CG    1 
ATOM   7    C CD    . PRO A 1 7   ? 15.693  -10.568 5.020   1.00 47.09 ? 7   PRO A CD    1 
ATOM   8    N N     . ALA A 1 8   ? 12.651  -7.239  6.165   1.00 43.12 ? 8   ALA A N     1 
ATOM   9    C CA    . ALA A 1 8   ? 11.413  -6.639  5.682   1.00 40.97 ? 8   ALA A CA    1 
ATOM   10   C C     . ALA A 1 8   ? 11.738  -5.842  4.429   1.00 38.68 ? 8   ALA A C     1 
ATOM   11   O O     . ALA A 1 8   ? 12.433  -4.832  4.495   1.00 38.82 ? 8   ALA A O     1 
ATOM   12   C CB    . ALA A 1 8   ? 10.815  -5.727  6.741   1.00 41.50 ? 8   ALA A CB    1 
ATOM   13   N N     . ARG A 1 9   ? 11.234  -6.304  3.289   1.00 36.83 ? 9   ARG A N     1 
ATOM   14   C CA    . ARG A 1 9   ? 11.481  -5.630  2.020   1.00 35.06 ? 9   ARG A CA    1 
ATOM   15   C C     . ARG A 1 9   ? 10.391  -4.619  1.688   1.00 33.36 ? 9   ARG A C     1 
ATOM   16   O O     . ARG A 1 9   ? 10.478  -3.914  0.680   1.00 31.16 ? 9   ARG A O     1 
ATOM   17   C CB    . ARG A 1 9   ? 11.586  -6.655  0.885   1.00 35.95 ? 9   ARG A CB    1 
ATOM   18   C CG    . ARG A 1 9   ? 12.743  -7.627  1.024   1.00 40.15 ? 9   ARG A CG    1 
ATOM   19   C CD    . ARG A 1 9   ? 14.059  -6.881  1.164   1.00 43.99 ? 9   ARG A CD    1 
ATOM   20   N NE    . ARG A 1 9   ? 15.201  -7.780  1.294   1.00 48.82 ? 9   ARG A NE    1 
ATOM   21   C CZ    . ARG A 1 9   ? 16.451  -7.371  1.495   1.00 50.67 ? 9   ARG A CZ    1 
ATOM   22   N NH1   . ARG A 1 9   ? 16.719  -6.074  1.590   1.00 51.11 ? 9   ARG A NH1   1 
ATOM   23   N NH2   . ARG A 1 9   ? 17.435  -8.255  1.599   1.00 50.46 ? 9   ARG A NH2   1 
ATOM   24   N N     . VAL A 1 10  ? 9.368   -4.545  2.534   1.00 31.59 ? 10  VAL A N     1 
ATOM   25   C CA    . VAL A 1 10  ? 8.272   -3.614  2.306   1.00 30.07 ? 10  VAL A CA    1 
ATOM   26   C C     . VAL A 1 10  ? 7.806   -2.959  3.598   1.00 29.07 ? 10  VAL A C     1 
ATOM   27   O O     . VAL A 1 10  ? 7.735   -3.603  4.649   1.00 29.81 ? 10  VAL A O     1 
ATOM   28   C CB    . VAL A 1 10  ? 7.074   -4.321  1.632   1.00 31.23 ? 10  VAL A CB    1 
ATOM   29   C CG1   . VAL A 1 10  ? 6.586   -5.467  2.510   1.00 33.96 ? 10  VAL A CG1   1 
ATOM   30   C CG2   . VAL A 1 10  ? 5.948   -3.318  1.375   1.00 31.44 ? 10  VAL A CG2   1 
ATOM   31   N N     . ALA A 1 11  ? 7.501   -1.669  3.515   1.00 27.69 ? 11  ALA A N     1 
ATOM   32   C CA    . ALA A 1 11  ? 7.037   -0.918  4.670   1.00 27.74 ? 11  ALA A CA    1 
ATOM   33   C C     . ALA A 1 11  ? 5.660   -0.320  4.410   1.00 28.22 ? 11  ALA A C     1 
ATOM   34   O O     . ALA A 1 11  ? 5.379   0.180   3.317   1.00 28.44 ? 11  ALA A O     1 
ATOM   35   C CB    . ALA A 1 11  ? 8.027   0.190   5.004   1.00 27.59 ? 11  ALA A CB    1 
ATOM   36   N N     . ILE A 1 12  ? 4.806   -0.382  5.422   1.00 25.96 ? 12  ILE A N     1 
ATOM   37   C CA    . ILE A 1 12  ? 3.463   0.169   5.330   1.00 25.30 ? 12  ILE A CA    1 
ATOM   38   C C     . ILE A 1 12  ? 3.385   1.357   6.286   1.00 25.18 ? 12  ILE A C     1 
ATOM   39   O O     . ILE A 1 12  ? 3.495   1.188   7.500   1.00 27.32 ? 12  ILE A O     1 
ATOM   40   C CB    . ILE A 1 12  ? 2.403   -0.877  5.745   1.00 22.92 ? 12  ILE A CB    1 
ATOM   41   C CG1   . ILE A 1 12  ? 2.416   -2.048  4.760   1.00 22.29 ? 12  ILE A CG1   1 
ATOM   42   C CG2   . ILE A 1 12  ? 1.021   -0.226  5.805   1.00 24.35 ? 12  ILE A CG2   1 
ATOM   43   C CD1   . ILE A 1 12  ? 1.413   -3.150  5.091   1.00 19.83 ? 12  ILE A CD1   1 
ATOM   44   N N     . VAL A 1 13  ? 3.211   2.557   5.744   1.00 24.04 ? 13  VAL A N     1 
ATOM   45   C CA    . VAL A 1 13  ? 3.115   3.748   6.579   1.00 24.12 ? 13  VAL A CA    1 
ATOM   46   C C     . VAL A 1 13  ? 1.783   4.453   6.345   1.00 23.65 ? 13  VAL A C     1 
ATOM   47   O O     . VAL A 1 13  ? 1.163   4.290   5.296   1.00 22.92 ? 13  VAL A O     1 
ATOM   48   C CB    . VAL A 1 13  ? 4.280   4.728   6.304   1.00 22.70 ? 13  VAL A CB    1 
ATOM   49   C CG1   . VAL A 1 13  ? 5.602   4.045   6.622   1.00 24.94 ? 13  VAL A CG1   1 
ATOM   50   C CG2   . VAL A 1 13  ? 4.264   5.187   4.850   1.00 22.54 ? 13  VAL A CG2   1 
ATOM   51   N N     . MET A 1 14  ? 1.343   5.229   7.329   1.00 24.29 ? 14  MET A N     1 
ATOM   52   C CA    . MET A 1 14  ? 0.073   5.943   7.227   1.00 24.59 ? 14  MET A CA    1 
ATOM   53   C C     . MET A 1 14  ? 0.129   7.233   8.030   1.00 25.54 ? 14  MET A C     1 
ATOM   54   O O     . MET A 1 14  ? 0.869   7.332   9.010   1.00 25.58 ? 14  MET A O     1 
ATOM   55   C CB    . MET A 1 14  ? -1.067  5.051   7.732   1.00 24.43 ? 14  MET A CB    1 
ATOM   56   C CG    . MET A 1 14  ? -0.903  4.607   9.180   1.00 24.80 ? 14  MET A CG    1 
ATOM   57   S SD    . MET A 1 14  ? -1.652  3.007   9.533   1.00 26.89 ? 14  MET A SD    1 
ATOM   58   C CE    . MET A 1 14  ? -0.368  1.929   8.941   1.00 25.86 ? 14  MET A CE    1 
ATOM   59   N N     . GLY A 1 15  ? -0.661  8.217   7.612   1.00 24.38 ? 15  GLY A N     1 
ATOM   60   C CA    . GLY A 1 15  ? -0.670  9.501   8.286   1.00 25.10 ? 15  GLY A CA    1 
ATOM   61   C C     . GLY A 1 15  ? -1.196  9.524   9.707   1.00 25.64 ? 15  GLY A C     1 
ATOM   62   O O     . GLY A 1 15  ? -0.777  10.366  10.499  1.00 25.09 ? 15  GLY A O     1 
ATOM   63   N N     . SER A 1 16  ? -2.104  8.609   10.038  1.00 25.91 ? 16  SER A N     1 
ATOM   64   C CA    . SER A 1 16  ? -2.684  8.565   11.377  1.00 27.29 ? 16  SER A CA    1 
ATOM   65   C C     . SER A 1 16  ? -3.063  7.154   11.803  1.00 28.06 ? 16  SER A C     1 
ATOM   66   O O     . SER A 1 16  ? -3.291  6.281   10.963  1.00 27.46 ? 16  SER A O     1 
ATOM   67   C CB    . SER A 1 16  ? -3.934  9.453   11.428  1.00 27.10 ? 16  SER A CB    1 
ATOM   68   O OG    . SER A 1 16  ? -4.544  9.415   12.708  0.50 25.70 ? 16  SER A OG    1 
ATOM   69   N N     . LYS A 1 17  ? -3.140  6.933   13.110  1.00 28.14 ? 17  LYS A N     1 
ATOM   70   C CA    . LYS A 1 17  ? -3.524  5.625   13.613  1.00 30.14 ? 17  LYS A CA    1 
ATOM   71   C C     . LYS A 1 17  ? -4.966  5.345   13.187  1.00 28.71 ? 17  LYS A C     1 
ATOM   72   O O     . LYS A 1 17  ? -5.379  4.191   13.099  1.00 28.21 ? 17  LYS A O     1 
ATOM   73   C CB    . LYS A 1 17  ? -3.394  5.566   15.141  1.00 33.65 ? 17  LYS A CB    1 
ATOM   74   C CG    . LYS A 1 17  ? -4.237  6.577   15.895  1.00 39.75 ? 17  LYS A CG    1 
ATOM   75   C CD    . LYS A 1 17  ? -4.028  6.451   17.407  1.00 43.82 ? 17  LYS A CD    1 
ATOM   76   C CE    . LYS A 1 17  ? -4.899  7.443   18.183  1.00 45.93 ? 17  LYS A CE    1 
ATOM   77   N NZ    . LYS A 1 17  ? -4.729  7.319   19.663  1.00 47.23 ? 17  LYS A NZ    1 
ATOM   78   N N     . SER A 1 18  ? -5.726  6.404   12.913  1.00 27.71 ? 18  SER A N     1 
ATOM   79   C CA    . SER A 1 18  ? -7.110  6.233   12.484  1.00 29.66 ? 18  SER A CA    1 
ATOM   80   C C     . SER A 1 18  ? -7.157  5.639   11.074  1.00 29.24 ? 18  SER A C     1 
ATOM   81   O O     . SER A 1 18  ? -8.215  5.225   10.607  1.00 30.37 ? 18  SER A O     1 
ATOM   82   C CB    . SER A 1 18  ? -7.870  7.568   12.535  1.00 29.82 ? 18  SER A CB    1 
ATOM   83   O OG    . SER A 1 18  ? -7.287  8.553   11.701  1.00 33.85 ? 18  SER A OG    1 
ATOM   84   N N     . ASP A 1 19  ? -6.005  5.590   10.407  1.00 28.16 ? 19  ASP A N     1 
ATOM   85   C CA    . ASP A 1 19  ? -5.925  5.021   9.063   1.00 28.10 ? 19  ASP A CA    1 
ATOM   86   C C     . ASP A 1 19  ? -5.786  3.505   9.135   1.00 28.35 ? 19  ASP A C     1 
ATOM   87   O O     . ASP A 1 19  ? -6.042  2.805   8.150   1.00 26.88 ? 19  ASP A O     1 
ATOM   88   C CB    . ASP A 1 19  ? -4.715  5.562   8.297   1.00 26.44 ? 19  ASP A CB    1 
ATOM   89   C CG    . ASP A 1 19  ? -4.845  7.026   7.947   1.00 27.94 ? 19  ASP A CG    1 
ATOM   90   O OD1   . ASP A 1 19  ? -5.965  7.467   7.602   1.00 26.63 ? 19  ASP A OD1   1 
ATOM   91   O OD2   . ASP A 1 19  ? -3.812  7.728   7.996   1.00 24.87 ? 19  ASP A OD2   1 
ATOM   92   N N     . TRP A 1 20  ? -5.366  3.007   10.296  1.00 26.95 ? 20  TRP A N     1 
ATOM   93   C CA    . TRP A 1 20  ? -5.163  1.575   10.486  1.00 27.57 ? 20  TRP A CA    1 
ATOM   94   C C     . TRP A 1 20  ? -6.366  0.720   10.118  1.00 26.78 ? 20  TRP A C     1 
ATOM   95   O O     . TRP A 1 20  ? -6.202  -0.382  9.603   1.00 27.08 ? 20  TRP A O     1 
ATOM   96   C CB    . TRP A 1 20  ? -4.754  1.270   11.933  1.00 28.98 ? 20  TRP A CB    1 
ATOM   97   C CG    . TRP A 1 20  ? -4.345  -0.176  12.138  1.00 27.86 ? 20  TRP A CG    1 
ATOM   98   C CD1   . TRP A 1 20  ? -4.789  -1.022  13.110  1.00 28.95 ? 20  TRP A CD1   1 
ATOM   99   C CD2   . TRP A 1 20  ? -3.427  -0.936  11.336  1.00 28.98 ? 20  TRP A CD2   1 
ATOM   100  N NE1   . TRP A 1 20  ? -4.211  -2.262  12.965  1.00 28.83 ? 20  TRP A NE1   1 
ATOM   101  C CE2   . TRP A 1 20  ? -3.371  -2.237  11.883  1.00 29.07 ? 20  TRP A CE2   1 
ATOM   102  C CE3   . TRP A 1 20  ? -2.648  -0.642  10.208  1.00 29.97 ? 20  TRP A CE3   1 
ATOM   103  C CZ2   . TRP A 1 20  ? -2.569  -3.246  11.339  1.00 29.48 ? 20  TRP A CZ2   1 
ATOM   104  C CZ3   . TRP A 1 20  ? -1.848  -1.649  9.666   1.00 30.94 ? 20  TRP A CZ3   1 
ATOM   105  C CH2   . TRP A 1 20  ? -1.816  -2.934  10.235  1.00 29.46 ? 20  TRP A CH2   1 
ATOM   106  N N     . ALA A 1 21  ? -7.570  1.213   10.388  1.00 25.36 ? 21  ALA A N     1 
ATOM   107  C CA    . ALA A 1 21  ? -8.779  0.460   10.061  1.00 26.21 ? 21  ALA A CA    1 
ATOM   108  C C     . ALA A 1 21  ? -8.808  0.132   8.568   1.00 25.63 ? 21  ALA A C     1 
ATOM   109  O O     . ALA A 1 21  ? -9.442  -0.834  8.145   1.00 25.51 ? 21  ALA A O     1 
ATOM   110  C CB    . ALA A 1 21  ? -10.025 1.261   10.443  1.00 27.48 ? 21  ALA A CB    1 
ATOM   111  N N     . THR A 1 22  ? -8.121  0.950   7.775   1.00 25.45 ? 22  THR A N     1 
ATOM   112  C CA    . THR A 1 22  ? -8.055  0.744   6.333   1.00 24.79 ? 22  THR A CA    1 
ATOM   113  C C     . THR A 1 22  ? -6.784  -0.009  5.965   1.00 24.77 ? 22  THR A C     1 
ATOM   114  O O     . THR A 1 22  ? -6.830  -1.059  5.330   1.00 23.16 ? 22  THR A O     1 
ATOM   115  C CB    . THR A 1 22  ? -8.055  2.087   5.570   1.00 25.68 ? 22  THR A CB    1 
ATOM   116  O OG1   . THR A 1 22  ? -9.243  2.819   5.890   1.00 24.57 ? 22  THR A OG1   1 
ATOM   117  C CG2   . THR A 1 22  ? -8.003  1.849   4.059   1.00 22.41 ? 22  THR A CG2   1 
ATOM   118  N N     . MET A 1 23  ? -5.647  0.528   6.389   1.00 25.74 ? 23  MET A N     1 
ATOM   119  C CA    . MET A 1 23  ? -4.361  -0.072  6.074   1.00 26.07 ? 23  MET A CA    1 
ATOM   120  C C     . MET A 1 23  ? -4.165  -1.493  6.609   1.00 26.06 ? 23  MET A C     1 
ATOM   121  O O     . MET A 1 23  ? -3.309  -2.232  6.114   1.00 23.93 ? 23  MET A O     1 
ATOM   122  C CB    . MET A 1 23  ? -3.233  0.844   6.560   1.00 26.50 ? 23  MET A CB    1 
ATOM   123  C CG    . MET A 1 23  ? -3.294  2.250   5.966   1.00 26.80 ? 23  MET A CG    1 
ATOM   124  S SD    . MET A 1 23  ? -3.462  2.262   4.151   1.00 25.59 ? 23  MET A SD    1 
ATOM   125  C CE    . MET A 1 23  ? -1.749  1.920   3.643   1.00 24.32 ? 23  MET A CE    1 
ATOM   126  N N     . GLN A 1 24  ? -4.958  -1.883  7.603   1.00 25.14 ? 24  GLN A N     1 
ATOM   127  C CA    . GLN A 1 24  ? -4.831  -3.223  8.164   1.00 26.42 ? 24  GLN A CA    1 
ATOM   128  C C     . GLN A 1 24  ? -5.002  -4.276  7.078   1.00 26.09 ? 24  GLN A C     1 
ATOM   129  O O     . GLN A 1 24  ? -4.453  -5.377  7.173   1.00 26.81 ? 24  GLN A O     1 
ATOM   130  C CB    . GLN A 1 24  ? -5.872  -3.464  9.265   1.00 27.32 ? 24  GLN A CB    1 
ATOM   131  C CG    . GLN A 1 24  ? -7.317  -3.430  8.785   1.00 29.36 ? 24  GLN A CG    1 
ATOM   132  C CD    . GLN A 1 24  ? -8.311  -3.772  9.885   1.00 32.36 ? 24  GLN A CD    1 
ATOM   133  O OE1   . GLN A 1 24  ? -9.409  -3.217  9.941   1.00 33.68 ? 24  GLN A OE1   1 
ATOM   134  N NE2   . GLN A 1 24  ? -7.934  -4.700  10.756  1.00 32.83 ? 24  GLN A NE2   1 
ATOM   135  N N     . PHE A 1 25  ? -5.764  -3.943  6.043   1.00 26.13 ? 25  PHE A N     1 
ATOM   136  C CA    . PHE A 1 25  ? -5.994  -4.891  4.966   1.00 25.45 ? 25  PHE A CA    1 
ATOM   137  C C     . PHE A 1 25  ? -4.765  -5.095  4.083   1.00 25.26 ? 25  PHE A C     1 
ATOM   138  O O     . PHE A 1 25  ? -4.653  -6.104  3.384   1.00 25.23 ? 25  PHE A O     1 
ATOM   139  C CB    . PHE A 1 25  ? -7.215  -4.467  4.147   1.00 26.54 ? 25  PHE A CB    1 
ATOM   140  C CG    . PHE A 1 25  ? -8.507  -4.565  4.916   1.00 28.59 ? 25  PHE A CG    1 
ATOM   141  C CD1   . PHE A 1 25  ? -8.982  -3.484  5.653   1.00 27.77 ? 25  PHE A CD1   1 
ATOM   142  C CD2   . PHE A 1 25  ? -9.221  -5.757  4.943   1.00 29.12 ? 25  PHE A CD2   1 
ATOM   143  C CE1   . PHE A 1 25  ? -10.151 -3.590  6.408   1.00 29.69 ? 25  PHE A CE1   1 
ATOM   144  C CE2   . PHE A 1 25  ? -10.393 -5.874  5.696   1.00 30.45 ? 25  PHE A CE2   1 
ATOM   145  C CZ    . PHE A 1 25  ? -10.857 -4.789  6.429   1.00 29.20 ? 25  PHE A CZ    1 
ATOM   146  N N     . ALA A 1 26  ? -3.836  -4.145  4.122   1.00 24.74 ? 26  ALA A N     1 
ATOM   147  C CA    . ALA A 1 26  ? -2.606  -4.286  3.356   1.00 25.00 ? 26  ALA A CA    1 
ATOM   148  C C     . ALA A 1 26  ? -1.776  -5.310  4.122   1.00 26.22 ? 26  ALA A C     1 
ATOM   149  O O     . ALA A 1 26  ? -1.248  -6.266  3.547   1.00 24.69 ? 26  ALA A O     1 
ATOM   150  C CB    . ALA A 1 26  ? -1.865  -2.964  3.289   1.00 24.89 ? 26  ALA A CB    1 
ATOM   151  N N     . ALA A 1 27  ? -1.678  -5.105  5.434   1.00 26.90 ? 27  ALA A N     1 
ATOM   152  C CA    . ALA A 1 27  ? -0.916  -6.005  6.293   1.00 28.01 ? 27  ALA A CA    1 
ATOM   153  C C     . ALA A 1 27  ? -1.474  -7.421  6.209   1.00 28.36 ? 27  ALA A C     1 
ATOM   154  O O     . ALA A 1 27  ? -0.713  -8.389  6.194   1.00 25.88 ? 27  ALA A O     1 
ATOM   155  C CB    . ALA A 1 27  ? -0.942  -5.507  7.744   1.00 29.44 ? 27  ALA A CB    1 
ATOM   156  N N     . GLU A 1 28  ? -2.800  -7.541  6.141   1.00 27.63 ? 28  GLU A N     1 
ATOM   157  C CA    . GLU A 1 28  ? -3.433  -8.856  6.057   1.00 29.53 ? 28  GLU A CA    1 
ATOM   158  C C     . GLU A 1 28  ? -2.910  -9.656  4.863   1.00 29.24 ? 28  GLU A C     1 
ATOM   159  O O     . GLU A 1 28  ? -2.695  -10.865 4.959   1.00 28.84 ? 28  GLU A O     1 
ATOM   160  C CB    . GLU A 1 28  ? -4.959  -8.730  5.952   1.00 31.04 ? 28  GLU A CB    1 
ATOM   161  C CG    . GLU A 1 28  ? -5.644  -10.071 5.720   1.00 34.30 ? 28  GLU A CG    1 
ATOM   162  C CD    . GLU A 1 28  ? -7.157  -9.983  5.654   1.00 36.24 ? 28  GLU A CD    1 
ATOM   163  O OE1   . GLU A 1 28  ? -7.688  -9.162  4.876   1.00 37.08 ? 28  GLU A OE1   1 
ATOM   164  O OE2   . GLU A 1 28  ? -7.822  -10.753 6.378   1.00 39.02 ? 28  GLU A OE2   1 
ATOM   165  N N     . ILE A 1 29  ? -2.722  -8.979  3.735   1.00 27.74 ? 29  ILE A N     1 
ATOM   166  C CA    . ILE A 1 29  ? -2.217  -9.634  2.535   1.00 27.33 ? 29  ILE A CA    1 
ATOM   167  C C     . ILE A 1 29  ? -0.819  -10.200 2.788   1.00 27.13 ? 29  ILE A C     1 
ATOM   168  O O     . ILE A 1 29  ? -0.528  -11.341 2.435   1.00 26.79 ? 29  ILE A O     1 
ATOM   169  C CB    . ILE A 1 29  ? -2.156  -8.645  1.340   1.00 26.77 ? 29  ILE A CB    1 
ATOM   170  C CG1   . ILE A 1 29  ? -3.577  -8.303  0.877   1.00 24.13 ? 29  ILE A CG1   1 
ATOM   171  C CG2   . ILE A 1 29  ? -1.360  -9.255  0.182   1.00 25.96 ? 29  ILE A CG2   1 
ATOM   172  C CD1   . ILE A 1 29  ? -4.364  -9.490  0.355   1.00 22.81 ? 29  ILE A CD1   1 
ATOM   173  N N     . PHE A 1 30  ? 0.038   -9.400  3.410   1.00 27.78 ? 30  PHE A N     1 
ATOM   174  C CA    . PHE A 1 30  ? 1.401   -9.830  3.700   1.00 29.65 ? 30  PHE A CA    1 
ATOM   175  C C     . PHE A 1 30  ? 1.437   -11.019 4.656   1.00 31.03 ? 30  PHE A C     1 
ATOM   176  O O     . PHE A 1 30  ? 2.336   -11.861 4.579   1.00 30.50 ? 30  PHE A O     1 
ATOM   177  C CB    . PHE A 1 30  ? 2.200   -8.645  4.250   1.00 27.44 ? 30  PHE A CB    1 
ATOM   178  C CG    . PHE A 1 30  ? 2.498   -7.596  3.213   1.00 27.59 ? 30  PHE A CG    1 
ATOM   179  C CD1   . PHE A 1 30  ? 2.705   -6.268  3.577   1.00 25.81 ? 30  PHE A CD1   1 
ATOM   180  C CD2   . PHE A 1 30  ? 2.576   -7.941  1.861   1.00 24.95 ? 30  PHE A CD2   1 
ATOM   181  C CE1   . PHE A 1 30  ? 2.983   -5.296  2.610   1.00 24.21 ? 30  PHE A CE1   1 
ATOM   182  C CE2   . PHE A 1 30  ? 2.855   -6.977  0.888   1.00 24.24 ? 30  PHE A CE2   1 
ATOM   183  C CZ    . PHE A 1 30  ? 3.058   -5.652  1.264   1.00 22.50 ? 30  PHE A CZ    1 
ATOM   184  N N     . GLU A 1 31  ? 0.450   -11.096 5.544   1.00 31.29 ? 31  GLU A N     1 
ATOM   185  C CA    . GLU A 1 31  ? 0.375   -12.206 6.483   1.00 32.82 ? 31  GLU A CA    1 
ATOM   186  C C     . GLU A 1 31  ? 0.026   -13.472 5.707   1.00 32.87 ? 31  GLU A C     1 
ATOM   187  O O     . GLU A 1 31  ? 0.645   -14.518 5.892   1.00 32.33 ? 31  GLU A O     1 
ATOM   188  C CB    . GLU A 1 31  ? -0.682  -11.919 7.556   1.00 33.85 ? 31  GLU A CB    1 
ATOM   189  C CG    . GLU A 1 31  ? -0.248  -10.862 8.559   1.00 37.03 ? 31  GLU A CG    1 
ATOM   190  C CD    . GLU A 1 31  ? -1.355  -10.440 9.511   1.00 41.85 ? 31  GLU A CD    1 
ATOM   191  O OE1   . GLU A 1 31  ? -1.065  -9.660  10.448  1.00 44.76 ? 31  GLU A OE1   1 
ATOM   192  O OE2   . GLU A 1 31  ? -2.513  -10.873 9.324   1.00 41.79 ? 31  GLU A OE2   1 
ATOM   193  N N     . ILE A 1 32  ? -0.957  -13.363 4.820   1.00 32.99 ? 32  ILE A N     1 
ATOM   194  C CA    . ILE A 1 32  ? -1.382  -14.494 4.007   1.00 31.73 ? 32  ILE A CA    1 
ATOM   195  C C     . ILE A 1 32  ? -0.254  -15.000 3.111   1.00 32.07 ? 32  ILE A C     1 
ATOM   196  O O     . ILE A 1 32  ? -0.096  -16.209 2.921   1.00 30.78 ? 32  ILE A O     1 
ATOM   197  C CB    . ILE A 1 32  ? -2.582  -14.107 3.119   1.00 31.13 ? 32  ILE A CB    1 
ATOM   198  C CG1   . ILE A 1 32  ? -3.783  -13.765 4.000   1.00 30.04 ? 32  ILE A CG1   1 
ATOM   199  C CG2   . ILE A 1 32  ? -2.917  -15.241 2.161   1.00 32.39 ? 32  ILE A CG2   1 
ATOM   200  C CD1   . ILE A 1 32  ? -4.991  -13.261 3.225   1.00 29.23 ? 32  ILE A CD1   1 
ATOM   201  N N     . LEU A 1 33  ? 0.529   -14.069 2.569   1.00 32.06 ? 33  LEU A N     1 
ATOM   202  C CA    . LEU A 1 33  ? 1.634   -14.400 1.674   1.00 32.97 ? 33  LEU A CA    1 
ATOM   203  C C     . LEU A 1 33  ? 2.964   -14.621 2.383   1.00 34.53 ? 33  LEU A C     1 
ATOM   204  O O     . LEU A 1 33  ? 3.988   -14.853 1.739   1.00 33.73 ? 33  LEU A O     1 
ATOM   205  C CB    . LEU A 1 33  ? 1.810   -13.295 0.634   1.00 32.65 ? 33  LEU A CB    1 
ATOM   206  C CG    . LEU A 1 33  ? 0.657   -13.081 -0.345  1.00 33.19 ? 33  LEU A CG    1 
ATOM   207  C CD1   . LEU A 1 33  ? 0.942   -11.850 -1.196  1.00 32.32 ? 33  LEU A CD1   1 
ATOM   208  C CD2   . LEU A 1 33  ? 0.488   -14.310 -1.216  1.00 32.05 ? 33  LEU A CD2   1 
ATOM   209  N N     . ASN A 1 34  ? 2.949   -14.535 3.707   1.00 36.41 ? 34  ASN A N     1 
ATOM   210  C CA    . ASN A 1 34  ? 4.162   -14.724 4.489   1.00 37.63 ? 34  ASN A CA    1 
ATOM   211  C C     . ASN A 1 34  ? 5.254   -13.783 3.993   1.00 36.74 ? 34  ASN A C     1 
ATOM   212  O O     . ASN A 1 34  ? 6.351   -14.215 3.647   1.00 36.63 ? 34  ASN A O     1 
ATOM   213  C CB    . ASN A 1 34  ? 4.631   -16.176 4.378   1.00 40.71 ? 34  ASN A CB    1 
ATOM   214  C CG    . ASN A 1 34  ? 5.766   -16.494 5.328   1.00 45.22 ? 34  ASN A CG    1 
ATOM   215  O OD1   . ASN A 1 34  ? 5.607   -16.414 6.548   1.00 47.77 ? 34  ASN A OD1   1 
ATOM   216  N ND2   . ASN A 1 34  ? 6.919   -16.855 4.778   1.00 46.93 ? 34  ASN A ND2   1 
ATOM   217  N N     . VAL A 1 35  ? 4.937   -12.493 3.952   1.00 36.05 ? 35  VAL A N     1 
ATOM   218  C CA    . VAL A 1 35  ? 5.879   -11.477 3.503   1.00 34.38 ? 35  VAL A CA    1 
ATOM   219  C C     . VAL A 1 35  ? 6.237   -10.563 4.664   1.00 35.07 ? 35  VAL A C     1 
ATOM   220  O O     . VAL A 1 35  ? 5.385   -9.832  5.172   1.00 36.69 ? 35  VAL A O     1 
ATOM   221  C CB    . VAL A 1 35  ? 5.281   -10.613 2.371   1.00 35.28 ? 35  VAL A CB    1 
ATOM   222  C CG1   . VAL A 1 35  ? 6.212   -9.458  2.049   1.00 32.55 ? 35  VAL A CG1   1 
ATOM   223  C CG2   . VAL A 1 35  ? 5.049   -11.465 1.128   1.00 35.08 ? 35  VAL A CG2   1 
ATOM   224  N N     . PRO A 1 36  ? 7.503   -10.597 5.108   1.00 34.58 ? 36  PRO A N     1 
ATOM   225  C CA    . PRO A 1 36  ? 7.944   -9.754  6.222   1.00 33.36 ? 36  PRO A CA    1 
ATOM   226  C C     . PRO A 1 36  ? 7.675   -8.291  5.900   1.00 32.23 ? 36  PRO A C     1 
ATOM   227  O O     . PRO A 1 36  ? 8.021   -7.820  4.822   1.00 32.82 ? 36  PRO A O     1 
ATOM   228  C CB    . PRO A 1 36  ? 9.439   -10.051 6.311   1.00 34.29 ? 36  PRO A CB    1 
ATOM   229  C CG    . PRO A 1 36  ? 9.534   -11.462 5.818   1.00 34.52 ? 36  PRO A CG    1 
ATOM   230  C CD    . PRO A 1 36  ? 8.607   -11.448 4.627   1.00 34.38 ? 36  PRO A CD    1 
ATOM   231  N N     . HIS A 1 37  ? 7.061   -7.568  6.828   1.00 30.78 ? 37  HIS A N     1 
ATOM   232  C CA    . HIS A 1 37  ? 6.768   -6.164  6.583   1.00 30.63 ? 37  HIS A CA    1 
ATOM   233  C C     . HIS A 1 37  ? 6.848   -5.286  7.824   1.00 30.61 ? 37  HIS A C     1 
ATOM   234  O O     . HIS A 1 37  ? 6.663   -5.745  8.949   1.00 31.05 ? 37  HIS A O     1 
ATOM   235  C CB    . HIS A 1 37  ? 5.380   -6.021  5.953   1.00 28.97 ? 37  HIS A CB    1 
ATOM   236  C CG    . HIS A 1 37  ? 4.281   -6.632  6.765   1.00 31.61 ? 37  HIS A CG    1 
ATOM   237  N ND1   . HIS A 1 37  ? 4.152   -7.993  6.939   1.00 31.73 ? 37  HIS A ND1   1 
ATOM   238  C CD2   . HIS A 1 37  ? 3.252   -6.067  7.440   1.00 32.12 ? 37  HIS A CD2   1 
ATOM   239  C CE1   . HIS A 1 37  ? 3.090   -8.242  7.684   1.00 32.03 ? 37  HIS A CE1   1 
ATOM   240  N NE2   . HIS A 1 37  ? 2.525   -7.090  8.001   1.00 33.82 ? 37  HIS A NE2   1 
ATOM   241  N N     . HIS A 1 38  ? 7.127   -4.010  7.597   1.00 30.66 ? 38  HIS A N     1 
ATOM   242  C CA    . HIS A 1 38  ? 7.217   -3.029  8.666   1.00 32.11 ? 38  HIS A CA    1 
ATOM   243  C C     . HIS A 1 38  ? 5.954   -2.165  8.605   1.00 31.97 ? 38  HIS A C     1 
ATOM   244  O O     . HIS A 1 38  ? 5.464   -1.849  7.521   1.00 30.87 ? 38  HIS A O     1 
ATOM   245  C CB    . HIS A 1 38  ? 8.461   -2.166  8.462   1.00 33.86 ? 38  HIS A CB    1 
ATOM   246  C CG    . HIS A 1 38  ? 8.608   -1.062  9.461   1.00 35.43 ? 38  HIS A CG    1 
ATOM   247  N ND1   . HIS A 1 38  ? 8.744   -1.292  10.814  1.00 38.65 ? 38  HIS A ND1   1 
ATOM   248  C CD2   . HIS A 1 38  ? 8.660   0.282   9.300   1.00 35.04 ? 38  HIS A CD2   1 
ATOM   249  C CE1   . HIS A 1 38  ? 8.875   -0.137  11.442  1.00 36.92 ? 38  HIS A CE1   1 
ATOM   250  N NE2   . HIS A 1 38  ? 8.827   0.833   10.546  1.00 35.34 ? 38  HIS A NE2   1 
ATOM   251  N N     . VAL A 1 39  ? 5.425   -1.796  9.766   1.00 30.98 ? 39  VAL A N     1 
ATOM   252  C CA    . VAL A 1 39  ? 4.222   -0.976  9.837   1.00 30.16 ? 39  VAL A CA    1 
ATOM   253  C C     . VAL A 1 39  ? 4.505   0.197   10.763  1.00 31.29 ? 39  VAL A C     1 
ATOM   254  O O     . VAL A 1 39  ? 5.023   0.008   11.864  1.00 33.30 ? 39  VAL A O     1 
ATOM   255  C CB    . VAL A 1 39  ? 3.030   -1.793  10.389  1.00 29.81 ? 39  VAL A CB    1 
ATOM   256  C CG1   . VAL A 1 39  ? 1.792   -0.918  10.486  1.00 28.62 ? 39  VAL A CG1   1 
ATOM   257  C CG2   . VAL A 1 39  ? 2.764   -2.998  9.485   1.00 27.61 ? 39  VAL A CG2   1 
ATOM   258  N N     . GLU A 1 40  ? 4.170   1.408   10.331  1.00 29.62 ? 40  GLU A N     1 
ATOM   259  C CA    . GLU A 1 40  ? 4.436   2.575   11.159  1.00 30.40 ? 40  GLU A CA    1 
ATOM   260  C C     . GLU A 1 40  ? 3.601   3.800   10.796  1.00 30.18 ? 40  GLU A C     1 
ATOM   261  O O     . GLU A 1 40  ? 3.238   4.009   9.633   1.00 27.09 ? 40  GLU A O     1 
ATOM   262  C CB    . GLU A 1 40  ? 5.926   2.922   11.064  1.00 30.86 ? 40  GLU A CB    1 
ATOM   263  C CG    . GLU A 1 40  ? 6.400   3.985   12.038  1.00 34.36 ? 40  GLU A CG    1 
ATOM   264  C CD    . GLU A 1 40  ? 7.907   4.163   11.998  1.00 37.66 ? 40  GLU A CD    1 
ATOM   265  O OE1   . GLU A 1 40  ? 8.445   4.933   12.822  1.00 37.60 ? 40  GLU A OE1   1 
ATOM   266  O OE2   . GLU A 1 40  ? 8.558   3.531   11.141  1.00 36.86 ? 40  GLU A OE2   1 
ATOM   267  N N     . VAL A 1 41  ? 3.291   4.608   11.804  1.00 30.07 ? 41  VAL A N     1 
ATOM   268  C CA    . VAL A 1 41  ? 2.531   5.824   11.570  1.00 28.90 ? 41  VAL A CA    1 
ATOM   269  C C     . VAL A 1 41  ? 3.535   6.933   11.292  1.00 29.05 ? 41  VAL A C     1 
ATOM   270  O O     . VAL A 1 41  ? 4.365   7.261   12.140  1.00 28.03 ? 41  VAL A O     1 
ATOM   271  C CB    . VAL A 1 41  ? 1.665   6.207   12.785  1.00 28.83 ? 41  VAL A CB    1 
ATOM   272  C CG1   . VAL A 1 41  ? 0.942   7.520   12.507  1.00 27.59 ? 41  VAL A CG1   1 
ATOM   273  C CG2   . VAL A 1 41  ? 0.653   5.102   13.074  1.00 26.96 ? 41  VAL A CG2   1 
ATOM   274  N N     . VAL A 1 42  ? 3.473   7.485   10.088  1.00 28.88 ? 42  VAL A N     1 
ATOM   275  C CA    . VAL A 1 42  ? 4.368   8.561   9.688   1.00 29.95 ? 42  VAL A CA    1 
ATOM   276  C C     . VAL A 1 42  ? 3.505   9.637   9.061   1.00 29.95 ? 42  VAL A C     1 
ATOM   277  O O     . VAL A 1 42  ? 2.796   9.377   8.090   1.00 30.16 ? 42  VAL A O     1 
ATOM   278  C CB    . VAL A 1 42  ? 5.409   8.076   8.654   1.00 30.56 ? 42  VAL A CB    1 
ATOM   279  C CG1   . VAL A 1 42  ? 6.307   9.233   8.231   1.00 28.19 ? 42  VAL A CG1   1 
ATOM   280  C CG2   . VAL A 1 42  ? 6.242   6.955   9.251   1.00 30.67 ? 42  VAL A CG2   1 
ATOM   281  N N     . SER A 1 43  ? 3.552   10.838  9.623   1.00 30.70 ? 43  SER A N     1 
ATOM   282  C CA    . SER A 1 43  ? 2.743   11.935  9.104   1.00 30.83 ? 43  SER A CA    1 
ATOM   283  C C     . SER A 1 43  ? 3.584   13.059  8.544   1.00 29.98 ? 43  SER A C     1 
ATOM   284  O O     . SER A 1 43  ? 4.498   13.550  9.200   1.00 28.75 ? 43  SER A O     1 
ATOM   285  C CB    . SER A 1 43  ? 1.835   12.498  10.195  1.00 30.60 ? 43  SER A CB    1 
ATOM   286  O OG    . SER A 1 43  ? 1.139   13.635  9.715   1.00 31.91 ? 43  SER A OG    1 
ATOM   287  N N     . ALA A 1 44  ? 3.259   13.467  7.324   1.00 29.83 ? 44  ALA A N     1 
ATOM   288  C CA    . ALA A 1 44  ? 3.978   14.543  6.669   1.00 31.14 ? 44  ALA A CA    1 
ATOM   289  C C     . ALA A 1 44  ? 3.601   15.846  7.349   1.00 30.89 ? 44  ALA A C     1 
ATOM   290  O O     . ALA A 1 44  ? 4.396   16.778  7.404   1.00 30.86 ? 44  ALA A O     1 
ATOM   291  C CB    . ALA A 1 44  ? 3.604   14.597  5.192   1.00 31.59 ? 44  ALA A CB    1 
ATOM   292  N N     . ASN A 1 45  ? 2.387   15.895  7.885   1.00 30.36 ? 45  ASN A N     1 
ATOM   293  C CA    . ASN A 1 45  ? 1.903   17.100  8.540   1.00 31.26 ? 45  ASN A CA    1 
ATOM   294  C C     . ASN A 1 45  ? 2.242   17.208  10.022  1.00 30.27 ? 45  ASN A C     1 
ATOM   295  O O     . ASN A 1 45  ? 2.500   18.302  10.517  1.00 31.06 ? 45  ASN A O     1 
ATOM   296  C CB    . ASN A 1 45  ? 0.388   17.225  8.355   1.00 33.69 ? 45  ASN A CB    1 
ATOM   297  C CG    . ASN A 1 45  ? -0.013  17.351  6.895   1.00 35.92 ? 45  ASN A CG    1 
ATOM   298  O OD1   . ASN A 1 45  ? 0.533   18.171  6.155   1.00 39.23 ? 45  ASN A OD1   1 
ATOM   299  N ND2   . ASN A 1 45  ? -0.974  16.540  6.474   1.00 36.32 ? 45  ASN A ND2   1 
ATOM   300  N N     . ARG A 1 46  ? 2.256   16.081  10.726  1.00 29.54 ? 46  ARG A N     1 
ATOM   301  C CA    . ARG A 1 46  ? 2.538   16.088  12.160  1.00 30.11 ? 46  ARG A CA    1 
ATOM   302  C C     . ARG A 1 46  ? 3.950   15.655  12.555  1.00 29.42 ? 46  ARG A C     1 
ATOM   303  O O     . ARG A 1 46  ? 4.438   16.016  13.630  1.00 27.86 ? 46  ARG A O     1 
ATOM   304  C CB    . ARG A 1 46  ? 1.506   15.215  12.878  1.00 30.81 ? 46  ARG A CB    1 
ATOM   305  C CG    . ARG A 1 46  ? 0.100   15.769  12.763  1.00 30.08 ? 46  ARG A CG    1 
ATOM   306  C CD    . ARG A 1 46  ? -0.955  14.726  13.078  1.00 29.61 ? 46  ARG A CD    1 
ATOM   307  N NE    . ARG A 1 46  ? -2.295  15.310  13.023  1.00 28.67 ? 46  ARG A NE    1 
ATOM   308  C CZ    . ARG A 1 46  ? -3.410  14.607  12.855  1.00 26.47 ? 46  ARG A CZ    1 
ATOM   309  N NH1   . ARG A 1 46  ? -3.352  13.282  12.718  1.00 24.45 ? 46  ARG A NH1   1 
ATOM   310  N NH2   . ARG A 1 46  ? -4.583  15.228  12.841  1.00 21.13 ? 46  ARG A NH2   1 
ATOM   311  N N     . THR A 1 47  ? 4.597   14.869  11.699  1.00 27.87 ? 47  THR A N     1 
ATOM   312  C CA    . THR A 1 47  ? 5.954   14.412  11.970  1.00 27.53 ? 47  THR A CA    1 
ATOM   313  C C     . THR A 1 47  ? 6.783   14.570  10.700  1.00 26.49 ? 47  THR A C     1 
ATOM   314  O O     . THR A 1 47  ? 7.406   13.616  10.227  1.00 26.75 ? 47  THR A O     1 
ATOM   315  C CB    . THR A 1 47  ? 5.967   12.936  12.401  1.00 26.82 ? 47  THR A CB    1 
ATOM   316  O OG1   . THR A 1 47  ? 5.538   12.111  11.313  1.00 27.56 ? 47  THR A OG1   1 
ATOM   317  C CG2   . THR A 1 47  ? 5.036   12.722  13.581  1.00 29.59 ? 47  THR A CG2   1 
ATOM   318  N N     . PRO A 1 48  ? 6.808   15.788  10.141  1.00 26.55 ? 48  PRO A N     1 
ATOM   319  C CA    . PRO A 1 48  ? 7.557   16.076  8.914   1.00 26.32 ? 48  PRO A CA    1 
ATOM   320  C C     . PRO A 1 48  ? 9.032   15.685  8.955   1.00 27.04 ? 48  PRO A C     1 
ATOM   321  O O     . PRO A 1 48  ? 9.559   15.133  7.987   1.00 24.66 ? 48  PRO A O     1 
ATOM   322  C CB    . PRO A 1 48  ? 7.344   17.577  8.724   1.00 24.30 ? 48  PRO A CB    1 
ATOM   323  C CG    . PRO A 1 48  ? 7.197   18.075  10.124  1.00 27.27 ? 48  PRO A CG    1 
ATOM   324  C CD    . PRO A 1 48  ? 6.293   17.035  10.737  1.00 25.30 ? 48  PRO A CD    1 
ATOM   325  N N     . ASP A 1 49  ? 9.693   15.959  10.071  1.00 27.62 ? 49  ASP A N     1 
ATOM   326  C CA    . ASP A 1 49  ? 11.103  15.614  10.182  1.00 28.46 ? 49  ASP A CA    1 
ATOM   327  C C     . ASP A 1 49  ? 11.278  14.104  10.129  1.00 28.98 ? 49  ASP A C     1 
ATOM   328  O O     . ASP A 1 49  ? 12.143  13.598  9.414   1.00 28.52 ? 49  ASP A O     1 
ATOM   329  C CB    . ASP A 1 49  ? 11.695  16.186  11.471  1.00 29.77 ? 49  ASP A CB    1 
ATOM   330  C CG    . ASP A 1 49  ? 11.688  17.705  11.484  1.00 32.36 ? 49  ASP A CG    1 
ATOM   331  O OD1   . ASP A 1 49  ? 11.964  18.305  10.427  1.00 33.38 ? 49  ASP A OD1   1 
ATOM   332  O OD2   . ASP A 1 49  ? 11.416  18.300  12.548  1.00 35.93 ? 49  ASP A OD2   1 
ATOM   333  N N     . LYS A 1 50  ? 10.444  13.381  10.869  1.00 28.78 ? 50  LYS A N     1 
ATOM   334  C CA    . LYS A 1 50  ? 10.525  11.926  10.876  1.00 29.06 ? 50  LYS A CA    1 
ATOM   335  C C     . LYS A 1 50  ? 10.284  11.364  9.482   1.00 29.03 ? 50  LYS A C     1 
ATOM   336  O O     . LYS A 1 50  ? 10.901  10.374  9.093   1.00 30.51 ? 50  LYS A O     1 
ATOM   337  C CB    . LYS A 1 50  ? 9.499   11.324  11.832  1.00 30.39 ? 50  LYS A CB    1 
ATOM   338  C CG    . LYS A 1 50  ? 9.553   9.806   11.883  1.00 33.08 ? 50  LYS A CG    1 
ATOM   339  C CD    . LYS A 1 50  ? 8.489   9.230   12.800  1.00 33.58 ? 50  LYS A CD    1 
ATOM   340  C CE    . LYS A 1 50  ? 8.656   7.729   12.933  1.00 38.41 ? 50  LYS A CE    1 
ATOM   341  N NZ    . LYS A 1 50  ? 7.668   7.114   13.864  1.00 37.72 ? 50  LYS A NZ    1 
ATOM   342  N N     . LEU A 1 51  ? 9.380   11.986  8.734   1.00 28.78 ? 51  LEU A N     1 
ATOM   343  C CA    . LEU A 1 51  ? 9.090   11.524  7.385   1.00 29.22 ? 51  LEU A CA    1 
ATOM   344  C C     . LEU A 1 51  ? 10.376  11.593  6.574   1.00 29.05 ? 51  LEU A C     1 
ATOM   345  O O     . LEU A 1 51  ? 10.742  10.645  5.883   1.00 29.27 ? 51  LEU A O     1 
ATOM   346  C CB    . LEU A 1 51  ? 8.009   12.398  6.730   1.00 29.23 ? 51  LEU A CB    1 
ATOM   347  C CG    . LEU A 1 51  ? 7.509   11.948  5.347   1.00 29.62 ? 51  LEU A CG    1 
ATOM   348  C CD1   . LEU A 1 51  ? 6.215   12.668  5.024   1.00 30.08 ? 51  LEU A CD1   1 
ATOM   349  C CD2   . LEU A 1 51  ? 8.550   12.234  4.272   1.00 29.53 ? 51  LEU A CD2   1 
ATOM   350  N N     . PHE A 1 52  ? 11.061  12.724  6.659   1.00 29.71 ? 52  PHE A N     1 
ATOM   351  C CA    . PHE A 1 52  ? 12.303  12.889  5.926   1.00 31.86 ? 52  PHE A CA    1 
ATOM   352  C C     . PHE A 1 52  ? 13.334  11.837  6.311   1.00 32.65 ? 52  PHE A C     1 
ATOM   353  O O     . PHE A 1 52  ? 13.930  11.206  5.440   1.00 32.61 ? 52  PHE A O     1 
ATOM   354  C CB    . PHE A 1 52  ? 12.865  14.294  6.147   1.00 35.49 ? 52  PHE A CB    1 
ATOM   355  C CG    . PHE A 1 52  ? 12.464  15.277  5.082   1.00 35.87 ? 52  PHE A CG    1 
ATOM   356  C CD1   . PHE A 1 52  ? 11.167  15.281  4.572   1.00 38.29 ? 52  PHE A CD1   1 
ATOM   357  C CD2   . PHE A 1 52  ? 13.379  16.202  4.594   1.00 36.32 ? 52  PHE A CD2   1 
ATOM   358  C CE1   . PHE A 1 52  ? 10.786  16.198  3.586   1.00 38.84 ? 52  PHE A CE1   1 
ATOM   359  C CE2   . PHE A 1 52  ? 13.014  17.122  3.613   1.00 37.22 ? 52  PHE A CE2   1 
ATOM   360  C CZ    . PHE A 1 52  ? 11.715  17.121  3.107   1.00 37.12 ? 52  PHE A CZ    1 
ATOM   361  N N     . SER A 1 53  ? 13.537  11.630  7.609   1.00 32.24 ? 53  SER A N     1 
ATOM   362  C CA    . SER A 1 53  ? 14.516  10.640  8.039   1.00 32.63 ? 53  SER A CA    1 
ATOM   363  C C     . SER A 1 53  ? 14.094  9.260   7.552   1.00 31.07 ? 53  SER A C     1 
ATOM   364  O O     . SER A 1 53  ? 14.921  8.474   7.094   1.00 30.39 ? 53  SER A O     1 
ATOM   365  C CB    . SER A 1 53  ? 14.662  10.638  9.567   1.00 33.68 ? 53  SER A CB    1 
ATOM   366  O OG    . SER A 1 53  ? 13.490  10.148  10.195  1.00 41.04 ? 53  SER A OG    1 
ATOM   367  N N     . PHE A 1 54  ? 12.801  8.970   7.639   1.00 30.64 ? 54  PHE A N     1 
ATOM   368  C CA    . PHE A 1 54  ? 12.295  7.681   7.196   1.00 31.41 ? 54  PHE A CA    1 
ATOM   369  C C     . PHE A 1 54  ? 12.533  7.454   5.705   1.00 30.25 ? 54  PHE A C     1 
ATOM   370  O O     . PHE A 1 54  ? 12.954  6.373   5.290   1.00 31.21 ? 54  PHE A O     1 
ATOM   371  C CB    . PHE A 1 54  ? 10.796  7.561   7.458   1.00 32.04 ? 54  PHE A CB    1 
ATOM   372  C CG    . PHE A 1 54  ? 10.184  6.340   6.838   1.00 33.00 ? 54  PHE A CG    1 
ATOM   373  C CD1   . PHE A 1 54  ? 10.326  5.092   7.438   1.00 33.26 ? 54  PHE A CD1   1 
ATOM   374  C CD2   . PHE A 1 54  ? 9.513   6.426   5.626   1.00 32.35 ? 54  PHE A CD2   1 
ATOM   375  C CE1   . PHE A 1 54  ? 9.807   3.946   6.838   1.00 34.68 ? 54  PHE A CE1   1 
ATOM   376  C CE2   . PHE A 1 54  ? 8.991   5.289   5.015   1.00 34.91 ? 54  PHE A CE2   1 
ATOM   377  C CZ    . PHE A 1 54  ? 9.138   4.045   5.624   1.00 34.37 ? 54  PHE A CZ    1 
ATOM   378  N N     . ALA A 1 55  ? 12.235  8.470   4.903   1.00 29.84 ? 55  ALA A N     1 
ATOM   379  C CA    . ALA A 1 55  ? 12.407  8.367   3.459   1.00 30.20 ? 55  ALA A CA    1 
ATOM   380  C C     . ALA A 1 55  ? 13.882  8.238   3.091   1.00 29.85 ? 55  ALA A C     1 
ATOM   381  O O     . ALA A 1 55  ? 14.258  7.377   2.304   1.00 29.85 ? 55  ALA A O     1 
ATOM   382  C CB    . ALA A 1 55  ? 11.803  9.586   2.777   1.00 29.45 ? 55  ALA A CB    1 
ATOM   383  N N     . GLU A 1 56  ? 14.713  9.096   3.675   1.00 31.83 ? 56  GLU A N     1 
ATOM   384  C CA    . GLU A 1 56  ? 16.145  9.088   3.398   1.00 34.46 ? 56  GLU A CA    1 
ATOM   385  C C     . GLU A 1 56  ? 16.826  7.763   3.723   1.00 35.24 ? 56  GLU A C     1 
ATOM   386  O O     . GLU A 1 56  ? 17.754  7.352   3.026   1.00 37.16 ? 56  GLU A O     1 
ATOM   387  C CB    . GLU A 1 56  ? 16.837  10.209  4.178   1.00 36.03 ? 56  GLU A CB    1 
ATOM   388  C CG    . GLU A 1 56  ? 16.291  11.595  3.885   1.00 40.81 ? 56  GLU A CG    1 
ATOM   389  C CD    . GLU A 1 56  ? 17.004  12.680  4.669   1.00 44.67 ? 56  GLU A CD    1 
ATOM   390  O OE1   . GLU A 1 56  ? 17.334  12.446  5.851   1.00 45.18 ? 56  GLU A OE1   1 
ATOM   391  O OE2   . GLU A 1 56  ? 17.222  13.773  4.107   1.00 46.47 ? 56  GLU A OE2   1 
ATOM   392  N N     . SER A 1 57  ? 16.369  7.091   4.773   1.00 34.65 ? 57  SER A N     1 
ATOM   393  C CA    . SER A 1 57  ? 16.975  5.827   5.173   1.00 35.47 ? 57  SER A CA    1 
ATOM   394  C C     . SER A 1 57  ? 16.274  4.589   4.627   1.00 34.80 ? 57  SER A C     1 
ATOM   395  O O     . SER A 1 57  ? 16.691  3.461   4.907   1.00 33.81 ? 57  SER A O     1 
ATOM   396  C CB    . SER A 1 57  ? 17.046  5.745   6.701   1.00 36.60 ? 57  SER A CB    1 
ATOM   397  O OG    . SER A 1 57  ? 15.767  5.928   7.281   1.00 40.83 ? 57  SER A OG    1 
ATOM   398  N N     . ALA A 1 58  ? 15.224  4.799   3.838   1.00 33.76 ? 58  ALA A N     1 
ATOM   399  C CA    . ALA A 1 58  ? 14.456  3.696   3.268   1.00 33.79 ? 58  ALA A CA    1 
ATOM   400  C C     . ALA A 1 58  ? 15.313  2.652   2.549   1.00 34.43 ? 58  ALA A C     1 
ATOM   401  O O     . ALA A 1 58  ? 15.217  1.459   2.837   1.00 33.21 ? 58  ALA A O     1 
ATOM   402  C CB    . ALA A 1 58  ? 13.393  4.242   2.319   1.00 31.91 ? 58  ALA A CB    1 
ATOM   403  N N     . GLU A 1 59  ? 16.141  3.103   1.612   1.00 36.09 ? 59  GLU A N     1 
ATOM   404  C CA    . GLU A 1 59  ? 17.000  2.201   0.851   1.00 39.72 ? 59  GLU A CA    1 
ATOM   405  C C     . GLU A 1 59  ? 17.980  1.427   1.721   1.00 40.06 ? 59  GLU A C     1 
ATOM   406  O O     . GLU A 1 59  ? 18.084  0.208   1.614   1.00 40.89 ? 59  GLU A O     1 
ATOM   407  C CB    . GLU A 1 59  ? 17.788  2.974   -0.209  1.00 42.07 ? 59  GLU A CB    1 
ATOM   408  C CG    . GLU A 1 59  ? 16.944  3.491   -1.356  1.00 45.78 ? 59  GLU A CG    1 
ATOM   409  C CD    . GLU A 1 59  ? 17.779  3.933   -2.542  1.00 47.48 ? 59  GLU A CD    1 
ATOM   410  O OE1   . GLU A 1 59  ? 17.187  4.229   -3.598  1.00 47.78 ? 59  GLU A OE1   1 
ATOM   411  O OE2   . GLU A 1 59  ? 19.025  3.984   -2.418  1.00 48.67 ? 59  GLU A OE2   1 
ATOM   412  N N     . GLU A 1 60  ? 18.697  2.141   2.580   1.00 41.12 ? 60  GLU A N     1 
ATOM   413  C CA    . GLU A 1 60  ? 19.683  1.513   3.451   1.00 42.73 ? 60  GLU A CA    1 
ATOM   414  C C     . GLU A 1 60  ? 19.035  0.528   4.416   1.00 42.35 ? 60  GLU A C     1 
ATOM   415  O O     . GLU A 1 60  ? 19.673  -0.419  4.874   1.00 42.50 ? 60  GLU A O     1 
ATOM   416  C CB    . GLU A 1 60  ? 20.451  2.585   4.224   1.00 44.02 ? 60  GLU A CB    1 
ATOM   417  C CG    . GLU A 1 60  ? 20.828  3.786   3.366   1.00 47.18 ? 60  GLU A CG    1 
ATOM   418  C CD    . GLU A 1 60  ? 19.723  4.831   3.311   1.00 47.86 ? 60  GLU A CD    1 
ATOM   419  O OE1   . GLU A 1 60  ? 19.570  5.573   4.307   1.00 50.99 ? 60  GLU A OE1   1 
ATOM   420  O OE2   . GLU A 1 60  ? 19.008  4.911   2.287   1.00 43.35 ? 60  GLU A OE2   1 
ATOM   421  N N     . ASN A 1 61  ? 17.763  0.749   4.721   1.00 41.67 ? 61  ASN A N     1 
ATOM   422  C CA    . ASN A 1 61  ? 17.048  -0.138  5.626   1.00 41.01 ? 61  ASN A CA    1 
ATOM   423  C C     . ASN A 1 61  ? 16.534  -1.384  4.902   1.00 39.91 ? 61  ASN A C     1 
ATOM   424  O O     . ASN A 1 61  ? 15.945  -2.269  5.519   1.00 40.54 ? 61  ASN A O     1 
ATOM   425  C CB    . ASN A 1 61  ? 15.900  0.617   6.303   1.00 42.83 ? 61  ASN A CB    1 
ATOM   426  C CG    . ASN A 1 61  ? 16.389  1.572   7.388   1.00 45.03 ? 61  ASN A CG    1 
ATOM   427  O OD1   . ASN A 1 61  ? 15.613  2.344   7.950   1.00 44.90 ? 61  ASN A OD1   1 
ATOM   428  N ND2   . ASN A 1 61  ? 17.682  1.511   7.690   1.00 45.41 ? 61  ASN A ND2   1 
ATOM   429  N N     . GLY A 1 62  ? 16.759  -1.447  3.593   1.00 39.07 ? 62  GLY A N     1 
ATOM   430  C CA    . GLY A 1 62  ? 16.340  -2.609  2.826   1.00 37.18 ? 62  GLY A CA    1 
ATOM   431  C C     . GLY A 1 62  ? 14.945  -2.637  2.219   1.00 34.84 ? 62  GLY A C     1 
ATOM   432  O O     . GLY A 1 62  ? 14.507  -3.682  1.742   1.00 35.41 ? 62  GLY A O     1 
ATOM   433  N N     . TYR A 1 63  ? 14.240  -1.511  2.220   1.00 32.46 ? 63  TYR A N     1 
ATOM   434  C CA    . TYR A 1 63  ? 12.898  -1.476  1.643   1.00 31.41 ? 63  TYR A CA    1 
ATOM   435  C C     . TYR A 1 63  ? 12.980  -1.360  0.121   1.00 30.49 ? 63  TYR A C     1 
ATOM   436  O O     . TYR A 1 63  ? 13.745  -0.553  -0.405  1.00 30.47 ? 63  TYR A O     1 
ATOM   437  C CB    . TYR A 1 63  ? 12.110  -0.296  2.218   1.00 31.70 ? 63  TYR A CB    1 
ATOM   438  C CG    . TYR A 1 63  ? 11.885  -0.390  3.715   1.00 30.89 ? 63  TYR A CG    1 
ATOM   439  C CD1   . TYR A 1 63  ? 12.052  0.726   4.533   1.00 30.50 ? 63  TYR A CD1   1 
ATOM   440  C CD2   . TYR A 1 63  ? 11.508  -1.593  4.310   1.00 31.43 ? 63  TYR A CD2   1 
ATOM   441  C CE1   . TYR A 1 63  ? 11.856  0.648   5.910   1.00 32.76 ? 63  TYR A CE1   1 
ATOM   442  C CE2   . TYR A 1 63  ? 11.307  -1.684  5.691   1.00 32.77 ? 63  TYR A CE2   1 
ATOM   443  C CZ    . TYR A 1 63  ? 11.486  -0.558  6.482   1.00 33.26 ? 63  TYR A CZ    1 
ATOM   444  O OH    . TYR A 1 63  ? 11.313  -0.638  7.845   1.00 36.14 ? 63  TYR A OH    1 
ATOM   445  N N     . GLN A 1 64  ? 12.202  -2.184  -0.576  1.00 29.60 ? 64  GLN A N     1 
ATOM   446  C CA    . GLN A 1 64  ? 12.174  -2.180  -2.037  1.00 30.16 ? 64  GLN A CA    1 
ATOM   447  C C     . GLN A 1 64  ? 10.860  -1.582  -2.521  1.00 29.70 ? 64  GLN A C     1 
ATOM   448  O O     . GLN A 1 64  ? 10.723  -1.220  -3.690  1.00 29.21 ? 64  GLN A O     1 
ATOM   449  C CB    . GLN A 1 64  ? 12.319  -3.601  -2.581  1.00 32.80 ? 64  GLN A CB    1 
ATOM   450  C CG    . GLN A 1 64  ? 13.448  -4.386  -1.938  1.00 37.12 ? 64  GLN A CG    1 
ATOM   451  C CD    . GLN A 1 64  ? 13.895  -5.561  -2.779  1.00 38.57 ? 64  GLN A CD    1 
ATOM   452  O OE1   . GLN A 1 64  ? 13.079  -6.270  -3.367  1.00 39.78 ? 64  GLN A OE1   1 
ATOM   453  N NE2   . GLN A 1 64  ? 15.205  -5.779  -2.833  1.00 42.42 ? 64  GLN A NE2   1 
ATOM   454  N N     . VAL A 1 65  ? 9.892   -1.499  -1.613  1.00 28.68 ? 65  VAL A N     1 
ATOM   455  C CA    . VAL A 1 65  ? 8.592   -0.910  -1.914  1.00 27.31 ? 65  VAL A CA    1 
ATOM   456  C C     . VAL A 1 65  ? 8.032   -0.282  -0.644  1.00 27.08 ? 65  VAL A C     1 
ATOM   457  O O     . VAL A 1 65  ? 8.196   -0.823  0.451   1.00 28.70 ? 65  VAL A O     1 
ATOM   458  C CB    . VAL A 1 65  ? 7.569   -1.959  -2.413  1.00 28.05 ? 65  VAL A CB    1 
ATOM   459  C CG1   . VAL A 1 65  ? 6.253   -1.264  -2.764  1.00 25.97 ? 65  VAL A CG1   1 
ATOM   460  C CG2   . VAL A 1 65  ? 8.115   -2.692  -3.630  1.00 26.34 ? 65  VAL A CG2   1 
ATOM   461  N N     . ILE A 1 66  ? 7.378   0.862   -0.798  1.00 25.26 ? 66  ILE A N     1 
ATOM   462  C CA    . ILE A 1 66  ? 6.770   1.559   0.324   1.00 24.49 ? 66  ILE A CA    1 
ATOM   463  C C     . ILE A 1 66  ? 5.303   1.844   0.029   1.00 25.60 ? 66  ILE A C     1 
ATOM   464  O O     . ILE A 1 66  ? 4.979   2.494   -0.966  1.00 25.71 ? 66  ILE A O     1 
ATOM   465  C CB    . ILE A 1 66  ? 7.452   2.916   0.600   1.00 23.11 ? 66  ILE A CB    1 
ATOM   466  C CG1   . ILE A 1 66  ? 8.917   2.704   0.991   1.00 24.49 ? 66  ILE A CG1   1 
ATOM   467  C CG2   . ILE A 1 66  ? 6.701   3.652   1.714   1.00 22.93 ? 66  ILE A CG2   1 
ATOM   468  C CD1   . ILE A 1 66  ? 9.697   3.992   1.136   1.00 22.76 ? 66  ILE A CD1   1 
ATOM   469  N N     . ILE A 1 67  ? 4.427   1.349   0.896   1.00 24.41 ? 67  ILE A N     1 
ATOM   470  C CA    . ILE A 1 67  ? 2.992   1.569   0.766   1.00 25.62 ? 67  ILE A CA    1 
ATOM   471  C C     . ILE A 1 67  ? 2.622   2.641   1.782   1.00 26.20 ? 67  ILE A C     1 
ATOM   472  O O     . ILE A 1 67  ? 2.830   2.462   2.985   1.00 27.90 ? 67  ILE A O     1 
ATOM   473  C CB    . ILE A 1 67  ? 2.199   0.291   1.080   1.00 24.76 ? 67  ILE A CB    1 
ATOM   474  C CG1   . ILE A 1 67  ? 2.621   -0.824  0.117   1.00 24.75 ? 67  ILE A CG1   1 
ATOM   475  C CG2   . ILE A 1 67  ? 0.698   0.573   0.986   1.00 24.55 ? 67  ILE A CG2   1 
ATOM   476  C CD1   . ILE A 1 67  ? 1.976   -2.161  0.398   1.00 23.45 ? 67  ILE A CD1   1 
ATOM   477  N N     . ALA A 1 68  ? 2.091   3.757   1.299   1.00 23.08 ? 68  ALA A N     1 
ATOM   478  C CA    . ALA A 1 68  ? 1.714   4.858   2.177   1.00 23.56 ? 68  ALA A CA    1 
ATOM   479  C C     . ALA A 1 68  ? 0.242   5.217   2.023   1.00 23.68 ? 68  ALA A C     1 
ATOM   480  O O     . ALA A 1 68  ? -0.232  5.444   0.909   1.00 22.29 ? 68  ALA A O     1 
ATOM   481  C CB    . ALA A 1 68  ? 2.575   6.079   1.876   1.00 20.92 ? 68  ALA A CB    1 
ATOM   482  N N     . GLY A 1 69  ? -0.474  5.270   3.144   1.00 23.82 ? 69  GLY A N     1 
ATOM   483  C CA    . GLY A 1 69  ? -1.888  5.608   3.098   1.00 25.37 ? 69  GLY A CA    1 
ATOM   484  C C     . GLY A 1 69  ? -2.223  6.876   3.866   1.00 25.72 ? 69  GLY A C     1 
ATOM   485  O O     . GLY A 1 69  ? -1.637  7.146   4.916   1.00 26.22 ? 69  GLY A O     1 
ATOM   486  N N     . ALA A 1 70  ? -3.167  7.658   3.348   1.00 24.99 ? 70  ALA A N     1 
ATOM   487  C CA    . ALA A 1 70  ? -3.580  8.897   4.008   1.00 25.81 ? 70  ALA A CA    1 
ATOM   488  C C     . ALA A 1 70  ? -4.923  9.379   3.470   1.00 25.81 ? 70  ALA A C     1 
ATOM   489  O O     . ALA A 1 70  ? -5.299  9.051   2.346   1.00 24.98 ? 70  ALA A O     1 
ATOM   490  C CB    . ALA A 1 70  ? -2.523  9.976   3.804   1.00 26.10 ? 70  ALA A CB    1 
ATOM   491  N N     . GLY A 1 71  ? -5.640  10.153  4.279   1.00 25.05 ? 71  GLY A N     1 
ATOM   492  C CA    . GLY A 1 71  ? -6.934  10.665  3.865   1.00 24.75 ? 71  GLY A CA    1 
ATOM   493  C C     . GLY A 1 71  ? -6.932  12.176  3.789   1.00 26.24 ? 71  GLY A C     1 
ATOM   494  O O     . GLY A 1 71  ? -6.074  12.829  4.397   1.00 26.43 ? 71  GLY A O     1 
ATOM   495  N N     . GLY A 1 72  ? -7.892  12.733  3.051   1.00 25.94 ? 72  GLY A N     1 
ATOM   496  C CA    . GLY A 1 72  ? -7.976  14.176  2.894   1.00 25.61 ? 72  GLY A CA    1 
ATOM   497  C C     . GLY A 1 72  ? -6.867  14.677  1.985   1.00 26.54 ? 72  GLY A C     1 
ATOM   498  O O     . GLY A 1 72  ? -6.570  14.063  0.959   1.00 25.30 ? 72  GLY A O     1 
ATOM   499  N N     . ALA A 1 73  ? -6.264  15.806  2.343   1.00 26.90 ? 73  ALA A N     1 
ATOM   500  C CA    . ALA A 1 73  ? -5.158  16.352  1.562   1.00 28.53 ? 73  ALA A CA    1 
ATOM   501  C C     . ALA A 1 73  ? -3.950  15.480  1.921   1.00 28.16 ? 73  ALA A C     1 
ATOM   502  O O     . ALA A 1 73  ? -3.173  15.807  2.823   1.00 28.32 ? 73  ALA A O     1 
ATOM   503  C CB    . ALA A 1 73  ? -4.904  17.807  1.956   1.00 27.45 ? 73  ALA A CB    1 
ATOM   504  N N     . ALA A 1 74  ? -3.814  14.358  1.221   1.00 27.89 ? 74  ALA A N     1 
ATOM   505  C CA    . ALA A 1 74  ? -2.734  13.411  1.476   1.00 29.97 ? 74  ALA A CA    1 
ATOM   506  C C     . ALA A 1 74  ? -1.399  13.869  0.900   1.00 31.01 ? 74  ALA A C     1 
ATOM   507  O O     . ALA A 1 74  ? -1.224  13.964  -0.315  1.00 34.40 ? 74  ALA A O     1 
ATOM   508  C CB    . ALA A 1 74  ? -3.108  12.037  0.916   1.00 28.84 ? 74  ALA A CB    1 
ATOM   509  N N     . HIS A 1 75  ? -0.457  14.145  1.785   1.00 28.89 ? 75  HIS A N     1 
ATOM   510  C CA    . HIS A 1 75  ? 0.859   14.599  1.375   1.00 29.37 ? 75  HIS A CA    1 
ATOM   511  C C     . HIS A 1 75  ? 1.913   13.535  1.647   1.00 28.07 ? 75  HIS A C     1 
ATOM   512  O O     . HIS A 1 75  ? 2.991   13.542  1.051   1.00 26.84 ? 75  HIS A O     1 
ATOM   513  C CB    . HIS A 1 75  ? 1.204   15.880  2.128   1.00 31.70 ? 75  HIS A CB    1 
ATOM   514  C CG    . HIS A 1 75  ? 0.293   17.020  1.809   1.00 35.96 ? 75  HIS A CG    1 
ATOM   515  N ND1   . HIS A 1 75  ? 0.184   18.134  2.613   1.00 37.70 ? 75  HIS A ND1   1 
ATOM   516  C CD2   . HIS A 1 75  ? -0.548  17.223  0.768   1.00 37.72 ? 75  HIS A CD2   1 
ATOM   517  C CE1   . HIS A 1 75  ? -0.686  18.974  2.082   1.00 38.22 ? 75  HIS A CE1   1 
ATOM   518  N NE2   . HIS A 1 75  ? -1.144  18.445  0.961   1.00 39.76 ? 75  HIS A NE2   1 
ATOM   519  N N     . LEU A 1 76  ? 1.589   12.616  2.549   1.00 26.11 ? 76  LEU A N     1 
ATOM   520  C CA    . LEU A 1 76  ? 2.513   11.558  2.921   1.00 25.10 ? 76  LEU A CA    1 
ATOM   521  C C     . LEU A 1 76  ? 3.142   10.784  1.755   1.00 24.41 ? 76  LEU A C     1 
ATOM   522  O O     . LEU A 1 76  ? 4.363   10.774  1.609   1.00 23.94 ? 76  LEU A O     1 
ATOM   523  C CB    . LEU A 1 76  ? 1.825   10.585  3.884   1.00 23.30 ? 76  LEU A CB    1 
ATOM   524  C CG    . LEU A 1 76  ? 2.615   9.344   4.297   1.00 23.93 ? 76  LEU A CG    1 
ATOM   525  C CD1   . LEU A 1 76  ? 3.914   9.731   5.011   1.00 20.89 ? 76  LEU A CD1   1 
ATOM   526  C CD2   . LEU A 1 76  ? 1.730   8.494   5.194   1.00 25.20 ? 76  LEU A CD2   1 
ATOM   527  N N     . PRO A 1 77  ? 2.324   10.145  0.901   1.00 23.68 ? 77  PRO A N     1 
ATOM   528  C CA    . PRO A 1 77  ? 2.881   9.382   -0.226  1.00 24.42 ? 77  PRO A CA    1 
ATOM   529  C C     . PRO A 1 77  ? 3.836   10.185  -1.099  1.00 23.62 ? 77  PRO A C     1 
ATOM   530  O O     . PRO A 1 77  ? 4.961   9.756   -1.380  1.00 25.33 ? 77  PRO A O     1 
ATOM   531  C CB    . PRO A 1 77  ? 1.634   8.947   -1.007  1.00 24.49 ? 77  PRO A CB    1 
ATOM   532  C CG    . PRO A 1 77  ? 0.573   8.902   0.036   1.00 24.47 ? 77  PRO A CG    1 
ATOM   533  C CD    . PRO A 1 77  ? 0.854   10.154  0.841   1.00 24.15 ? 77  PRO A CD    1 
ATOM   534  N N     . GLY A 1 78  ? 3.375   11.353  -1.529  1.00 23.07 ? 78  GLY A N     1 
ATOM   535  C CA    . GLY A 1 78  ? 4.179   12.208  -2.377  1.00 22.05 ? 78  GLY A CA    1 
ATOM   536  C C     . GLY A 1 78  ? 5.460   12.709  -1.741  1.00 23.03 ? 78  GLY A C     1 
ATOM   537  O O     . GLY A 1 78  ? 6.500   12.765  -2.398  1.00 22.11 ? 78  GLY A O     1 
ATOM   538  N N     . MET A 1 79  ? 5.403   13.084  -0.467  1.00 24.14 ? 79  MET A N     1 
ATOM   539  C CA    . MET A 1 79  ? 6.604   13.580  0.190   1.00 25.39 ? 79  MET A CA    1 
ATOM   540  C C     . MET A 1 79  ? 7.651   12.486  0.332   1.00 24.24 ? 79  MET A C     1 
ATOM   541  O O     . MET A 1 79  ? 8.842   12.742  0.190   1.00 26.75 ? 79  MET A O     1 
ATOM   542  C CB    . MET A 1 79  ? 6.258   14.191  1.546   1.00 26.32 ? 79  MET A CB    1 
ATOM   543  C CG    . MET A 1 79  ? 5.525   15.521  1.413   1.00 28.35 ? 79  MET A CG    1 
ATOM   544  S SD    . MET A 1 79  ? 6.350   16.608  0.211   1.00 33.75 ? 79  MET A SD    1 
ATOM   545  C CE    . MET A 1 79  ? 7.887   16.950  1.105   1.00 28.19 ? 79  MET A CE    1 
ATOM   546  N N     . ILE A 1 80  ? 7.211   11.268  0.608   1.00 25.53 ? 80  ILE A N     1 
ATOM   547  C CA    . ILE A 1 80  ? 8.148   10.156  0.722   1.00 24.97 ? 80  ILE A CA    1 
ATOM   548  C C     . ILE A 1 80  ? 8.794   9.911   -0.643  1.00 25.68 ? 80  ILE A C     1 
ATOM   549  O O     . ILE A 1 80  ? 10.013  9.766   -0.751  1.00 24.43 ? 80  ILE A O     1 
ATOM   550  C CB    . ILE A 1 80  ? 7.441   8.854   1.168   1.00 24.65 ? 80  ILE A CB    1 
ATOM   551  C CG1   . ILE A 1 80  ? 7.062   8.949   2.652   1.00 24.06 ? 80  ILE A CG1   1 
ATOM   552  C CG2   . ILE A 1 80  ? 8.356   7.652   0.915   1.00 26.03 ? 80  ILE A CG2   1 
ATOM   553  C CD1   . ILE A 1 80  ? 6.267   7.767   3.174   1.00 24.74 ? 80  ILE A CD1   1 
ATOM   554  N N     . ALA A 1 81  ? 7.966   9.872   -1.685  1.00 24.40 ? 81  ALA A N     1 
ATOM   555  C CA    . ALA A 1 81  ? 8.455   9.629   -3.036  1.00 24.95 ? 81  ALA A CA    1 
ATOM   556  C C     . ALA A 1 81  ? 9.436   10.697  -3.491  1.00 24.80 ? 81  ALA A C     1 
ATOM   557  O O     . ALA A 1 81  ? 10.304  10.434  -4.319  1.00 24.18 ? 81  ALA A O     1 
ATOM   558  C CB    . ALA A 1 81  ? 7.279   9.541   -4.016  1.00 25.53 ? 81  ALA A CB    1 
ATOM   559  N N     . ALA A 1 82  ? 9.301   11.902  -2.948  1.00 25.04 ? 82  ALA A N     1 
ATOM   560  C CA    . ALA A 1 82  ? 10.187  13.001  -3.319  1.00 25.15 ? 82  ALA A CA    1 
ATOM   561  C C     . ALA A 1 82  ? 11.547  12.881  -2.646  1.00 25.35 ? 82  ALA A C     1 
ATOM   562  O O     . ALA A 1 82  ? 12.497  13.550  -3.047  1.00 25.97 ? 82  ALA A O     1 
ATOM   563  C CB    . ALA A 1 82  ? 9.555   14.335  -2.944  1.00 23.40 ? 82  ALA A CB    1 
ATOM   564  N N     . LYS A 1 83  ? 11.638  12.024  -1.634  1.00 26.88 ? 83  LYS A N     1 
ATOM   565  C CA    . LYS A 1 83  ? 12.880  11.859  -0.886  1.00 26.74 ? 83  LYS A CA    1 
ATOM   566  C C     . LYS A 1 83  ? 13.564  10.502  -0.996  1.00 28.21 ? 83  LYS A C     1 
ATOM   567  O O     . LYS A 1 83  ? 14.495  10.220  -0.242  1.00 29.67 ? 83  LYS A O     1 
ATOM   568  C CB    . LYS A 1 83  ? 12.625  12.171  0.592   1.00 27.21 ? 83  LYS A CB    1 
ATOM   569  C CG    . LYS A 1 83  ? 12.413  13.651  0.891   1.00 29.33 ? 83  LYS A CG    1 
ATOM   570  C CD    . LYS A 1 83  ? 13.737  14.416  0.892   1.00 31.86 ? 83  LYS A CD    1 
ATOM   571  C CE    . LYS A 1 83  ? 14.614  13.982  2.062   1.00 33.24 ? 83  LYS A CE    1 
ATOM   572  N NZ    . LYS A 1 83  ? 15.934  14.664  2.093   1.00 34.52 ? 83  LYS A NZ    1 
ATOM   573  N N     . THR A 1 84  ? 13.121  9.665   -1.926  1.00 26.98 ? 84  THR A N     1 
ATOM   574  C CA    . THR A 1 84  ? 13.729  8.349   -2.086  1.00 27.83 ? 84  THR A CA    1 
ATOM   575  C C     . THR A 1 84  ? 13.426  7.768   -3.454  1.00 28.09 ? 84  THR A C     1 
ATOM   576  O O     . THR A 1 84  ? 12.480  8.192   -4.121  1.00 25.33 ? 84  THR A O     1 
ATOM   577  C CB    . THR A 1 84  ? 13.216  7.359   -1.017  1.00 27.31 ? 84  THR A CB    1 
ATOM   578  O OG1   . THR A 1 84  ? 13.847  6.086   -1.198  1.00 27.82 ? 84  THR A OG1   1 
ATOM   579  C CG2   . THR A 1 84  ? 11.698  7.178   -1.137  1.00 26.56 ? 84  THR A CG2   1 
ATOM   580  N N     . LEU A 1 85  ? 14.234  6.799   -3.872  1.00 26.93 ? 85  LEU A N     1 
ATOM   581  C CA    . LEU A 1 85  ? 14.028  6.153   -5.157  1.00 26.42 ? 85  LEU A CA    1 
ATOM   582  C C     . LEU A 1 85  ? 13.223  4.881   -4.988  1.00 26.15 ? 85  LEU A C     1 
ATOM   583  O O     . LEU A 1 85  ? 12.791  4.276   -5.975  1.00 26.67 ? 85  LEU A O     1 
ATOM   584  C CB    . LEU A 1 85  ? 15.365  5.836   -5.826  1.00 27.74 ? 85  LEU A CB    1 
ATOM   585  C CG    . LEU A 1 85  ? 16.083  7.049   -6.407  1.00 28.13 ? 85  LEU A CG    1 
ATOM   586  C CD1   . LEU A 1 85  ? 17.397  6.612   -7.046  1.00 27.31 ? 85  LEU A CD1   1 
ATOM   587  C CD2   . LEU A 1 85  ? 15.184  7.715   -7.440  1.00 27.49 ? 85  LEU A CD2   1 
ATOM   588  N N     . VAL A 1 86  ? 13.020  4.471   -3.739  1.00 24.84 ? 86  VAL A N     1 
ATOM   589  C CA    . VAL A 1 86  ? 12.239  3.277   -3.468  1.00 24.06 ? 86  VAL A CA    1 
ATOM   590  C C     . VAL A 1 86  ? 10.842  3.541   -4.005  1.00 25.08 ? 86  VAL A C     1 
ATOM   591  O O     . VAL A 1 86  ? 10.251  4.579   -3.721  1.00 25.06 ? 86  VAL A O     1 
ATOM   592  C CB    . VAL A 1 86  ? 12.133  2.987   -1.957  1.00 25.30 ? 86  VAL A CB    1 
ATOM   593  C CG1   . VAL A 1 86  ? 11.259  1.747   -1.722  1.00 22.89 ? 86  VAL A CG1   1 
ATOM   594  C CG2   . VAL A 1 86  ? 13.528  2.787   -1.367  1.00 27.51 ? 86  VAL A CG2   1 
ATOM   595  N N     . PRO A 1 87  ? 10.302  2.610   -4.800  1.00 24.30 ? 87  PRO A N     1 
ATOM   596  C CA    . PRO A 1 87  ? 8.960   2.796   -5.352  1.00 24.95 ? 87  PRO A CA    1 
ATOM   597  C C     . PRO A 1 87  ? 7.935   3.051   -4.247  1.00 25.22 ? 87  PRO A C     1 
ATOM   598  O O     . PRO A 1 87  ? 7.930   2.363   -3.228  1.00 22.79 ? 87  PRO A O     1 
ATOM   599  C CB    . PRO A 1 87  ? 8.700   1.477   -6.081  1.00 25.39 ? 87  PRO A CB    1 
ATOM   600  C CG    . PRO A 1 87  ? 10.074  1.050   -6.507  1.00 24.52 ? 87  PRO A CG    1 
ATOM   601  C CD    . PRO A 1 87  ? 10.901  1.350   -5.274  1.00 23.50 ? 87  PRO A CD    1 
ATOM   602  N N     . VAL A 1 88  ? 7.081   4.047   -4.450  1.00 24.15 ? 88  VAL A N     1 
ATOM   603  C CA    . VAL A 1 88  ? 6.045   4.355   -3.474  1.00 23.12 ? 88  VAL A CA    1 
ATOM   604  C C     . VAL A 1 88  ? 4.649   4.113   -4.050  1.00 23.76 ? 88  VAL A C     1 
ATOM   605  O O     . VAL A 1 88  ? 4.317   4.600   -5.135  1.00 23.98 ? 88  VAL A O     1 
ATOM   606  C CB    . VAL A 1 88  ? 6.133   5.814   -2.994  1.00 22.82 ? 88  VAL A CB    1 
ATOM   607  C CG1   . VAL A 1 88  ? 4.921   6.143   -2.113  1.00 23.06 ? 88  VAL A CG1   1 
ATOM   608  C CG2   . VAL A 1 88  ? 7.419   6.026   -2.206  1.00 23.80 ? 88  VAL A CG2   1 
ATOM   609  N N     . LEU A 1 89  ? 3.848   3.336   -3.326  1.00 21.43 ? 89  LEU A N     1 
ATOM   610  C CA    . LEU A 1 89  ? 2.475   3.037   -3.718  1.00 22.75 ? 89  LEU A CA    1 
ATOM   611  C C     . LEU A 1 89  ? 1.579   3.772   -2.722  1.00 23.66 ? 89  LEU A C     1 
ATOM   612  O O     . LEU A 1 89  ? 1.792   3.681   -1.512  1.00 25.57 ? 89  LEU A O     1 
ATOM   613  C CB    . LEU A 1 89  ? 2.211   1.532   -3.641  1.00 21.79 ? 89  LEU A CB    1 
ATOM   614  C CG    . LEU A 1 89  ? 3.087   0.634   -4.519  1.00 21.77 ? 89  LEU A CG    1 
ATOM   615  C CD1   . LEU A 1 89  ? 2.624   -0.809  -4.382  1.00 23.42 ? 89  LEU A CD1   1 
ATOM   616  C CD2   . LEU A 1 89  ? 2.993   1.082   -5.977  1.00 20.92 ? 89  LEU A CD2   1 
ATOM   617  N N     . GLY A 1 90  ? 0.588   4.502   -3.222  1.00 22.63 ? 90  GLY A N     1 
ATOM   618  C CA    . GLY A 1 90  ? -0.284  5.243   -2.328  1.00 21.81 ? 90  GLY A CA    1 
ATOM   619  C C     . GLY A 1 90  ? -1.696  4.711   -2.214  1.00 21.78 ? 90  GLY A C     1 
ATOM   620  O O     . GLY A 1 90  ? -2.291  4.295   -3.205  1.00 21.61 ? 90  GLY A O     1 
ATOM   621  N N     . VAL A 1 91  ? -2.236  4.737   -0.998  1.00 21.43 ? 91  VAL A N     1 
ATOM   622  C CA    . VAL A 1 91  ? -3.591  4.265   -0.739  1.00 20.33 ? 91  VAL A CA    1 
ATOM   623  C C     . VAL A 1 91  ? -4.469  5.418   -0.264  1.00 21.71 ? 91  VAL A C     1 
ATOM   624  O O     . VAL A 1 91  ? -4.209  6.022   0.781   1.00 20.59 ? 91  VAL A O     1 
ATOM   625  C CB    . VAL A 1 91  ? -3.594  3.165   0.342   1.00 20.43 ? 91  VAL A CB    1 
ATOM   626  C CG1   . VAL A 1 91  ? -5.026  2.731   0.643   1.00 19.95 ? 91  VAL A CG1   1 
ATOM   627  C CG2   . VAL A 1 91  ? -2.760  1.973   -0.134  1.00 20.44 ? 91  VAL A CG2   1 
ATOM   628  N N     . PRO A 1 92  ? -5.511  5.758   -1.041  1.00 21.27 ? 92  PRO A N     1 
ATOM   629  C CA    . PRO A 1 92  ? -6.392  6.858   -0.631  1.00 22.18 ? 92  PRO A CA    1 
ATOM   630  C C     . PRO A 1 92  ? -7.364  6.364   0.443   1.00 21.08 ? 92  PRO A C     1 
ATOM   631  O O     . PRO A 1 92  ? -8.198  5.501   0.171   1.00 24.59 ? 92  PRO A O     1 
ATOM   632  C CB    . PRO A 1 92  ? -7.129  7.233   -1.933  1.00 20.68 ? 92  PRO A CB    1 
ATOM   633  C CG    . PRO A 1 92  ? -6.284  6.627   -3.037  1.00 19.44 ? 92  PRO A CG    1 
ATOM   634  C CD    . PRO A 1 92  ? -5.808  5.333   -2.419  1.00 19.67 ? 92  PRO A CD    1 
ATOM   635  N N     . VAL A 1 93  ? -7.248  6.885   1.660   1.00 21.86 ? 93  VAL A N     1 
ATOM   636  C CA    . VAL A 1 93  ? -8.148  6.488   2.742   1.00 21.12 ? 93  VAL A CA    1 
ATOM   637  C C     . VAL A 1 93  ? -9.464  7.221   2.527   1.00 24.47 ? 93  VAL A C     1 
ATOM   638  O O     . VAL A 1 93  ? -9.467  8.391   2.150   1.00 23.64 ? 93  VAL A O     1 
ATOM   639  C CB    . VAL A 1 93  ? -7.561  6.872   4.117   1.00 22.97 ? 93  VAL A CB    1 
ATOM   640  C CG1   . VAL A 1 93  ? -8.546  6.542   5.239   1.00 22.20 ? 93  VAL A CG1   1 
ATOM   641  C CG2   . VAL A 1 93  ? -6.256  6.126   4.327   1.00 22.41 ? 93  VAL A CG2   1 
ATOM   642  N N     . GLN A 1 94  ? -10.583 6.543   2.749   1.00 24.95 ? 94  GLN A N     1 
ATOM   643  C CA    . GLN A 1 94  ? -11.864 7.193   2.542   1.00 28.29 ? 94  GLN A CA    1 
ATOM   644  C C     . GLN A 1 94  ? -12.111 8.256   3.603   1.00 29.02 ? 94  GLN A C     1 
ATOM   645  O O     . GLN A 1 94  ? -12.235 7.948   4.785   1.00 31.92 ? 94  GLN A O     1 
ATOM   646  C CB    . GLN A 1 94  ? -13.007 6.175   2.559   1.00 29.53 ? 94  GLN A CB    1 
ATOM   647  C CG    . GLN A 1 94  ? -14.298 6.746   1.987   1.00 32.65 ? 94  GLN A CG    1 
ATOM   648  C CD    . GLN A 1 94  ? -15.448 5.766   2.018   1.00 34.03 ? 94  GLN A CD    1 
ATOM   649  O OE1   . GLN A 1 94  ? -15.258 4.563   1.822   1.00 33.93 ? 94  GLN A OE1   1 
ATOM   650  N NE2   . GLN A 1 94  ? -16.656 6.276   2.249   1.00 30.28 ? 94  GLN A NE2   1 
ATOM   651  N N     . SER A 1 95  ? -12.176 9.510   3.169   1.00 28.91 ? 95  SER A N     1 
ATOM   652  C CA    . SER A 1 95  ? -12.414 10.637  4.064   1.00 28.49 ? 95  SER A CA    1 
ATOM   653  C C     . SER A 1 95  ? -13.919 10.803  4.277   1.00 29.32 ? 95  SER A C     1 
ATOM   654  O O     . SER A 1 95  ? -14.718 10.402  3.433   1.00 27.26 ? 95  SER A O     1 
ATOM   655  C CB    . SER A 1 95  ? -11.828 11.913  3.456   1.00 28.33 ? 95  SER A CB    1 
ATOM   656  O OG    . SER A 1 95  ? -12.356 12.135  2.158   1.00 26.36 ? 95  SER A OG    1 
ATOM   657  N N     . ALA A 1 96  ? -14.301 11.407  5.398   1.00 29.59 ? 96  ALA A N     1 
ATOM   658  C CA    . ALA A 1 96  ? -15.711 11.588  5.714   1.00 31.31 ? 96  ALA A CA    1 
ATOM   659  C C     . ALA A 1 96  ? -16.478 12.425  4.699   1.00 32.16 ? 96  ALA A C     1 
ATOM   660  O O     . ALA A 1 96  ? -17.344 11.920  3.985   1.00 33.89 ? 96  ALA A O     1 
ATOM   661  C CB    . ALA A 1 96  ? -15.855 12.199  7.100   1.00 31.60 ? 96  ALA A CB    1 
ATOM   662  N N     . ALA A 1 97  ? -16.152 13.710  4.636   1.00 31.96 ? 97  ALA A N     1 
ATOM   663  C CA    . ALA A 1 97  ? -16.837 14.627  3.735   1.00 30.82 ? 97  ALA A CA    1 
ATOM   664  C C     . ALA A 1 97  ? -16.783 14.274  2.252   1.00 30.74 ? 97  ALA A C     1 
ATOM   665  O O     . ALA A 1 97  ? -17.824 14.144  1.609   1.00 29.99 ? 97  ALA A O     1 
ATOM   666  C CB    . ALA A 1 97  ? -16.308 16.040  3.944   1.00 30.75 ? 97  ALA A CB    1 
ATOM   667  N N     . LEU A 1 98  ? -15.579 14.107  1.713   1.00 28.14 ? 98  LEU A N     1 
ATOM   668  C CA    . LEU A 1 98  ? -15.428 13.829  0.287   1.00 28.59 ? 98  LEU A CA    1 
ATOM   669  C C     . LEU A 1 98  ? -15.240 12.367  -0.127  1.00 28.85 ? 98  LEU A C     1 
ATOM   670  O O     . LEU A 1 98  ? -14.824 12.084  -1.252  1.00 28.10 ? 98  LEU A O     1 
ATOM   671  C CB    . LEU A 1 98  ? -14.288 14.689  -0.271  1.00 30.26 ? 98  LEU A CB    1 
ATOM   672  C CG    . LEU A 1 98  ? -14.489 16.196  -0.031  1.00 31.01 ? 98  LEU A CG    1 
ATOM   673  C CD1   . LEU A 1 98  ? -13.322 16.977  -0.603  1.00 31.66 ? 98  LEU A CD1   1 
ATOM   674  C CD2   . LEU A 1 98  ? -15.800 16.655  -0.676  1.00 32.88 ? 98  LEU A CD2   1 
ATOM   675  N N     . SER A 1 99  ? -15.561 11.453  0.780   1.00 27.51 ? 99  SER A N     1 
ATOM   676  C CA    . SER A 1 99  ? -15.467 10.017  0.533   1.00 29.26 ? 99  SER A CA    1 
ATOM   677  C C     . SER A 1 99  ? -14.221 9.551   -0.213  1.00 27.44 ? 99  SER A C     1 
ATOM   678  O O     . SER A 1 99  ? -14.311 8.681   -1.081  1.00 26.45 ? 99  SER A O     1 
ATOM   679  C CB    . SER A 1 99  ? -16.704 9.534   -0.229  1.00 31.07 ? 99  SER A CB    1 
ATOM   680  O OG    . SER A 1 99  ? -17.892 9.912   0.440   1.00 39.90 ? 99  SER A OG    1 
ATOM   681  N N     . GLY A 1 100 ? -13.069 10.127  0.118   1.00 26.80 ? 100 GLY A N     1 
ATOM   682  C CA    . GLY A 1 100 ? -11.830 9.720   -0.526  1.00 25.77 ? 100 GLY A CA    1 
ATOM   683  C C     . GLY A 1 100 ? -11.471 10.393  -1.838  1.00 26.67 ? 100 GLY A C     1 
ATOM   684  O O     . GLY A 1 100 ? -10.376 10.177  -2.363  1.00 23.55 ? 100 GLY A O     1 
ATOM   685  N N     . VAL A 1 101 ? -12.373 11.199  -2.390  1.00 24.90 ? 101 VAL A N     1 
ATOM   686  C CA    . VAL A 1 101 ? -12.053 11.868  -3.643  1.00 25.36 ? 101 VAL A CA    1 
ATOM   687  C C     . VAL A 1 101 ? -10.884 12.821  -3.440  1.00 25.05 ? 101 VAL A C     1 
ATOM   688  O O     . VAL A 1 101 ? -10.011 12.935  -4.305  1.00 23.88 ? 101 VAL A O     1 
ATOM   689  C CB    . VAL A 1 101 ? -13.259 12.649  -4.213  1.00 25.08 ? 101 VAL A CB    1 
ATOM   690  C CG1   . VAL A 1 101 ? -12.807 13.520  -5.380  1.00 24.90 ? 101 VAL A CG1   1 
ATOM   691  C CG2   . VAL A 1 101 ? -14.327 11.671  -4.690  1.00 24.02 ? 101 VAL A CG2   1 
ATOM   692  N N     . ASP A 1 102 ? -10.858 13.510  -2.304  1.00 24.04 ? 102 ASP A N     1 
ATOM   693  C CA    . ASP A 1 102 ? -9.752  14.418  -2.051  1.00 23.32 ? 102 ASP A CA    1 
ATOM   694  C C     . ASP A 1 102 ? -8.481  13.608  -1.835  1.00 23.91 ? 102 ASP A C     1 
ATOM   695  O O     . ASP A 1 102 ? -7.409  13.990  -2.305  1.00 24.88 ? 102 ASP A O     1 
ATOM   696  C CB    . ASP A 1 102 ? -10.033 15.335  -0.852  1.00 23.41 ? 102 ASP A CB    1 
ATOM   697  C CG    . ASP A 1 102 ? -10.606 14.602  0.349   1.00 23.96 ? 102 ASP A CG    1 
ATOM   698  O OD1   . ASP A 1 102 ? -10.795 13.365  0.296   1.00 23.18 ? 102 ASP A OD1   1 
ATOM   699  O OD2   . ASP A 1 102 ? -10.873 15.286  1.362   1.00 21.88 ? 102 ASP A OD2   1 
ATOM   700  N N     . SER A 1 103 ? -8.605  12.484  -1.139  1.00 22.62 ? 103 SER A N     1 
ATOM   701  C CA    . SER A 1 103 ? -7.455  11.619  -0.897  1.00 23.96 ? 103 SER A CA    1 
ATOM   702  C C     . SER A 1 103 ? -6.903  11.170  -2.249  1.00 22.80 ? 103 SER A C     1 
ATOM   703  O O     . SER A 1 103 ? -5.712  11.286  -2.523  1.00 20.68 ? 103 SER A O     1 
ATOM   704  C CB    . SER A 1 103 ? -7.878  10.385  -0.087  1.00 24.65 ? 103 SER A CB    1 
ATOM   705  O OG    . SER A 1 103 ? -8.566  10.763  1.093   1.00 25.64 ? 103 SER A OG    1 
ATOM   706  N N     . LEU A 1 104 ? -7.793  10.659  -3.092  1.00 22.72 ? 104 LEU A N     1 
ATOM   707  C CA    . LEU A 1 104 ? -7.425  10.177  -4.417  1.00 20.91 ? 104 LEU A CA    1 
ATOM   708  C C     . LEU A 1 104 ? -6.670  11.211  -5.245  1.00 21.96 ? 104 LEU A C     1 
ATOM   709  O O     . LEU A 1 104 ? -5.569  10.950  -5.730  1.00 22.16 ? 104 LEU A O     1 
ATOM   710  C CB    . LEU A 1 104 ? -8.682  9.739   -5.176  1.00 21.63 ? 104 LEU A CB    1 
ATOM   711  C CG    . LEU A 1 104 ? -8.473  9.302   -6.629  1.00 21.23 ? 104 LEU A CG    1 
ATOM   712  C CD1   . LEU A 1 104 ? -7.431  8.176   -6.677  1.00 20.66 ? 104 LEU A CD1   1 
ATOM   713  C CD2   . LEU A 1 104 ? -9.799  8.847   -7.222  1.00 18.01 ? 104 LEU A CD2   1 
ATOM   714  N N     . TYR A 1 105 ? -7.269  12.386  -5.412  1.00 20.96 ? 105 TYR A N     1 
ATOM   715  C CA    . TYR A 1 105 ? -6.649  13.448  -6.190  1.00 21.42 ? 105 TYR A CA    1 
ATOM   716  C C     . TYR A 1 105 ? -5.313  13.926  -5.622  1.00 20.98 ? 105 TYR A C     1 
ATOM   717  O O     . TYR A 1 105 ? -4.357  14.142  -6.364  1.00 21.25 ? 105 TYR A O     1 
ATOM   718  C CB    . TYR A 1 105 ? -7.596  14.654  -6.302  1.00 22.77 ? 105 TYR A CB    1 
ATOM   719  C CG    . TYR A 1 105 ? -8.798  14.452  -7.199  1.00 24.96 ? 105 TYR A CG    1 
ATOM   720  C CD1   . TYR A 1 105 ? -8.931  13.305  -7.977  1.00 28.25 ? 105 TYR A CD1   1 
ATOM   721  C CD2   . TYR A 1 105 ? -9.789  15.430  -7.295  1.00 28.40 ? 105 TYR A CD2   1 
ATOM   722  C CE1   . TYR A 1 105 ? -10.019 13.134  -8.831  1.00 29.30 ? 105 TYR A CE1   1 
ATOM   723  C CE2   . TYR A 1 105 ? -10.884 15.270  -8.146  1.00 29.02 ? 105 TYR A CE2   1 
ATOM   724  C CZ    . TYR A 1 105 ? -10.989 14.118  -8.910  1.00 31.00 ? 105 TYR A CZ    1 
ATOM   725  O OH    . TYR A 1 105 ? -12.067 13.940  -9.745  1.00 33.50 ? 105 TYR A OH    1 
ATOM   726  N N     . SER A 1 106 ? -5.247  14.093  -4.307  1.00 20.79 ? 106 SER A N     1 
ATOM   727  C CA    . SER A 1 106 ? -4.024  14.576  -3.673  1.00 22.13 ? 106 SER A CA    1 
ATOM   728  C C     . SER A 1 106 ? -2.878  13.567  -3.743  1.00 22.48 ? 106 SER A C     1 
ATOM   729  O O     . SER A 1 106 ? -1.717  13.918  -3.523  1.00 25.36 ? 106 SER A O     1 
ATOM   730  C CB    . SER A 1 106 ? -4.312  14.962  -2.217  1.00 20.73 ? 106 SER A CB    1 
ATOM   731  O OG    . SER A 1 106 ? -4.744  13.838  -1.477  1.00 21.68 ? 106 SER A OG    1 
ATOM   732  N N     . ILE A 1 107 ? -3.196  12.319  -4.066  1.00 22.51 ? 107 ILE A N     1 
ATOM   733  C CA    . ILE A 1 107 ? -2.169  11.288  -4.165  1.00 21.83 ? 107 ILE A CA    1 
ATOM   734  C C     . ILE A 1 107 ? -1.757  10.992  -5.609  1.00 22.35 ? 107 ILE A C     1 
ATOM   735  O O     . ILE A 1 107 ? -0.569  11.000  -5.939  1.00 22.30 ? 107 ILE A O     1 
ATOM   736  C CB    . ILE A 1 107 ? -2.639  9.966   -3.504  1.00 22.89 ? 107 ILE A CB    1 
ATOM   737  C CG1   . ILE A 1 107 ? -2.771  10.156  -1.991  1.00 23.24 ? 107 ILE A CG1   1 
ATOM   738  C CG2   . ILE A 1 107 ? -1.651  8.840   -3.803  1.00 21.17 ? 107 ILE A CG2   1 
ATOM   739  C CD1   . ILE A 1 107 ? -3.276  8.918   -1.251  1.00 22.50 ? 107 ILE A CD1   1 
ATOM   740  N N     . VAL A 1 108 ? -2.740  10.765  -6.474  1.00 21.80 ? 108 VAL A N     1 
ATOM   741  C CA    . VAL A 1 108 ? -2.465  10.418  -7.867  1.00 21.44 ? 108 VAL A CA    1 
ATOM   742  C C     . VAL A 1 108 ? -1.997  11.537  -8.797  1.00 22.62 ? 108 VAL A C     1 
ATOM   743  O O     . VAL A 1 108 ? -1.188  11.296  -9.697  1.00 22.13 ? 108 VAL A O     1 
ATOM   744  C CB    . VAL A 1 108 ? -3.703  9.737   -8.519  1.00 22.43 ? 108 VAL A CB    1 
ATOM   745  C CG1   . VAL A 1 108 ? -4.781  10.779  -8.841  1.00 18.59 ? 108 VAL A CG1   1 
ATOM   746  C CG2   . VAL A 1 108 ? -3.278  8.978   -9.774  1.00 20.25 ? 108 VAL A CG2   1 
ATOM   747  N N     . GLN A 1 109 ? -2.491  12.756  -8.586  1.00 22.26 ? 109 GLN A N     1 
ATOM   748  C CA    . GLN A 1 109 ? -2.129  13.869  -9.460  1.00 21.70 ? 109 GLN A CA    1 
ATOM   749  C C     . GLN A 1 109 ? -0.740  14.471  -9.259  1.00 23.83 ? 109 GLN A C     1 
ATOM   750  O O     . GLN A 1 109 ? -0.585  15.696  -9.218  1.00 24.29 ? 109 GLN A O     1 
ATOM   751  C CB    . GLN A 1 109 ? -3.195  14.963  -9.360  1.00 21.64 ? 109 GLN A CB    1 
ATOM   752  C CG    . GLN A 1 109 ? -4.545  14.531  -9.916  1.00 19.59 ? 109 GLN A CG    1 
ATOM   753  C CD    . GLN A 1 109 ? -4.505  14.317  -11.415 1.00 21.61 ? 109 GLN A CD    1 
ATOM   754  O OE1   . GLN A 1 109 ? -4.655  15.261  -12.194 1.00 24.47 ? 109 GLN A OE1   1 
ATOM   755  N NE2   . GLN A 1 109 ? -4.280  13.079  -11.829 1.00 15.59 ? 109 GLN A NE2   1 
ATOM   756  N N     . MET A 1 110 ? 0.268   13.605  -9.145  1.00 24.95 ? 110 MET A N     1 
ATOM   757  C CA    . MET A 1 110 ? 1.653   14.044  -8.969  1.00 25.27 ? 110 MET A CA    1 
ATOM   758  C C     . MET A 1 110 ? 2.190   14.599  -10.288 1.00 25.51 ? 110 MET A C     1 
ATOM   759  O O     . MET A 1 110 ? 1.879   14.079  -11.361 1.00 26.87 ? 110 MET A O     1 
ATOM   760  C CB    . MET A 1 110 ? 2.536   12.870  -8.529  1.00 26.63 ? 110 MET A CB    1 
ATOM   761  C CG    . MET A 1 110 ? 2.286   12.379  -7.113  1.00 26.90 ? 110 MET A CG    1 
ATOM   762  S SD    . MET A 1 110 ? 2.712   13.642  -5.883  1.00 28.49 ? 110 MET A SD    1 
ATOM   763  C CE    . MET A 1 110 ? 4.499   13.474  -5.847  1.00 28.62 ? 110 MET A CE    1 
ATOM   764  N N     . PRO A 1 111 ? 3.012   15.659  -10.223 1.00 25.33 ? 111 PRO A N     1 
ATOM   765  C CA    . PRO A 1 111 ? 3.574   16.256  -11.435 1.00 25.73 ? 111 PRO A CA    1 
ATOM   766  C C     . PRO A 1 111 ? 4.714   15.393  -11.974 1.00 24.91 ? 111 PRO A C     1 
ATOM   767  O O     . PRO A 1 111 ? 5.205   14.503  -11.285 1.00 23.41 ? 111 PRO A O     1 
ATOM   768  C CB    . PRO A 1 111 ? 4.061   17.611  -10.944 1.00 25.20 ? 111 PRO A CB    1 
ATOM   769  C CG    . PRO A 1 111 ? 4.582   17.277  -9.589  1.00 24.53 ? 111 PRO A CG    1 
ATOM   770  C CD    . PRO A 1 111 ? 3.506   16.357  -9.021  1.00 23.13 ? 111 PRO A CD    1 
ATOM   771  N N     . ARG A 1 112 ? 5.132   15.667  -13.204 1.00 25.39 ? 112 ARG A N     1 
ATOM   772  C CA    . ARG A 1 112 ? 6.210   14.914  -13.839 1.00 24.11 ? 112 ARG A CA    1 
ATOM   773  C C     . ARG A 1 112 ? 7.506   14.937  -13.027 1.00 22.57 ? 112 ARG A C     1 
ATOM   774  O O     . ARG A 1 112 ? 7.984   16.002  -12.636 1.00 21.11 ? 112 ARG A O     1 
ATOM   775  C CB    . ARG A 1 112 ? 6.469   15.482  -15.237 1.00 25.98 ? 112 ARG A CB    1 
ATOM   776  C CG    . ARG A 1 112 ? 7.634   14.843  -15.989 1.00 26.71 ? 112 ARG A CG    1 
ATOM   777  C CD    . ARG A 1 112 ? 7.581   15.253  -17.457 1.00 32.63 ? 112 ARG A CD    1 
ATOM   778  N NE    . ARG A 1 112 ? 8.608   14.609  -18.272 1.00 32.85 ? 112 ARG A NE    1 
ATOM   779  C CZ    . ARG A 1 112 ? 9.894   14.942  -18.257 1.00 34.64 ? 112 ARG A CZ    1 
ATOM   780  N NH1   . ARG A 1 112 ? 10.318  15.917  -17.466 1.00 33.70 ? 112 ARG A NH1   1 
ATOM   781  N NH2   . ARG A 1 112 ? 10.757  14.301  -19.038 1.00 33.69 ? 112 ARG A NH2   1 
ATOM   782  N N     . GLY A 1 113 ? 8.075   13.762  -12.776 1.00 23.86 ? 113 GLY A N     1 
ATOM   783  C CA    . GLY A 1 113 ? 9.325   13.702  -12.036 1.00 25.36 ? 113 GLY A CA    1 
ATOM   784  C C     . GLY A 1 113 ? 9.299   12.880  -10.763 1.00 25.74 ? 113 GLY A C     1 
ATOM   785  O O     . GLY A 1 113 ? 10.298  12.254  -10.404 1.00 25.57 ? 113 GLY A O     1 
ATOM   786  N N     . ILE A 1 114 ? 8.165   12.880  -10.072 1.00 25.27 ? 114 ILE A N     1 
ATOM   787  C CA    . ILE A 1 114 ? 8.038   12.123  -8.833  1.00 26.52 ? 114 ILE A CA    1 
ATOM   788  C C     . ILE A 1 114 ? 6.738   11.327  -8.828  1.00 26.36 ? 114 ILE A C     1 
ATOM   789  O O     . ILE A 1 114 ? 5.669   11.851  -8.521  1.00 28.09 ? 114 ILE A O     1 
ATOM   790  C CB    . ILE A 1 114 ? 8.083   13.059  -7.612  1.00 28.55 ? 114 ILE A CB    1 
ATOM   791  C CG1   . ILE A 1 114 ? 7.737   12.269  -6.349  1.00 27.97 ? 114 ILE A CG1   1 
ATOM   792  C CG2   . ILE A 1 114 ? 7.167   14.248  -7.833  1.00 33.08 ? 114 ILE A CG2   1 
ATOM   793  C CD1   . ILE A 1 114 ? 7.589   13.115  -5.135  1.00 33.75 ? 114 ILE A CD1   1 
ATOM   794  N N     . PRO A 1 115 ? 6.823   10.031  -9.149  1.00 27.31 ? 115 PRO A N     1 
ATOM   795  C CA    . PRO A 1 115 ? 5.646   9.163   -9.195  1.00 26.22 ? 115 PRO A CA    1 
ATOM   796  C C     . PRO A 1 115 ? 5.175   8.511   -7.896  1.00 24.79 ? 115 PRO A C     1 
ATOM   797  O O     . PRO A 1 115 ? 5.930   8.351   -6.939  1.00 23.12 ? 115 PRO A O     1 
ATOM   798  C CB    . PRO A 1 115 ? 6.054   8.122   -10.224 1.00 26.14 ? 115 PRO A CB    1 
ATOM   799  C CG    . PRO A 1 115 ? 7.502   7.904   -9.859  1.00 28.09 ? 115 PRO A CG    1 
ATOM   800  C CD    . PRO A 1 115 ? 8.019   9.317   -9.641  1.00 26.95 ? 115 PRO A CD    1 
ATOM   801  N N     . VAL A 1 116 ? 3.898   8.154   -7.891  1.00 22.05 ? 116 VAL A N     1 
ATOM   802  C CA    . VAL A 1 116 ? 3.264   7.449   -6.785  1.00 22.84 ? 116 VAL A CA    1 
ATOM   803  C C     . VAL A 1 116 ? 2.213   6.559   -7.434  1.00 22.99 ? 116 VAL A C     1 
ATOM   804  O O     . VAL A 1 116 ? 1.232   7.067   -7.982  1.00 23.42 ? 116 VAL A O     1 
ATOM   805  C CB    . VAL A 1 116 ? 2.541   8.382   -5.796  1.00 22.52 ? 116 VAL A CB    1 
ATOM   806  C CG1   . VAL A 1 116 ? 1.727   7.537   -4.811  1.00 22.33 ? 116 VAL A CG1   1 
ATOM   807  C CG2   . VAL A 1 116 ? 3.546   9.220   -5.027  1.00 24.20 ? 116 VAL A CG2   1 
ATOM   808  N N     . GLY A 1 117 ? 2.435   5.246   -7.403  1.00 22.06 ? 117 GLY A N     1 
ATOM   809  C CA    . GLY A 1 117 ? 1.477   4.318   -7.981  1.00 22.24 ? 117 GLY A CA    1 
ATOM   810  C C     . GLY A 1 117 ? 0.287   4.269   -7.042  1.00 21.65 ? 117 GLY A C     1 
ATOM   811  O O     . GLY A 1 117 ? 0.394   3.758   -5.935  1.00 21.47 ? 117 GLY A O     1 
ATOM   812  N N     . THR A 1 118 ? -0.850  4.790   -7.489  1.00 20.47 ? 118 THR A N     1 
ATOM   813  C CA    . THR A 1 118 ? -2.045  4.855   -6.654  1.00 20.60 ? 118 THR A CA    1 
ATOM   814  C C     . THR A 1 118 ? -3.029  3.698   -6.809  1.00 20.08 ? 118 THR A C     1 
ATOM   815  O O     . THR A 1 118 ? -3.256  3.198   -7.915  1.00 19.70 ? 118 THR A O     1 
ATOM   816  C CB    . THR A 1 118 ? -2.776  6.179   -6.921  1.00 20.91 ? 118 THR A CB    1 
ATOM   817  O OG1   . THR A 1 118 ? -1.810  7.241   -6.939  1.00 19.23 ? 118 THR A OG1   1 
ATOM   818  C CG2   . THR A 1 118 ? -3.813  6.457   -5.839  1.00 18.85 ? 118 THR A CG2   1 
ATOM   819  N N     . LEU A 1 119 ? -3.609  3.275   -5.684  1.00 19.52 ? 119 LEU A N     1 
ATOM   820  C CA    . LEU A 1 119 ? -4.582  2.186   -5.680  1.00 21.02 ? 119 LEU A CA    1 
ATOM   821  C C     . LEU A 1 119 ? -5.982  2.721   -5.368  1.00 21.21 ? 119 LEU A C     1 
ATOM   822  O O     . LEU A 1 119 ? -6.150  3.913   -5.107  1.00 20.93 ? 119 LEU A O     1 
ATOM   823  C CB    . LEU A 1 119 ? -4.183  1.105   -4.668  1.00 20.67 ? 119 LEU A CB    1 
ATOM   824  C CG    . LEU A 1 119 ? -3.059  0.144   -5.089  1.00 19.66 ? 119 LEU A CG    1 
ATOM   825  C CD1   . LEU A 1 119 ? -3.425  -0.499  -6.415  1.00 19.99 ? 119 LEU A CD1   1 
ATOM   826  C CD2   . LEU A 1 119 ? -1.735  0.879   -5.215  1.00 20.39 ? 119 LEU A CD2   1 
ATOM   827  N N     . ALA A 1 120 ? -6.982  1.843   -5.397  1.00 21.04 ? 120 ALA A N     1 
ATOM   828  C CA    . ALA A 1 120 ? -8.366  2.253   -5.151  1.00 22.49 ? 120 ALA A CA    1 
ATOM   829  C C     . ALA A 1 120 ? -8.570  2.902   -3.792  1.00 22.06 ? 120 ALA A C     1 
ATOM   830  O O     . ALA A 1 120 ? -7.777  2.712   -2.871  1.00 23.03 ? 120 ALA A O     1 
ATOM   831  C CB    . ALA A 1 120 ? -9.309  1.049   -5.293  1.00 19.99 ? 120 ALA A CB    1 
ATOM   832  N N     . ILE A 1 121 ? -9.640  3.678   -3.672  1.00 22.98 ? 121 ILE A N     1 
ATOM   833  C CA    . ILE A 1 121 ? -9.958  4.331   -2.407  1.00 22.48 ? 121 ILE A CA    1 
ATOM   834  C C     . ILE A 1 121 ? -10.374 3.269   -1.393  1.00 23.02 ? 121 ILE A C     1 
ATOM   835  O O     . ILE A 1 121 ? -11.122 2.349   -1.725  1.00 23.91 ? 121 ILE A O     1 
ATOM   836  C CB    . ILE A 1 121 ? -11.148 5.307   -2.565  1.00 21.77 ? 121 ILE A CB    1 
ATOM   837  C CG1   . ILE A 1 121 ? -10.771 6.447   -3.510  1.00 22.08 ? 121 ILE A CG1   1 
ATOM   838  C CG2   . ILE A 1 121 ? -11.578 5.837   -1.190  1.00 20.61 ? 121 ILE A CG2   1 
ATOM   839  C CD1   . ILE A 1 121 ? -11.949 7.262   -3.989  1.00 23.17 ? 121 ILE A CD1   1 
ATOM   840  N N     . GLY A 1 122 ? -9.877  3.382   -0.165  1.00 23.53 ? 122 GLY A N     1 
ATOM   841  C CA    . GLY A 1 122 ? -10.277 2.449   0.877   1.00 24.24 ? 122 GLY A CA    1 
ATOM   842  C C     . GLY A 1 122 ? -9.591  1.107   1.028   1.00 24.84 ? 122 GLY A C     1 
ATOM   843  O O     . GLY A 1 122 ? -8.483  0.888   0.533   1.00 23.55 ? 122 GLY A O     1 
ATOM   844  N N     . LYS A 1 123 ? -10.285 0.210   1.729   1.00 25.79 ? 123 LYS A N     1 
ATOM   845  C CA    . LYS A 1 123 ? -9.809  -1.140  2.038   1.00 27.55 ? 123 LYS A CA    1 
ATOM   846  C C     . LYS A 1 123 ? -9.344  -1.948  0.830   1.00 26.32 ? 123 LYS A C     1 
ATOM   847  O O     . LYS A 1 123 ? -8.335  -2.649  0.900   1.00 25.41 ? 123 LYS A O     1 
ATOM   848  C CB    . LYS A 1 123 ? -10.908 -1.939  2.754   1.00 30.77 ? 123 LYS A CB    1 
ATOM   849  C CG    . LYS A 1 123 ? -11.758 -1.142  3.732   1.00 40.69 ? 123 LYS A CG    1 
ATOM   850  C CD    . LYS A 1 123 ? -10.944 -0.548  4.870   1.00 44.07 ? 123 LYS A CD    1 
ATOM   851  C CE    . LYS A 1 123 ? -11.817 0.328   5.770   1.00 47.12 ? 123 LYS A CE    1 
ATOM   852  N NZ    . LYS A 1 123 ? -12.961 -0.427  6.351   1.00 48.40 ? 123 LYS A NZ    1 
ATOM   853  N N     . ALA A 1 124 ? -10.098 -1.881  -0.263  1.00 24.58 ? 124 ALA A N     1 
ATOM   854  C CA    . ALA A 1 124 ? -9.739  -2.623  -1.465  1.00 25.12 ? 124 ALA A CA    1 
ATOM   855  C C     . ALA A 1 124 ? -8.375  -2.162  -1.975  1.00 24.68 ? 124 ALA A C     1 
ATOM   856  O O     . ALA A 1 124 ? -7.551  -2.976  -2.415  1.00 24.18 ? 124 ALA A O     1 
ATOM   857  C CB    . ALA A 1 124 ? -10.811 -2.430  -2.545  1.00 26.89 ? 124 ALA A CB    1 
ATOM   858  N N     . GLY A 1 125 ? -8.141  -0.855  -1.907  1.00 21.83 ? 125 GLY A N     1 
ATOM   859  C CA    . GLY A 1 125 ? -6.875  -0.303  -2.351  1.00 21.25 ? 125 GLY A CA    1 
ATOM   860  C C     . GLY A 1 125 ? -5.731  -0.715  -1.439  1.00 22.88 ? 125 GLY A C     1 
ATOM   861  O O     . GLY A 1 125 ? -4.633  -1.016  -1.904  1.00 21.19 ? 125 GLY A O     1 
ATOM   862  N N     . ALA A 1 126 ? -5.982  -0.720  -0.135  1.00 22.15 ? 126 ALA A N     1 
ATOM   863  C CA    . ALA A 1 126 ? -4.958  -1.113  0.826   1.00 24.48 ? 126 ALA A CA    1 
ATOM   864  C C     . ALA A 1 126 ? -4.476  -2.527  0.495   1.00 24.46 ? 126 ALA A C     1 
ATOM   865  O O     . ALA A 1 126 ? -3.276  -2.784  0.392   1.00 24.49 ? 126 ALA A O     1 
ATOM   866  C CB    . ALA A 1 126 ? -5.529  -1.071  2.240   1.00 23.64 ? 126 ALA A CB    1 
ATOM   867  N N     . ALA A 1 127 ? -5.425  -3.440  0.324   1.00 26.00 ? 127 ALA A N     1 
ATOM   868  C CA    . ALA A 1 127 ? -5.095  -4.823  0.007   1.00 26.98 ? 127 ALA A CA    1 
ATOM   869  C C     . ALA A 1 127 ? -4.346  -4.902  -1.316  1.00 26.85 ? 127 ALA A C     1 
ATOM   870  O O     . ALA A 1 127 ? -3.323  -5.586  -1.429  1.00 25.21 ? 127 ALA A O     1 
ATOM   871  C CB    . ALA A 1 127 ? -6.372  -5.665  -0.062  1.00 24.68 ? 127 ALA A CB    1 
ATOM   872  N N     . ASN A 1 128 ? -4.854  -4.188  -2.317  1.00 26.08 ? 128 ASN A N     1 
ATOM   873  C CA    . ASN A 1 128 ? -4.238  -4.203  -3.633  1.00 25.55 ? 128 ASN A CA    1 
ATOM   874  C C     . ASN A 1 128 ? -2.826  -3.642  -3.645  1.00 24.77 ? 128 ASN A C     1 
ATOM   875  O O     . ASN A 1 128 ? -1.977  -4.107  -4.410  1.00 25.90 ? 128 ASN A O     1 
ATOM   876  C CB    . ASN A 1 128 ? -5.130  -3.470  -4.644  1.00 23.08 ? 128 ASN A CB    1 
ATOM   877  C CG    . ASN A 1 128 ? -6.266  -4.346  -5.156  1.00 23.49 ? 128 ASN A CG    1 
ATOM   878  O OD1   . ASN A 1 128 ? -7.143  -3.887  -5.891  1.00 26.50 ? 128 ASN A OD1   1 
ATOM   879  N ND2   . ASN A 1 128 ? -6.249  -5.617  -4.772  1.00 22.76 ? 128 ASN A ND2   1 
ATOM   880  N N     . ALA A 1 129 ? -2.565  -2.653  -2.799  1.00 23.17 ? 129 ALA A N     1 
ATOM   881  C CA    . ALA A 1 129 ? -1.228  -2.072  -2.729  1.00 23.66 ? 129 ALA A CA    1 
ATOM   882  C C     . ALA A 1 129 ? -0.231  -3.134  -2.249  1.00 23.56 ? 129 ALA A C     1 
ATOM   883  O O     . ALA A 1 129 ? 0.921   -3.175  -2.687  1.00 23.35 ? 129 ALA A O     1 
ATOM   884  C CB    . ALA A 1 129 ? -1.223  -0.877  -1.780  1.00 24.90 ? 129 ALA A CB    1 
ATOM   885  N N     . ALA A 1 130 ? -0.687  -3.996  -1.346  1.00 24.55 ? 130 ALA A N     1 
ATOM   886  C CA    . ALA A 1 130 ? 0.161   -5.057  -0.816  1.00 25.51 ? 130 ALA A CA    1 
ATOM   887  C C     . ALA A 1 130 ? 0.372   -6.094  -1.907  1.00 25.43 ? 130 ALA A C     1 
ATOM   888  O O     . ALA A 1 130 ? 1.483   -6.590  -2.098  1.00 26.39 ? 130 ALA A O     1 
ATOM   889  C CB    . ALA A 1 130 ? -0.496  -5.693  0.402   1.00 25.97 ? 130 ALA A CB    1 
ATOM   890  N N     . LEU A 1 131 ? -0.699  -6.410  -2.629  1.00 24.08 ? 131 LEU A N     1 
ATOM   891  C CA    . LEU A 1 131 ? -0.623  -7.381  -3.712  1.00 24.32 ? 131 LEU A CA    1 
ATOM   892  C C     . LEU A 1 131 ? 0.305   -6.885  -4.811  1.00 26.02 ? 131 LEU A C     1 
ATOM   893  O O     . LEU A 1 131 ? 1.113   -7.649  -5.346  1.00 26.44 ? 131 LEU A O     1 
ATOM   894  C CB    . LEU A 1 131 ? -2.017  -7.652  -4.280  1.00 22.87 ? 131 LEU A CB    1 
ATOM   895  C CG    . LEU A 1 131 ? -2.934  -8.493  -3.392  1.00 23.41 ? 131 LEU A CG    1 
ATOM   896  C CD1   . LEU A 1 131 ? -4.350  -8.514  -3.949  1.00 24.34 ? 131 LEU A CD1   1 
ATOM   897  C CD2   . LEU A 1 131 ? -2.378  -9.908  -3.321  1.00 24.49 ? 131 LEU A CD2   1 
ATOM   898  N N     . LEU A 1 132 ? 0.195   -5.603  -5.143  1.00 25.70 ? 132 LEU A N     1 
ATOM   899  C CA    . LEU A 1 132 ? 1.043   -5.030  -6.181  1.00 25.95 ? 132 LEU A CA    1 
ATOM   900  C C     . LEU A 1 132 ? 2.490   -5.047  -5.718  1.00 26.46 ? 132 LEU A C     1 
ATOM   901  O O     . LEU A 1 132 ? 3.386   -5.412  -6.472  1.00 27.41 ? 132 LEU A O     1 
ATOM   902  C CB    . LEU A 1 132 ? 0.616   -3.595  -6.502  1.00 26.14 ? 132 LEU A CB    1 
ATOM   903  C CG    . LEU A 1 132 ? 1.415   -2.909  -7.618  1.00 25.33 ? 132 LEU A CG    1 
ATOM   904  C CD1   . LEU A 1 132 ? 1.449   -3.804  -8.854  1.00 24.08 ? 132 LEU A CD1   1 
ATOM   905  C CD2   . LEU A 1 132 ? 0.788   -1.556  -7.945  1.00 24.78 ? 132 LEU A CD2   1 
ATOM   906  N N     . ALA A 1 133 ? 2.717   -4.652  -4.471  1.00 27.18 ? 133 ALA A N     1 
ATOM   907  C CA    . ALA A 1 133 ? 4.066   -4.638  -3.917  1.00 25.85 ? 133 ALA A CA    1 
ATOM   908  C C     . ALA A 1 133 ? 4.622   -6.061  -3.932  1.00 25.95 ? 133 ALA A C     1 
ATOM   909  O O     . ALA A 1 133 ? 5.799   -6.281  -4.219  1.00 27.57 ? 133 ALA A O     1 
ATOM   910  C CB    . ALA A 1 133 ? 4.041   -4.095  -2.491  1.00 24.08 ? 133 ALA A CB    1 
ATOM   911  N N     . ALA A 1 134 ? 3.764   -7.025  -3.622  1.00 27.78 ? 134 ALA A N     1 
ATOM   912  C CA    . ALA A 1 134 ? 4.160   -8.425  -3.604  1.00 27.16 ? 134 ALA A CA    1 
ATOM   913  C C     . ALA A 1 134 ? 4.524   -8.878  -5.013  1.00 28.72 ? 134 ALA A C     1 
ATOM   914  O O     . ALA A 1 134 ? 5.501   -9.606  -5.210  1.00 29.18 ? 134 ALA A O     1 
ATOM   915  C CB    . ALA A 1 134 ? 3.028   -9.280  -3.050  1.00 26.34 ? 134 ALA A CB    1 
ATOM   916  N N     . GLN A 1 135 ? 3.740   -8.448  -5.998  1.00 27.22 ? 135 GLN A N     1 
ATOM   917  C CA    . GLN A 1 135 ? 4.020   -8.826  -7.377  1.00 28.58 ? 135 GLN A CA    1 
ATOM   918  C C     . GLN A 1 135 ? 5.356   -8.233  -7.802  1.00 28.33 ? 135 GLN A C     1 
ATOM   919  O O     . GLN A 1 135 ? 6.085   -8.837  -8.581  1.00 27.84 ? 135 GLN A O     1 
ATOM   920  C CB    . GLN A 1 135 ? 2.900   -8.354  -8.309  1.00 26.99 ? 135 GLN A CB    1 
ATOM   921  C CG    . GLN A 1 135 ? 1.562   -9.014  -8.008  1.00 27.35 ? 135 GLN A CG    1 
ATOM   922  C CD    . GLN A 1 135 ? 0.451   -8.597  -8.957  1.00 29.31 ? 135 GLN A CD    1 
ATOM   923  O OE1   . GLN A 1 135 ? -0.732  -8.731  -8.635  1.00 31.05 ? 135 GLN A OE1   1 
ATOM   924  N NE2   . GLN A 1 135 ? 0.823   -8.103  -10.134 1.00 27.57 ? 135 GLN A NE2   1 
ATOM   925  N N     . ILE A 1 136 ? 5.676   -7.052  -7.282  1.00 28.61 ? 136 ILE A N     1 
ATOM   926  C CA    . ILE A 1 136 ? 6.941   -6.405  -7.603  1.00 28.91 ? 136 ILE A CA    1 
ATOM   927  C C     . ILE A 1 136 ? 8.086   -7.240  -7.021  1.00 29.97 ? 136 ILE A C     1 
ATOM   928  O O     . ILE A 1 136 ? 9.086   -7.506  -7.694  1.00 28.11 ? 136 ILE A O     1 
ATOM   929  C CB    . ILE A 1 136 ? 6.989   -4.961  -7.034  1.00 28.26 ? 136 ILE A CB    1 
ATOM   930  C CG1   . ILE A 1 136 ? 6.050   -4.059  -7.843  1.00 29.40 ? 136 ILE A CG1   1 
ATOM   931  C CG2   . ILE A 1 136 ? 8.408   -4.419  -7.076  1.00 27.16 ? 136 ILE A CG2   1 
ATOM   932  C CD1   . ILE A 1 136 ? 6.022   -2.611  -7.382  1.00 31.15 ? 136 ILE A CD1   1 
ATOM   933  N N     . LEU A 1 137 ? 7.922   -7.666  -5.774  1.00 29.83 ? 137 LEU A N     1 
ATOM   934  C CA    . LEU A 1 137 ? 8.931   -8.481  -5.104  1.00 30.32 ? 137 LEU A CA    1 
ATOM   935  C C     . LEU A 1 137 ? 9.060   -9.854  -5.766  1.00 29.90 ? 137 LEU A C     1 
ATOM   936  O O     . LEU A 1 137 ? 10.159  -10.390 -5.896  1.00 30.13 ? 137 LEU A O     1 
ATOM   937  C CB    . LEU A 1 137 ? 8.572   -8.653  -3.623  1.00 29.11 ? 137 LEU A CB    1 
ATOM   938  C CG    . LEU A 1 137 ? 8.630   -7.395  -2.748  1.00 30.95 ? 137 LEU A CG    1 
ATOM   939  C CD1   . LEU A 1 137 ? 8.065   -7.693  -1.366  1.00 31.13 ? 137 LEU A CD1   1 
ATOM   940  C CD2   . LEU A 1 137 ? 10.070  -6.912  -2.645  1.00 32.26 ? 137 LEU A CD2   1 
ATOM   941  N N     . ALA A 1 138 ? 7.935   -10.408 -6.198  1.00 30.18 ? 138 ALA A N     1 
ATOM   942  C CA    . ALA A 1 138 ? 7.917   -11.723 -6.830  1.00 32.74 ? 138 ALA A CA    1 
ATOM   943  C C     . ALA A 1 138 ? 8.772   -11.794 -8.087  1.00 34.61 ? 138 ALA A C     1 
ATOM   944  O O     . ALA A 1 138 ? 9.230   -12.872 -8.472  1.00 36.48 ? 138 ALA A O     1 
ATOM   945  C CB    . ALA A 1 138 ? 6.486   -12.120 -7.151  1.00 30.36 ? 138 ALA A CB    1 
ATOM   946  N N     . THR A 1 139 ? 8.980   -10.652 -8.732  1.00 36.45 ? 139 THR A N     1 
ATOM   947  C CA    . THR A 1 139 ? 9.795   -10.599 -9.942  1.00 38.74 ? 139 THR A CA    1 
ATOM   948  C C     . THR A 1 139 ? 11.174  -11.216 -9.689  1.00 39.71 ? 139 THR A C     1 
ATOM   949  O O     . THR A 1 139 ? 11.816  -11.733 -10.607 1.00 39.02 ? 139 THR A O     1 
ATOM   950  C CB    . THR A 1 139 ? 9.989   -9.143  -10.416 1.00 39.78 ? 139 THR A CB    1 
ATOM   951  O OG1   . THR A 1 139 ? 8.717   -8.579  -10.755 1.00 42.13 ? 139 THR A OG1   1 
ATOM   952  C CG2   . THR A 1 139 ? 10.899  -9.090  -11.636 1.00 42.44 ? 139 THR A CG2   1 
ATOM   953  N N     . HIS A 1 140 ? 11.616  -11.158 -8.438  1.00 40.27 ? 140 HIS A N     1 
ATOM   954  C CA    . HIS A 1 140 ? 12.916  -11.696 -8.060  1.00 40.95 ? 140 HIS A CA    1 
ATOM   955  C C     . HIS A 1 140 ? 12.829  -12.654 -6.879  1.00 40.19 ? 140 HIS A C     1 
ATOM   956  O O     . HIS A 1 140 ? 13.838  -12.958 -6.247  1.00 41.91 ? 140 HIS A O     1 
ATOM   957  C CB    . HIS A 1 140 ? 13.879  -10.559 -7.712  1.00 41.71 ? 140 HIS A CB    1 
ATOM   958  C CG    . HIS A 1 140 ? 14.222  -9.679  -8.873  1.00 43.78 ? 140 HIS A CG    1 
ATOM   959  N ND1   . HIS A 1 140 ? 13.350  -8.740  -9.382  1.00 45.74 ? 140 HIS A ND1   1 
ATOM   960  C CD2   . HIS A 1 140 ? 15.339  -9.607  -9.637  1.00 44.56 ? 140 HIS A CD2   1 
ATOM   961  C CE1   . HIS A 1 140 ? 13.915  -8.126  -10.407 1.00 45.01 ? 140 HIS A CE1   1 
ATOM   962  N NE2   . HIS A 1 140 ? 15.121  -8.635  -10.583 1.00 45.19 ? 140 HIS A NE2   1 
ATOM   963  N N     . ASP A 1 141 ? 11.625  -13.122 -6.576  1.00 39.65 ? 141 ASP A N     1 
ATOM   964  C CA    . ASP A 1 141 ? 11.429  -14.060 -5.477  1.00 39.12 ? 141 ASP A CA    1 
ATOM   965  C C     . ASP A 1 141 ? 10.516  -15.178 -5.968  1.00 38.76 ? 141 ASP A C     1 
ATOM   966  O O     . ASP A 1 141 ? 9.293   -15.077 -5.889  1.00 37.16 ? 141 ASP A O     1 
ATOM   967  C CB    . ASP A 1 141 ? 10.795  -13.361 -4.274  1.00 38.53 ? 141 ASP A CB    1 
ATOM   968  C CG    . ASP A 1 141 ? 10.749  -14.249 -3.041  1.00 39.88 ? 141 ASP A CG    1 
ATOM   969  O OD1   . ASP A 1 141 ? 10.582  -15.476 -3.196  1.00 37.82 ? 141 ASP A OD1   1 
ATOM   970  O OD2   . ASP A 1 141 ? 10.865  -13.717 -1.916  1.00 41.15 ? 141 ASP A OD2   1 
ATOM   971  N N     . LYS A 1 142 ? 11.125  -16.240 -6.478  1.00 38.45 ? 142 LYS A N     1 
ATOM   972  C CA    . LYS A 1 142 ? 10.387  -17.378 -7.006  1.00 39.51 ? 142 LYS A CA    1 
ATOM   973  C C     . LYS A 1 142 ? 9.362   -17.928 -6.023  1.00 38.26 ? 142 LYS A C     1 
ATOM   974  O O     . LYS A 1 142 ? 8.240   -18.248 -6.406  1.00 37.18 ? 142 LYS A O     1 
ATOM   975  C CB    . LYS A 1 142 ? 11.364  -18.483 -7.407  1.00 42.66 ? 142 LYS A CB    1 
ATOM   976  C CG    . LYS A 1 142 ? 12.457  -17.994 -8.346  1.00 48.39 ? 142 LYS A CG    1 
ATOM   977  C CD    . LYS A 1 142 ? 11.876  -17.533 -9.675  1.00 52.38 ? 142 LYS A CD    1 
ATOM   978  C CE    . LYS A 1 142 ? 12.864  -16.669 -10.453 1.00 53.92 ? 142 LYS A CE    1 
ATOM   979  N NZ    . LYS A 1 142 ? 13.055  -15.337 -9.809  1.00 54.31 ? 142 LYS A NZ    1 
ATOM   980  N N     . GLU A 1 143 ? 9.746   -18.041 -4.758  1.00 38.72 ? 143 GLU A N     1 
ATOM   981  C CA    . GLU A 1 143 ? 8.827   -18.561 -3.752  1.00 39.83 ? 143 GLU A CA    1 
ATOM   982  C C     . GLU A 1 143 ? 7.584   -17.685 -3.632  1.00 38.00 ? 143 GLU A C     1 
ATOM   983  O O     . GLU A 1 143 ? 6.463   -18.174 -3.760  1.00 37.90 ? 143 GLU A O     1 
ATOM   984  C CB    . GLU A 1 143 ? 9.524   -18.671 -2.392  1.00 42.42 ? 143 GLU A CB    1 
ATOM   985  C CG    . GLU A 1 143 ? 10.523  -19.816 -2.303  1.00 47.22 ? 143 GLU A CG    1 
ATOM   986  C CD    . GLU A 1 143 ? 11.215  -19.874 -0.956  1.00 51.17 ? 143 GLU A CD    1 
ATOM   987  O OE1   . GLU A 1 143 ? 11.957  -18.923 -0.627  1.00 53.81 ? 143 GLU A OE1   1 
ATOM   988  O OE2   . GLU A 1 143 ? 11.013  -20.868 -0.225  1.00 53.30 ? 143 GLU A OE2   1 
ATOM   989  N N     . LEU A 1 144 ? 7.784   -16.393 -3.393  1.00 36.96 ? 144 LEU A N     1 
ATOM   990  C CA    . LEU A 1 144 ? 6.662   -15.471 -3.261  1.00 36.17 ? 144 LEU A CA    1 
ATOM   991  C C     . LEU A 1 144 ? 5.819   -15.487 -4.532  1.00 35.80 ? 144 LEU A C     1 
ATOM   992  O O     . LEU A 1 144 ? 4.588   -15.474 -4.474  1.00 34.97 ? 144 LEU A O     1 
ATOM   993  C CB    . LEU A 1 144 ? 7.169   -14.052 -2.992  1.00 35.75 ? 144 LEU A CB    1 
ATOM   994  C CG    . LEU A 1 144 ? 6.109   -12.945 -2.973  1.00 33.50 ? 144 LEU A CG    1 
ATOM   995  C CD1   . LEU A 1 144 ? 5.076   -13.229 -1.887  1.00 34.26 ? 144 LEU A CD1   1 
ATOM   996  C CD2   . LEU A 1 144 ? 6.781   -11.605 -2.735  1.00 32.55 ? 144 LEU A CD2   1 
ATOM   997  N N     . HIS A 1 145 ? 6.490   -15.523 -5.679  1.00 36.75 ? 145 HIS A N     1 
ATOM   998  C CA    . HIS A 1 145 ? 5.807   -15.550 -6.966  1.00 36.62 ? 145 HIS A CA    1 
ATOM   999  C C     . HIS A 1 145 ? 4.867   -16.743 -6.993  1.00 36.84 ? 145 HIS A C     1 
ATOM   1000 O O     . HIS A 1 145 ? 3.747   -16.654 -7.493  1.00 36.22 ? 145 HIS A O     1 
ATOM   1001 C CB    . HIS A 1 145 ? 6.826   -15.657 -8.102  1.00 37.37 ? 145 HIS A CB    1 
ATOM   1002 C CG    . HIS A 1 145 ? 6.225   -15.544 -9.467  1.00 39.08 ? 145 HIS A CG    1 
ATOM   1003 N ND1   . HIS A 1 145 ? 5.496   -16.559 -10.049 1.00 40.71 ? 145 HIS A ND1   1 
ATOM   1004 C CD2   . HIS A 1 145 ? 6.242   -14.532 -10.368 1.00 40.00 ? 145 HIS A CD2   1 
ATOM   1005 C CE1   . HIS A 1 145 ? 5.091   -16.179 -11.248 1.00 40.79 ? 145 HIS A CE1   1 
ATOM   1006 N NE2   . HIS A 1 145 ? 5.530   -14.953 -11.466 1.00 41.09 ? 145 HIS A NE2   1 
ATOM   1007 N N     . GLN A 1 146 ? 5.330   -17.857 -6.435  1.00 36.42 ? 146 GLN A N     1 
ATOM   1008 C CA    . GLN A 1 146 ? 4.533   -19.074 -6.382  1.00 35.88 ? 146 GLN A CA    1 
ATOM   1009 C C     . GLN A 1 146 ? 3.333   -18.900 -5.455  1.00 34.83 ? 146 GLN A C     1 
ATOM   1010 O O     . GLN A 1 146 ? 2.208   -19.260 -5.803  1.00 32.35 ? 146 GLN A O     1 
ATOM   1011 C CB    . GLN A 1 146 ? 5.390   -20.247 -5.893  1.00 36.84 ? 146 GLN A CB    1 
ATOM   1012 C CG    . GLN A 1 146 ? 4.650   -21.571 -5.868  1.00 38.15 ? 146 GLN A CG    1 
ATOM   1013 C CD    . GLN A 1 146 ? 4.103   -21.949 -7.231  1.00 40.72 ? 146 GLN A CD    1 
ATOM   1014 O OE1   . GLN A 1 146 ? 4.845   -22.020 -8.209  1.00 43.67 ? 146 GLN A OE1   1 
ATOM   1015 N NE2   . GLN A 1 146 ? 2.799   -22.196 -7.303  1.00 43.03 ? 146 GLN A NE2   1 
ATOM   1016 N N     . ARG A 1 147 ? 3.575   -18.348 -4.270  1.00 34.40 ? 147 ARG A N     1 
ATOM   1017 C CA    . ARG A 1 147 ? 2.496   -18.142 -3.315  1.00 33.27 ? 147 ARG A CA    1 
ATOM   1018 C C     . ARG A 1 147 ? 1.452   -17.196 -3.897  1.00 32.15 ? 147 ARG A C     1 
ATOM   1019 O O     . ARG A 1 147 ? 0.256   -17.382 -3.688  1.00 30.79 ? 147 ARG A O     1 
ATOM   1020 C CB    . ARG A 1 147 ? 3.049   -17.601 -1.990  1.00 33.69 ? 147 ARG A CB    1 
ATOM   1021 C CG    . ARG A 1 147 ? 4.020   -18.565 -1.304  1.00 34.93 ? 147 ARG A CG    1 
ATOM   1022 C CD    . ARG A 1 147 ? 4.135   -18.300 0.190   1.00 36.58 ? 147 ARG A CD    1 
ATOM   1023 N NE    . ARG A 1 147 ? 4.844   -17.063 0.504   1.00 37.74 ? 147 ARG A NE    1 
ATOM   1024 C CZ    . ARG A 1 147 ? 6.162   -16.911 0.414   1.00 39.14 ? 147 ARG A CZ    1 
ATOM   1025 N NH1   . ARG A 1 147 ? 6.720   -15.746 0.723   1.00 39.68 ? 147 ARG A NH1   1 
ATOM   1026 N NH2   . ARG A 1 147 ? 6.922   -17.925 0.022   1.00 39.24 ? 147 ARG A NH2   1 
ATOM   1027 N N     . LEU A 1 148 ? 1.910   -16.188 -4.633  1.00 31.96 ? 148 LEU A N     1 
ATOM   1028 C CA    . LEU A 1 148 ? 1.003   -15.235 -5.262  1.00 32.88 ? 148 LEU A CA    1 
ATOM   1029 C C     . LEU A 1 148 ? 0.109   -15.971 -6.247  1.00 32.88 ? 148 LEU A C     1 
ATOM   1030 O O     . LEU A 1 148 ? -1.107  -15.770 -6.284  1.00 34.00 ? 148 LEU A O     1 
ATOM   1031 C CB    . LEU A 1 148 ? 1.793   -14.158 -6.010  1.00 31.48 ? 148 LEU A CB    1 
ATOM   1032 C CG    . LEU A 1 148 ? 2.038   -12.837 -5.281  1.00 31.96 ? 148 LEU A CG    1 
ATOM   1033 C CD1   . LEU A 1 148 ? 2.998   -11.981 -6.085  1.00 32.81 ? 148 LEU A CD1   1 
ATOM   1034 C CD2   . LEU A 1 148 ? 0.711   -12.114 -5.072  1.00 31.59 ? 148 LEU A CD2   1 
ATOM   1035 N N     . ASN A 1 149 ? 0.735   -16.826 -7.046  1.00 33.71 ? 149 ASN A N     1 
ATOM   1036 C CA    . ASN A 1 149 ? 0.036   -17.608 -8.048  1.00 33.88 ? 149 ASN A CA    1 
ATOM   1037 C C     . ASN A 1 149 ? -1.029  -18.492 -7.411  1.00 33.01 ? 149 ASN A C     1 
ATOM   1038 O O     . ASN A 1 149 ? -2.148  -18.594 -7.920  1.00 32.17 ? 149 ASN A O     1 
ATOM   1039 C CB    . ASN A 1 149 ? 1.035   -18.476 -8.811  1.00 37.93 ? 149 ASN A CB    1 
ATOM   1040 C CG    . ASN A 1 149 ? 0.643   -18.675 -10.253 1.00 41.63 ? 149 ASN A CG    1 
ATOM   1041 O OD1   . ASN A 1 149 ? 0.594   -17.719 -11.031 1.00 44.88 ? 149 ASN A OD1   1 
ATOM   1042 N ND2   . ASN A 1 149 ? 0.359   -19.916 -10.625 1.00 44.34 ? 149 ASN A ND2   1 
ATOM   1043 N N     . ASP A 1 150 ? -0.679  -19.139 -6.302  1.00 31.30 ? 150 ASP A N     1 
ATOM   1044 C CA    . ASP A 1 150 ? -1.624  -20.008 -5.605  1.00 32.23 ? 150 ASP A CA    1 
ATOM   1045 C C     . ASP A 1 150 ? -2.791  -19.195 -5.073  1.00 30.22 ? 150 ASP A C     1 
ATOM   1046 O O     . ASP A 1 150 ? -3.939  -19.620 -5.149  1.00 30.60 ? 150 ASP A O     1 
ATOM   1047 C CB    . ASP A 1 150 ? -0.950  -20.736 -4.438  1.00 33.05 ? 150 ASP A CB    1 
ATOM   1048 C CG    . ASP A 1 150 ? 0.144   -21.683 -4.895  1.00 37.65 ? 150 ASP A CG    1 
ATOM   1049 O OD1   . ASP A 1 150 ? 0.004   -22.265 -5.993  1.00 36.61 ? 150 ASP A OD1   1 
ATOM   1050 O OD2   . ASP A 1 150 ? 1.135   -21.853 -4.150  1.00 38.17 ? 150 ASP A OD2   1 
ATOM   1051 N N     . TRP A 1 151 ? -2.487  -18.023 -4.529  1.00 29.87 ? 151 TRP A N     1 
ATOM   1052 C CA    . TRP A 1 151 ? -3.523  -17.156 -3.988  1.00 31.12 ? 151 TRP A CA    1 
ATOM   1053 C C     . TRP A 1 151 ? -4.504  -16.762 -5.091  1.00 29.57 ? 151 TRP A C     1 
ATOM   1054 O O     . TRP A 1 151 ? -5.715  -16.860 -4.918  1.00 29.91 ? 151 TRP A O     1 
ATOM   1055 C CB    . TRP A 1 151 ? -2.900  -15.901 -3.381  1.00 32.39 ? 151 TRP A CB    1 
ATOM   1056 C CG    . TRP A 1 151 ? -3.867  -15.113 -2.557  1.00 34.07 ? 151 TRP A CG    1 
ATOM   1057 C CD1   . TRP A 1 151 ? -4.271  -15.388 -1.283  1.00 34.66 ? 151 TRP A CD1   1 
ATOM   1058 C CD2   . TRP A 1 151 ? -4.591  -13.947 -2.967  1.00 34.21 ? 151 TRP A CD2   1 
ATOM   1059 N NE1   . TRP A 1 151 ? -5.204  -14.464 -0.873  1.00 36.68 ? 151 TRP A NE1   1 
ATOM   1060 C CE2   . TRP A 1 151 ? -5.419  -13.569 -1.888  1.00 35.93 ? 151 TRP A CE2   1 
ATOM   1061 C CE3   . TRP A 1 151 ? -4.622  -13.186 -4.142  1.00 36.19 ? 151 TRP A CE3   1 
ATOM   1062 C CZ2   . TRP A 1 151 ? -6.271  -12.459 -1.947  1.00 36.29 ? 151 TRP A CZ2   1 
ATOM   1063 C CZ3   . TRP A 1 151 ? -5.471  -12.080 -4.203  1.00 35.41 ? 151 TRP A CZ3   1 
ATOM   1064 C CH2   . TRP A 1 151 ? -6.282  -11.730 -3.110  1.00 35.92 ? 151 TRP A CH2   1 
ATOM   1065 N N     . ARG A 1 152 ? -3.983  -16.317 -6.228  1.00 29.64 ? 152 ARG A N     1 
ATOM   1066 C CA    . ARG A 1 152 ? -4.858  -15.933 -7.329  1.00 29.73 ? 152 ARG A CA    1 
ATOM   1067 C C     . ARG A 1 152 ? -5.716  -17.099 -7.774  1.00 29.59 ? 152 ARG A C     1 
ATOM   1068 O O     . ARG A 1 152 ? -6.898  -16.928 -8.069  1.00 31.47 ? 152 ARG A O     1 
ATOM   1069 C CB    . ARG A 1 152 ? -4.051  -15.424 -8.522  1.00 28.60 ? 152 ARG A CB    1 
ATOM   1070 C CG    . ARG A 1 152 ? -3.604  -13.991 -8.380  1.00 25.98 ? 152 ARG A CG    1 
ATOM   1071 C CD    . ARG A 1 152 ? -3.595  -13.315 -9.736  1.00 24.82 ? 152 ARG A CD    1 
ATOM   1072 N NE    . ARG A 1 152 ? -3.270  -11.899 -9.624  1.00 22.83 ? 152 ARG A NE    1 
ATOM   1073 C CZ    . ARG A 1 152 ? -3.112  -11.092 -10.662 1.00 21.02 ? 152 ARG A CZ    1 
ATOM   1074 N NH1   . ARG A 1 152 ? -3.250  -11.567 -11.893 1.00 22.71 ? 152 ARG A NH1   1 
ATOM   1075 N NH2   . ARG A 1 152 ? -2.812  -9.818  -10.471 1.00 19.17 ? 152 ARG A NH2   1 
ATOM   1076 N N     . LYS A 1 153 ? -5.118  -18.286 -7.828  1.00 31.51 ? 153 LYS A N     1 
ATOM   1077 C CA    . LYS A 1 153 ? -5.853  -19.477 -8.237  1.00 32.62 ? 153 LYS A CA    1 
ATOM   1078 C C     . LYS A 1 153 ? -7.021  -19.700 -7.293  1.00 29.98 ? 153 LYS A C     1 
ATOM   1079 O O     . LYS A 1 153 ? -8.141  -19.979 -7.725  1.00 30.79 ? 153 LYS A O     1 
ATOM   1080 C CB    . LYS A 1 153 ? -4.960  -20.726 -8.203  1.00 34.64 ? 153 LYS A CB    1 
ATOM   1081 C CG    . LYS A 1 153 ? -3.758  -20.724 -9.133  1.00 41.51 ? 153 LYS A CG    1 
ATOM   1082 C CD    . LYS A 1 153 ? -3.191  -22.147 -9.250  1.00 44.42 ? 153 LYS A CD    1 
ATOM   1083 C CE    . LYS A 1 153 ? -1.838  -22.199 -9.964  1.00 45.93 ? 153 LYS A CE    1 
ATOM   1084 N NZ    . LYS A 1 153 ? -0.733  -21.673 -9.113  1.00 46.08 ? 153 LYS A NZ    1 
ATOM   1085 N N     . ALA A 1 154 ? -6.746  -19.587 -5.997  1.00 29.95 ? 154 ALA A N     1 
ATOM   1086 C CA    . ALA A 1 154 ? -7.766  -19.791 -4.976  1.00 28.75 ? 154 ALA A CA    1 
ATOM   1087 C C     . ALA A 1 154 ? -8.904  -18.790 -5.112  1.00 28.76 ? 154 ALA A C     1 
ATOM   1088 O O     . ALA A 1 154 ? -10.073 -19.144 -4.940  1.00 29.33 ? 154 ALA A O     1 
ATOM   1089 C CB    . ALA A 1 154 ? -7.146  -19.690 -3.587  1.00 28.80 ? 154 ALA A CB    1 
ATOM   1090 N N     . GLN A 1 155 ? -8.568  -17.541 -5.419  1.00 29.28 ? 155 GLN A N     1 
ATOM   1091 C CA    . GLN A 1 155 ? -9.598  -16.521 -5.566  1.00 28.93 ? 155 GLN A CA    1 
ATOM   1092 C C     . GLN A 1 155 ? -10.474 -16.868 -6.764  1.00 29.28 ? 155 GLN A C     1 
ATOM   1093 O O     . GLN A 1 155 ? -11.703 -16.855 -6.670  1.00 29.00 ? 155 GLN A O     1 
ATOM   1094 C CB    . GLN A 1 155 ? -8.967  -15.136 -5.759  1.00 31.61 ? 155 GLN A CB    1 
ATOM   1095 C CG    . GLN A 1 155 ? -7.952  -14.735 -4.687  1.00 33.43 ? 155 GLN A CG    1 
ATOM   1096 C CD    . GLN A 1 155 ? -8.343  -15.187 -3.284  1.00 37.46 ? 155 GLN A CD    1 
ATOM   1097 O OE1   . GLN A 1 155 ? -7.675  -16.036 -2.686  1.00 39.95 ? 155 GLN A OE1   1 
ATOM   1098 N NE2   . GLN A 1 155 ? -9.423  -14.623 -2.754  1.00 34.02 ? 155 GLN A NE2   1 
ATOM   1099 N N     . THR A 1 156 ? -9.835  -17.200 -7.884  1.00 29.90 ? 156 THR A N     1 
ATOM   1100 C CA    . THR A 1 156 ? -10.555 -17.556 -9.104  1.00 30.20 ? 156 THR A CA    1 
ATOM   1101 C C     . THR A 1 156 ? -11.443 -18.780 -8.897  1.00 30.52 ? 156 THR A C     1 
ATOM   1102 O O     . THR A 1 156 ? -12.638 -18.749 -9.194  1.00 29.21 ? 156 THR A O     1 
ATOM   1103 C CB    . THR A 1 156 ? -9.575  -17.842 -10.265 1.00 29.47 ? 156 THR A CB    1 
ATOM   1104 O OG1   . THR A 1 156 ? -8.866  -16.643 -10.598 1.00 30.01 ? 156 THR A OG1   1 
ATOM   1105 C CG2   . THR A 1 156 ? -10.322 -18.338 -11.495 1.00 31.31 ? 156 THR A CG2   1 
ATOM   1106 N N     . ASP A 1 157 ? -10.861 -19.857 -8.383  1.00 32.27 ? 157 ASP A N     1 
ATOM   1107 C CA    . ASP A 1 157 ? -11.623 -21.075 -8.155  1.00 33.37 ? 157 ASP A CA    1 
ATOM   1108 C C     . ASP A 1 157 ? -12.817 -20.882 -7.224  1.00 32.64 ? 157 ASP A C     1 
ATOM   1109 O O     . ASP A 1 157 ? -13.846 -21.537 -7.396  1.00 32.96 ? 157 ASP A O     1 
ATOM   1110 C CB    . ASP A 1 157 ? -10.717 -22.183 -7.613  1.00 37.27 ? 157 ASP A CB    1 
ATOM   1111 C CG    . ASP A 1 157 ? -9.726  -22.681 -8.648  1.00 39.57 ? 157 ASP A CG    1 
ATOM   1112 O OD1   . ASP A 1 157 ? -10.090 -22.734 -9.843  1.00 41.70 ? 157 ASP A OD1   1 
ATOM   1113 O OD2   . ASP A 1 157 ? -8.592  -23.032 -8.266  1.00 41.66 ? 157 ASP A OD2   1 
ATOM   1114 N N     . GLU A 1 158 ? -12.699 -19.988 -6.245  1.00 31.70 ? 158 GLU A N     1 
ATOM   1115 C CA    . GLU A 1 158 ? -13.815 -19.768 -5.333  1.00 31.87 ? 158 GLU A CA    1 
ATOM   1116 C C     . GLU A 1 158 ? -15.018 -19.243 -6.109  1.00 32.22 ? 158 GLU A C     1 
ATOM   1117 O O     . GLU A 1 158 ? -16.152 -19.643 -5.857  1.00 30.99 ? 158 GLU A O     1 
ATOM   1118 C CB    . GLU A 1 158 ? -13.441 -18.778 -4.230  1.00 34.79 ? 158 GLU A CB    1 
ATOM   1119 C CG    . GLU A 1 158 ? -14.506 -18.657 -3.145  1.00 39.06 ? 158 GLU A CG    1 
ATOM   1120 C CD    . GLU A 1 158 ? -14.022 -17.887 -1.929  1.00 42.45 ? 158 GLU A CD    1 
ATOM   1121 O OE1   . GLU A 1 158 ? -13.814 -16.662 -2.039  1.00 44.67 ? 158 GLU A OE1   1 
ATOM   1122 O OE2   . GLU A 1 158 ? -13.842 -18.512 -0.861  1.00 44.88 ? 158 GLU A OE2   1 
ATOM   1123 N N     . VAL A 1 159 ? -14.765 -18.346 -7.058  1.00 31.24 ? 159 VAL A N     1 
ATOM   1124 C CA    . VAL A 1 159 ? -15.838 -17.793 -7.869  1.00 29.82 ? 159 VAL A CA    1 
ATOM   1125 C C     . VAL A 1 159 ? -16.344 -18.869 -8.828  1.00 30.08 ? 159 VAL A C     1 
ATOM   1126 O O     . VAL A 1 159 ? -17.549 -19.049 -8.998  1.00 29.28 ? 159 VAL A O     1 
ATOM   1127 C CB    . VAL A 1 159 ? -15.361 -16.567 -8.684  1.00 29.66 ? 159 VAL A CB    1 
ATOM   1128 C CG1   . VAL A 1 159 ? -16.500 -16.037 -9.535  1.00 27.42 ? 159 VAL A CG1   1 
ATOM   1129 C CG2   . VAL A 1 159 ? -14.851 -15.478 -7.747  1.00 28.15 ? 159 VAL A CG2   1 
ATOM   1130 N N     . LEU A 1 160 ? -15.414 -19.595 -9.438  1.00 30.70 ? 160 LEU A N     1 
ATOM   1131 C CA    . LEU A 1 160 ? -15.772 -20.653 -10.377 1.00 31.96 ? 160 LEU A CA    1 
ATOM   1132 C C     . LEU A 1 160 ? -16.641 -21.753 -9.773  1.00 33.45 ? 160 LEU A C     1 
ATOM   1133 O O     . LEU A 1 160 ? -17.546 -22.252 -10.434 1.00 34.87 ? 160 LEU A O     1 
ATOM   1134 C CB    . LEU A 1 160 ? -14.511 -21.271 -10.985 1.00 30.61 ? 160 LEU A CB    1 
ATOM   1135 C CG    . LEU A 1 160 ? -13.693 -20.353 -11.898 1.00 33.80 ? 160 LEU A CG    1 
ATOM   1136 C CD1   . LEU A 1 160 ? -12.432 -21.072 -12.351 1.00 32.82 ? 160 LEU A CD1   1 
ATOM   1137 C CD2   . LEU A 1 160 ? -14.532 -19.935 -13.103 1.00 33.20 ? 160 LEU A CD2   1 
ATOM   1138 N N     . GLU A 1 161 ? -16.382 -22.143 -8.526  1.00 35.14 ? 161 GLU A N     1 
ATOM   1139 C CA    . GLU A 1 161 ? -17.200 -23.194 -7.922  1.00 37.25 ? 161 GLU A CA    1 
ATOM   1140 C C     . GLU A 1 161 ? -18.484 -22.675 -7.271  1.00 36.34 ? 161 GLU A C     1 
ATOM   1141 O O     . GLU A 1 161 ? -19.239 -23.436 -6.668  1.00 34.34 ? 161 GLU A O     1 
ATOM   1142 C CB    . GLU A 1 161 ? -16.378 -24.020 -6.919  1.00 41.48 ? 161 GLU A CB    1 
ATOM   1143 C CG    . GLU A 1 161 ? -15.711 -23.246 -5.795  1.00 47.42 ? 161 GLU A CG    1 
ATOM   1144 C CD    . GLU A 1 161 ? -14.883 -24.153 -4.883  1.00 50.69 ? 161 GLU A CD    1 
ATOM   1145 O OE1   . GLU A 1 161 ? -15.463 -25.077 -4.270  1.00 52.40 ? 161 GLU A OE1   1 
ATOM   1146 O OE2   . GLU A 1 161 ? -13.655 -23.944 -4.779  1.00 52.62 ? 161 GLU A OE2   1 
ATOM   1147 N N     . ASN A 1 162 ? -18.737 -21.377 -7.417  1.00 35.23 ? 162 ASN A N     1 
ATOM   1148 C CA    . ASN A 1 162 ? -19.938 -20.760 -6.862  1.00 35.82 ? 162 ASN A CA    1 
ATOM   1149 C C     . ASN A 1 162 ? -20.554 -19.804 -7.884  1.00 34.81 ? 162 ASN A C     1 
ATOM   1150 O O     . ASN A 1 162 ? -20.713 -18.612 -7.623  1.00 34.86 ? 162 ASN A O     1 
ATOM   1151 C CB    . ASN A 1 162 ? -19.592 -20.018 -5.570  1.00 34.71 ? 162 ASN A CB    1 
ATOM   1152 C CG    . ASN A 1 162 ? -19.186 -20.963 -4.453  1.00 37.63 ? 162 ASN A CG    1 
ATOM   1153 O OD1   . ASN A 1 162 ? -20.009 -21.731 -3.946  1.00 37.41 ? 162 ASN A OD1   1 
ATOM   1154 N ND2   . ASN A 1 162 ? -17.912 -20.922 -4.072  1.00 36.36 ? 162 ASN A ND2   1 
ATOM   1155 N N     . PRO A 1 163 ? -20.922 -20.332 -9.063  1.00 35.87 ? 163 PRO A N     1 
ATOM   1156 C CA    . PRO A 1 163 ? -21.520 -19.590 -10.177 1.00 35.27 ? 163 PRO A CA    1 
ATOM   1157 C C     . PRO A 1 163 ? -22.909 -19.010 -9.930  1.00 35.48 ? 163 PRO A C     1 
ATOM   1158 O O     . PRO A 1 163 ? -23.254 -17.969 -10.486 1.00 35.47 ? 163 PRO A O     1 
ATOM   1159 C CB    . PRO A 1 163 ? -21.534 -20.623 -11.296 1.00 35.73 ? 163 PRO A CB    1 
ATOM   1160 C CG    . PRO A 1 163 ? -21.815 -21.887 -10.548 1.00 34.99 ? 163 PRO A CG    1 
ATOM   1161 C CD    . PRO A 1 163 ? -20.859 -21.771 -9.383  1.00 34.58 ? 163 PRO A CD    1 
ATOM   1162 N N     . ASP A 1 164 ? -23.705 -19.684 -9.111  1.00 33.97 ? 164 ASP A N     1 
ATOM   1163 C CA    . ASP A 1 164 ? -25.059 -19.219 -8.833  1.00 35.21 ? 164 ASP A CA    1 
ATOM   1164 C C     . ASP A 1 164 ? -25.112 -18.507 -7.482  1.00 35.16 ? 164 ASP A C     1 
ATOM   1165 O O     . ASP A 1 164 ? -24.904 -19.123 -6.437  1.00 34.89 ? 164 ASP A O     1 
ATOM   1166 C CB    . ASP A 1 164 ? -26.018 -20.412 -8.857  1.00 35.63 ? 164 ASP A CB    1 
ATOM   1167 C CG    . ASP A 1 164 ? -27.471 -19.994 -8.896  1.00 37.37 ? 164 ASP A CG    1 
ATOM   1168 O OD1   . ASP A 1 164 ? -28.296 -20.796 -9.378  1.00 38.19 ? 164 ASP A OD1   1 
ATOM   1169 O OD2   . ASP A 1 164 ? -27.792 -18.875 -8.439  1.00 39.12 ? 164 ASP A OD2   1 
ATOM   1170 N N     . PRO A 1 165 ? -25.390 -17.192 -7.491  1.00 35.21 ? 165 PRO A N     1 
ATOM   1171 C CA    . PRO A 1 165 ? -25.462 -16.404 -6.258  1.00 34.62 ? 165 PRO A CA    1 
ATOM   1172 C C     . PRO A 1 165 ? -26.774 -16.551 -5.496  1.00 35.38 ? 165 PRO A C     1 
ATOM   1173 O O     . PRO A 1 165 ? -26.879 -16.134 -4.347  1.00 34.92 ? 165 PRO A O     1 
ATOM   1174 C CB    . PRO A 1 165 ? -25.241 -14.983 -6.757  1.00 34.45 ? 165 PRO A CB    1 
ATOM   1175 C CG    . PRO A 1 165 ? -25.961 -14.997 -8.061  1.00 33.77 ? 165 PRO A CG    1 
ATOM   1176 C CD    . PRO A 1 165 ? -25.530 -16.320 -8.674  1.00 34.17 ? 165 PRO A CD    1 
ATOM   1177 N N     . ARG A 1 166 ? -27.774 -17.143 -6.136  1.00 36.85 ? 166 ARG A N     1 
ATOM   1178 C CA    . ARG A 1 166 ? -29.071 -17.324 -5.495  1.00 38.15 ? 166 ARG A CA    1 
ATOM   1179 C C     . ARG A 1 166 ? -28.984 -18.302 -4.326  1.00 40.23 ? 166 ARG A C     1 
ATOM   1180 O O     . ARG A 1 166 ? -28.047 -19.096 -4.236  1.00 39.40 ? 166 ARG A O     1 
ATOM   1181 C CB    . ARG A 1 166 ? -30.095 -17.800 -6.527  1.00 38.24 ? 166 ARG A CB    1 
ATOM   1182 C CG    . ARG A 1 166 ? -30.448 -16.717 -7.543  1.00 39.49 ? 166 ARG A CG    1 
ATOM   1183 C CD    . ARG A 1 166 ? -31.212 -17.258 -8.737  1.00 37.96 ? 166 ARG A CD    1 
ATOM   1184 N NE    . ARG A 1 166 ? -30.398 -18.165 -9.538  1.00 38.12 ? 166 ARG A NE    1 
ATOM   1185 C CZ    . ARG A 1 166 ? -30.761 -18.645 -10.723 1.00 37.51 ? 166 ARG A CZ    1 
ATOM   1186 N NH1   . ARG A 1 166 ? -31.930 -18.299 -11.251 1.00 36.30 ? 166 ARG A NH1   1 
ATOM   1187 N NH2   . ARG A 1 166 ? -29.959 -19.472 -11.380 1.00 35.50 ? 166 ARG A NH2   1 
ATOM   1188 N N     . GLY A 1 167 ? -29.958 -18.227 -3.423  1.00 41.17 ? 167 GLY A N     1 
ATOM   1189 C CA    . GLY A 1 167 ? -29.969 -19.115 -2.274  1.00 44.10 ? 167 GLY A CA    1 
ATOM   1190 C C     . GLY A 1 167 ? -30.183 -20.555 -2.700  1.00 45.11 ? 167 GLY A C     1 
ATOM   1191 O O     . GLY A 1 167 ? -31.005 -20.832 -3.576  1.00 45.26 ? 167 GLY A O     1 
ATOM   1192 N N     . ALA A 1 168 ? -29.444 -21.472 -2.086  1.00 45.48 ? 168 ALA A N     1 
ATOM   1193 C CA    . ALA A 1 168 ? -29.561 -22.888 -2.417  1.00 46.05 ? 168 ALA A CA    1 
ATOM   1194 C C     . ALA A 1 168 ? -31.023 -23.333 -2.404  1.00 45.61 ? 168 ALA A C     1 
ATOM   1195 O O     . ALA A 1 168 ? -31.799 -22.782 -1.593  1.00 45.40 ? 168 ALA A O     1 
ATOM   1196 C CB    . ALA A 1 168 ? -28.752 -23.718 -1.425  1.00 44.90 ? 168 ALA A CB    1 
HETATM 1197 P PA    . C2R B 2 .   ? -6.845  12.220  12.353  1.00 32.57 ? 300 C2R A PA    1 
HETATM 1198 O O1A   . C2R B 2 .   ? -5.534  11.795  13.185  1.00 33.64 ? 300 C2R A O1A   1 
HETATM 1199 O O2A   . C2R B 2 .   ? -7.962  11.112  12.694  1.00 37.60 ? 300 C2R A O2A   1 
HETATM 1200 O O3A   . C2R B 2 .   ? -7.292  13.600  12.644  1.00 34.03 ? 300 C2R A O3A   1 
HETATM 1201 O "O5'" . C2R B 2 .   ? -6.464  12.003  10.804  1.00 34.19 ? 300 C2R A "O5'" 1 
HETATM 1202 C "C2'" . C2R B 2 .   ? -4.733  10.944  8.023   1.00 34.51 ? 300 C2R A "C2'" 1 
HETATM 1203 O "O2'" . C2R B 2 .   ? -4.221  10.012  7.067   1.00 33.01 ? 300 C2R A "O2'" 1 
HETATM 1204 C "C3'" . C2R B 2 .   ? -6.237  10.739  8.205   1.00 33.16 ? 300 C2R A "C3'" 1 
HETATM 1205 O "O3'" . C2R B 2 .   ? -6.793  10.179  7.013   1.00 33.39 ? 300 C2R A "O3'" 1 
HETATM 1206 C "C5'" . C2R B 2 .   ? -7.404  12.323  9.777   1.00 32.55 ? 300 C2R A "C5'" 1 
HETATM 1207 C "C4'" . C2R B 2 .   ? -6.752  12.169  8.401   1.00 33.22 ? 300 C2R A "C4'" 1 
HETATM 1208 O "O4'" . C2R B 2 .   ? -5.600  13.025  8.315   1.00 35.67 ? 300 C2R A "O4'" 1 
HETATM 1209 C "C1'" . C2R B 2 .   ? -4.748  12.334  7.392   1.00 35.39 ? 300 C2R A "C1'" 1 
HETATM 1210 N N1    . C2R B 2 .   ? -3.362  12.853  7.355   1.00 37.96 ? 300 C2R A N1    1 
HETATM 1211 C C5    . C2R B 2 .   ? -2.689  13.203  6.265   1.00 40.20 ? 300 C2R A C5    1 
HETATM 1212 C C4    . C2R B 2 .   ? -1.387  13.480  6.653   1.00 40.56 ? 300 C2R A C4    1 
HETATM 1213 N N3    . C2R B 2 .   ? -1.314  13.314  7.970   1.00 39.17 ? 300 C2R A N3    1 
HETATM 1214 C C2    . C2R B 2 .   ? -2.522  12.935  8.386   1.00 39.37 ? 300 C2R A C2    1 
HETATM 1215 N N5    . C2R B 2 .   ? -3.191  13.328  5.039   1.00 38.92 ? 300 C2R A N5    1 
HETATM 1216 C C6    . C2R B 2 .   ? -0.221  13.802  5.716   1.00 41.37 ? 300 C2R A C6    1 
HETATM 1217 O O7    . C2R B 2 .   ? -0.480  13.978  4.506   1.00 41.74 ? 300 C2R A O7    1 
HETATM 1218 O O8    . C2R B 2 .   ? 0.926   13.859  6.211   1.00 41.28 ? 300 C2R A O8    1 
HETATM 1219 O O     . HOH C 3 .   ? 1.304   11.175  -4.093  1.00 29.74 ? 301 HOH A O     1 
HETATM 1220 O O     . HOH C 3 .   ? 8.909   14.664  13.309  1.00 19.42 ? 302 HOH A O     1 
HETATM 1221 O O     . HOH C 3 .   ? -10.769 3.976   3.898   1.00 20.97 ? 303 HOH A O     1 
HETATM 1222 O O     . HOH C 3 .   ? -9.356  4.080   8.167   1.00 23.35 ? 304 HOH A O     1 
HETATM 1223 O O     . HOH C 3 .   ? 1.734   10.977  -11.814 1.00 21.51 ? 305 HOH A O     1 
HETATM 1224 O O     . HOH C 3 .   ? -1.791  9.021   14.643  1.00 27.03 ? 306 HOH A O     1 
HETATM 1225 O O     . HOH C 3 .   ? -5.482  18.241  -13.295 1.00 25.09 ? 307 HOH A O     1 
HETATM 1226 O O     . HOH C 3 .   ? 16.988  6.825   -2.778  1.00 32.30 ? 308 HOH A O     1 
HETATM 1227 O O     . HOH C 3 .   ? 7.651   6.321   -6.333  1.00 26.51 ? 309 HOH A O     1 
HETATM 1228 O O     . HOH C 3 .   ? -12.982 2.067   -3.685  1.00 30.04 ? 310 HOH A O     1 
HETATM 1229 O O     . HOH C 3 .   ? 1.148   9.621   -9.187  1.00 23.98 ? 311 HOH A O     1 
HETATM 1230 O O     . HOH C 3 .   ? -13.432 16.486  -10.604 1.00 39.98 ? 312 HOH A O     1 
HETATM 1231 O O     . HOH C 3 .   ? 15.972  5.912   0.542   1.00 25.54 ? 313 HOH A O     1 
HETATM 1232 O O     . HOH C 3 .   ? -12.866 1.829   3.039   1.00 40.59 ? 314 HOH A O     1 
HETATM 1233 O O     . HOH C 3 .   ? 11.635  9.693   -10.078 1.00 37.43 ? 315 HOH A O     1 
HETATM 1234 O O     . HOH C 3 .   ? 9.521   17.630  -15.480 1.00 44.40 ? 316 HOH A O     1 
HETATM 1235 O O     . HOH C 3 .   ? 12.904  15.352  -5.239  1.00 31.62 ? 317 HOH A O     1 
HETATM 1236 O O     . HOH C 3 .   ? 14.536  2.425   -7.031  1.00 36.73 ? 318 HOH A O     1 
HETATM 1237 O O     . HOH C 3 .   ? -12.297 -0.188  -0.770  1.00 28.65 ? 319 HOH A O     1 
HETATM 1238 O O     . HOH C 3 .   ? 14.007  -16.557 -6.061  1.00 37.33 ? 320 HOH A O     1 
HETATM 1239 O O     . HOH C 3 .   ? -17.451 9.040   3.473   1.00 38.75 ? 321 HOH A O     1 
HETATM 1240 O O     . HOH C 3 .   ? -23.350 -22.096 -7.230  1.00 37.60 ? 322 HOH A O     1 
HETATM 1241 O O     . HOH C 3 .   ? 9.991   7.181   -4.632  1.00 29.88 ? 323 HOH A O     1 
HETATM 1242 O O     . HOH C 3 .   ? -8.440  15.820  11.196  1.00 27.10 ? 324 HOH A O     1 
HETATM 1243 O O     . HOH C 3 .   ? 14.795  14.811  9.461   1.00 33.50 ? 325 HOH A O     1 
HETATM 1244 O O     . HOH C 3 .   ? 16.998  -0.982  -0.590  1.00 39.64 ? 326 HOH A O     1 
HETATM 1245 O O     . HOH C 3 .   ? -15.638 1.842   -2.387  1.00 39.91 ? 327 HOH A O     1 
HETATM 1246 O O     . HOH C 3 .   ? -6.744  -7.881  2.722   1.00 30.39 ? 328 HOH A O     1 
HETATM 1247 O O     . HOH C 3 .   ? 13.341  3.976   6.605   1.00 43.10 ? 329 HOH A O     1 
HETATM 1248 O O     . HOH C 3 .   ? 12.355  -9.462  -4.281  1.00 41.29 ? 330 HOH A O     1 
HETATM 1249 O O     . HOH C 3 .   ? 12.756  17.708  -17.665 1.00 49.33 ? 331 HOH A O     1 
HETATM 1250 O O     . HOH C 3 .   ? -7.681  2.704   12.948  1.00 36.38 ? 332 HOH A O     1 
HETATM 1251 O O     . HOH C 3 .   ? -13.282 18.674  -12.959 1.00 56.33 ? 333 HOH A O     1 
HETATM 1252 O O     . HOH C 3 .   ? -17.454 -0.601  -3.135  1.00 44.02 ? 334 HOH A O     1 
HETATM 1253 O O     . HOH C 3 .   ? 9.842   -15.149 0.071   1.00 43.28 ? 335 HOH A O     1 
HETATM 1254 O O     . HOH C 3 .   ? -10.525 -21.642 -3.677  1.00 36.71 ? 336 HOH A O     1 
HETATM 1255 O O     . HOH C 3 .   ? 5.413   8.025   14.897  1.00 38.35 ? 337 HOH A O     1 
HETATM 1256 O O     . HOH C 3 .   ? 11.237  -2.427  -5.983  1.00 37.09 ? 338 HOH A O     1 
HETATM 1257 O O     . HOH C 3 .   ? 13.857  15.587  -8.261  1.00 41.11 ? 339 HOH A O     1 
HETATM 1258 O O     . HOH C 3 .   ? 11.301  -10.972 -1.515  1.00 48.55 ? 340 HOH A O     1 
HETATM 1259 O O     . HOH C 3 .   ? -1.064  11.512  12.925  1.00 35.32 ? 341 HOH A O     1 
HETATM 1260 O O     . HOH C 3 .   ? 4.836   -19.188 -9.982  1.00 39.80 ? 342 HOH A O     1 
HETATM 1261 O O     . HOH C 3 .   ? 6.565   -9.136  9.614   1.00 39.14 ? 343 HOH A O     1 
HETATM 1262 O O     . HOH C 3 .   ? -4.185  -7.658  9.708   1.00 47.19 ? 344 HOH A O     1 
HETATM 1263 O O     . HOH C 3 .   ? -19.014 -2.410  -5.373  1.00 49.10 ? 345 HOH A O     1 
HETATM 1264 O O     . HOH C 3 .   ? -33.651 -24.786 -4.234  1.00 59.10 ? 346 HOH A O     1 
HETATM 1265 O O     . HOH C 3 .   ? -8.190  8.054   9.047   1.00 42.35 ? 347 HOH A O     1 
HETATM 1266 O O     . HOH C 3 .   ? -1.063  -18.572 -1.203  1.00 46.68 ? 348 HOH A O     1 
HETATM 1267 O O     . HOH C 3 .   ? 9.416   -8.270  2.720   1.00 38.75 ? 349 HOH A O     1 
HETATM 1268 O O     . HOH C 3 .   ? 1.491   -6.336  10.566  1.00 48.16 ? 350 HOH A O     1 
HETATM 1269 O O     . HOH C 3 .   ? -17.981 -22.224 -13.098 1.00 46.96 ? 351 HOH A O     1 
HETATM 1270 O O     . HOH C 3 .   ? 0.884   -18.079 1.061   1.00 43.93 ? 352 HOH A O     1 
HETATM 1271 O O     . HOH C 3 .   ? -1.525  -6.939  11.040  1.00 43.25 ? 353 HOH A O     1 
HETATM 1272 O O     . HOH C 3 .   ? -4.133  10.083  16.516  1.00 56.13 ? 354 HOH A O     1 
HETATM 1273 O O     . HOH C 3 .   ? -9.797  14.988  8.390   1.00 49.90 ? 355 HOH A O     1 
HETATM 1274 O O     . HOH C 3 .   ? 13.507  12.507  12.544  1.00 45.68 ? 356 HOH A O     1 
HETATM 1275 O O     . HOH C 3 .   ? 10.117  -15.161 -10.623 1.00 60.04 ? 357 HOH A O     1 
HETATM 1276 O O     . HOH C 3 .   ? -7.438  -23.126 -5.374  1.00 54.10 ? 358 HOH A O     1 
HETATM 1277 O O     . HOH C 3 .   ? -12.307 -0.444  -5.431  1.00 38.25 ? 359 HOH A O     1 
HETATM 1278 O O     . HOH C 3 .   ? 6.538   -20.840 -1.067  1.00 52.70 ? 360 HOH A O     1 
HETATM 1279 O O     . HOH C 3 .   ? 19.418  3.302   9.235   1.00 45.24 ? 361 HOH A O     1 
HETATM 1280 O O     . HOH C 3 .   ? -15.100 16.162  -7.960  0.50 62.34 ? 362 HOH A O     1 
HETATM 1281 O O     . HOH C 3 .   ? 7.128   -3.266  12.209  1.00 49.40 ? 363 HOH A O     1 
HETATM 1282 O O     . HOH C 3 .   ? 0.600   18.184  -10.894 1.00 62.21 ? 364 HOH A O     1 
HETATM 1283 O O     . HOH C 3 .   ? -24.105 -18.985 -3.500  1.00 47.86 ? 365 HOH A O     1 
HETATM 1284 O O     . HOH C 3 .   ? -12.968 -25.565 -6.931  1.00 59.97 ? 366 HOH A O     1 
HETATM 1285 O O     . HOH C 3 .   ? -8.023  -21.600 -12.095 1.00 58.60 ? 367 HOH A O     1 
HETATM 1286 O O     . HOH C 3 .   ? -13.369 2.540   7.683   1.00 62.95 ? 368 HOH A O     1 
HETATM 1287 O O     . HOH C 3 .   ? -15.812 -22.455 -2.638  1.00 43.98 ? 369 HOH A O     1 
HETATM 1288 O O     . HOH C 3 .   ? -10.834 16.508  13.046  1.00 27.29 ? 370 HOH A O     1 
HETATM 1289 O O     . HOH C 3 .   ? 9.939   -10.773 1.079   1.00 38.57 ? 371 HOH A O     1 
HETATM 1290 O O     . HOH C 3 .   ? 0.625   12.424  -1.606  1.00 26.19 ? 372 HOH A O     1 
HETATM 1291 O O     . HOH C 3 .   ? 21.616  4.948   6.160   1.00 56.64 ? 373 HOH A O     1 
HETATM 1292 O O     . HOH C 3 .   ? -16.033 -0.864  5.273   1.00 63.62 ? 374 HOH A O     1 
HETATM 1293 O O     . HOH C 3 .   ? 15.761  -14.466 -8.792  1.00 55.74 ? 375 HOH A O     1 
HETATM 1294 O O     . HOH C 3 .   ? -30.882 -21.566 -8.684  1.00 61.19 ? 376 HOH A O     1 
HETATM 1295 O O     . HOH C 3 .   ? 13.136  -15.540 -1.124  1.00 61.52 ? 377 HOH A O     1 
HETATM 1296 O O     . HOH C 3 .   ? -13.603 -21.141 -0.031  1.00 56.57 ? 378 HOH A O     1 
HETATM 1297 O O     . HOH C 3 .   ? -18.903 -16.510 -6.146  1.00 42.53 ? 379 HOH A O     1 
HETATM 1298 O O     . HOH C 3 .   ? -33.872 -21.270 -2.035  1.00 54.53 ? 380 HOH A O     1 
HETATM 1299 O O     . HOH C 3 .   ? -10.450 4.398   12.795  1.00 51.14 ? 381 HOH A O     1 
HETATM 1300 O O     . HOH C 3 .   ? 5.722   -6.218  11.446  1.00 52.69 ? 382 HOH A O     1 
HETATM 1301 O O     . HOH C 3 .   ? 11.720  -6.455  -7.317  1.00 57.00 ? 383 HOH A O     1 
HETATM 1302 O O     . HOH C 3 .   ? -6.586  -24.429 -9.232  1.00 44.63 ? 384 HOH A O     1 
HETATM 1303 O O     . HOH C 3 .   ? 10.203  -17.921 1.252   1.00 57.06 ? 385 HOH A O     1 
HETATM 1304 O O     . HOH C 3 .   ? -27.932 -23.296 -10.703 1.00 50.13 ? 386 HOH A O     1 
HETATM 1305 O O     . HOH C 3 .   ? 17.286  13.252  8.579   1.00 59.75 ? 387 HOH A O     1 
HETATM 1306 O O     . HOH C 3 .   ? -1.822  -13.811 10.989  0.50 49.22 ? 388 HOH A O     1 
HETATM 1307 O O     . HOH C 3 .   ? 10.585  -12.635 -12.910 1.00 57.43 ? 389 HOH A O     1 
HETATM 1308 O O     . HOH C 3 .   ? 6.321   0.161   14.231  1.00 46.20 ? 390 HOH A O     1 
HETATM 1309 O O     . HOH C 3 .   ? 17.116  9.642   0.132   1.00 56.62 ? 391 HOH A O     1 
HETATM 1310 O O     . HOH C 3 .   ? -12.684 -15.193 -4.534  1.00 54.91 ? 392 HOH A O     1 
HETATM 1311 O O     . HOH C 3 .   ? -11.300 6.971   11.067  1.00 57.07 ? 393 HOH A O     1 
HETATM 1312 O O     . HOH C 3 .   ? 19.845  -8.739  2.803   1.00 66.80 ? 394 HOH A O     1 
HETATM 1313 O O     . HOH C 3 .   ? 12.440  -11.596 3.066   1.00 68.91 ? 395 HOH A O     1 
HETATM 1314 O O     . HOH C 3 .   ? 17.633  9.575   8.685   1.00 54.67 ? 396 HOH A O     1 
HETATM 1315 O O     . HOH C 3 .   ? 8.180   -13.294 1.899   1.00 58.02 ? 397 HOH A O     1 
HETATM 1316 O O     . HOH C 3 .   ? -18.884 12.335  -0.402  1.00 56.80 ? 398 HOH A O     1 
HETATM 1317 O O     . HOH C 3 .   ? -10.845 6.956   7.933   1.00 57.44 ? 399 HOH A O     1 
HETATM 1318 O O     . HOH C 3 .   ? -4.262  -22.584 -4.855  1.00 53.07 ? 400 HOH A O     1 
HETATM 1319 O O     . HOH C 3 .   ? 11.064  13.235  -7.351  1.00 57.21 ? 401 HOH A O     1 
HETATM 1320 O O     . HOH C 3 .   ? -20.243 12.471  2.832   1.00 40.60 ? 402 HOH A O     1 
HETATM 1321 O O     . HOH C 3 .   ? -7.840  -27.074 -10.311 1.00 58.57 ? 403 HOH A O     1 
HETATM 1322 O O     . HOH C 3 .   ? -9.734  -5.853  13.043  1.00 54.44 ? 404 HOH A O     1 
HETATM 1323 O O     . HOH C 3 .   ? 0.613   -17.152 6.981   1.00 64.58 ? 405 HOH A O     1 
HETATM 1324 O O     . HOH C 3 .   ? -32.405 -20.447 -6.019  1.00 58.21 ? 406 HOH A O     1 
HETATM 1325 O O     . HOH C 3 .   ? -22.579 -21.625 -4.297  1.00 65.54 ? 407 HOH A O     1 
HETATM 1326 O O     . HOH C 3 .   ? 14.355  17.838  8.901   1.00 55.98 ? 408 HOH A O     1 
HETATM 1327 O O     . HOH C 3 .   ? 13.962  -21.239 -1.066  1.00 67.35 ? 409 HOH A O     1 
HETATM 1328 O O     . HOH C 3 .   ? -28.169 -15.245 -2.104  1.00 59.70 ? 410 HOH A O     1 
HETATM 1329 O O     . HOH C 3 .   ? 20.312  14.002  7.900   1.00 76.43 ? 411 HOH A O     1 
HETATM 1330 O O     . HOH C 3 .   ? -14.706 -0.124  1.178   1.00 66.83 ? 412 HOH A O     1 
HETATM 1331 O O     . HOH C 3 .   ? 20.084  17.119  6.267   1.00 58.28 ? 413 HOH A O     1 
HETATM 1332 O O     . HOH C 3 .   ? 0.696   -21.269 -1.487  1.00 65.23 ? 414 HOH A O     1 
HETATM 1333 O O     . HOH C 3 .   ? -21.906 10.839  -0.612  0.25 40.36 ? 415 HOH A O     1 
HETATM 1334 O O     . HOH C 3 .   ? 19.783  -8.994  6.022   1.00 70.74 ? 416 HOH A O     1 
HETATM 1335 O O     . HOH C 3 .   ? 17.789  12.710  11.947  1.00 60.48 ? 417 HOH A O     1 
HETATM 1336 O O     . HOH C 3 .   ? 20.284  16.726  9.526   1.00 70.18 ? 418 HOH A O     1 
HETATM 1337 O O     . HOH C 3 .   ? -2.775  -15.297 8.021   1.00 66.71 ? 419 HOH A O     1 
HETATM 1338 O O     . HOH C 3 .   ? -10.281 11.035  11.195  1.00 63.35 ? 420 HOH A O     1 
HETATM 1339 O O     . HOH C 3 .   ? -2.236  -19.656 2.242   1.00 68.01 ? 421 HOH A O     1 
HETATM 1340 O O     . HOH C 3 .   ? 15.845  13.578  14.403  1.00 61.41 ? 422 HOH A O     1 
# 
loop_
_pdbx_poly_seq_scheme.asym_id 
_pdbx_poly_seq_scheme.entity_id 
_pdbx_poly_seq_scheme.seq_id 
_pdbx_poly_seq_scheme.mon_id 
_pdbx_poly_seq_scheme.ndb_seq_num 
_pdbx_poly_seq_scheme.pdb_seq_num 
_pdbx_poly_seq_scheme.auth_seq_num 
_pdbx_poly_seq_scheme.pdb_mon_id 
_pdbx_poly_seq_scheme.auth_mon_id 
_pdbx_poly_seq_scheme.pdb_strand_id 
_pdbx_poly_seq_scheme.pdb_ins_code 
_pdbx_poly_seq_scheme.hetero 
A 1 1   MET 1   1   ?   ?   ?   A . n 
A 1 2   SER 2   2   ?   ?   ?   A . n 
A 1 3   SER 3   3   ?   ?   ?   A . n 
A 1 4   ARG 4   4   ?   ?   ?   A . n 
A 1 5   ASN 5   5   ?   ?   ?   A . n 
A 1 6   ASN 6   6   ?   ?   ?   A . n 
A 1 7   PRO 7   7   7   PRO PRO A . n 
A 1 8   ALA 8   8   8   ALA ALA A . n 
A 1 9   ARG 9   9   9   ARG ARG A . n 
A 1 10  VAL 10  10  10  VAL VAL A . n 
A 1 11  ALA 11  11  11  ALA ALA A . n 
A 1 12  ILE 12  12  12  ILE ILE A . n 
A 1 13  VAL 13  13  13  VAL VAL A . n 
A 1 14  MET 14  14  14  MET MET A . n 
A 1 15  GLY 15  15  15  GLY GLY A . n 
A 1 16  SER 16  16  16  SER SER A . n 
A 1 17  LYS 17  17  17  LYS LYS A . n 
A 1 18  SER 18  18  18  SER SER A . n 
A 1 19  ASP 19  19  19  ASP ASP A . n 
A 1 20  TRP 20  20  20  TRP TRP A . n 
A 1 21  ALA 21  21  21  ALA ALA A . n 
A 1 22  THR 22  22  22  THR THR A . n 
A 1 23  MET 23  23  23  MET MET A . n 
A 1 24  GLN 24  24  24  GLN GLN A . n 
A 1 25  PHE 25  25  25  PHE PHE A . n 
A 1 26  ALA 26  26  26  ALA ALA A . n 
A 1 27  ALA 27  27  27  ALA ALA A . n 
A 1 28  GLU 28  28  28  GLU GLU A . n 
A 1 29  ILE 29  29  29  ILE ILE A . n 
A 1 30  PHE 30  30  30  PHE PHE A . n 
A 1 31  GLU 31  31  31  GLU GLU A . n 
A 1 32  ILE 32  32  32  ILE ILE A . n 
A 1 33  LEU 33  33  33  LEU LEU A . n 
A 1 34  ASN 34  34  34  ASN ASN A . n 
A 1 35  VAL 35  35  35  VAL VAL A . n 
A 1 36  PRO 36  36  36  PRO PRO A . n 
A 1 37  HIS 37  37  37  HIS HIS A . n 
A 1 38  HIS 38  38  38  HIS HIS A . n 
A 1 39  VAL 39  39  39  VAL VAL A . n 
A 1 40  GLU 40  40  40  GLU GLU A . n 
A 1 41  VAL 41  41  41  VAL VAL A . n 
A 1 42  VAL 42  42  42  VAL VAL A . n 
A 1 43  SER 43  43  43  SER SER A . n 
A 1 44  ALA 44  44  44  ALA ALA A . n 
A 1 45  ASN 45  45  45  ASN ASN A . n 
A 1 46  ARG 46  46  46  ARG ARG A . n 
A 1 47  THR 47  47  47  THR THR A . n 
A 1 48  PRO 48  48  48  PRO PRO A . n 
A 1 49  ASP 49  49  49  ASP ASP A . n 
A 1 50  LYS 50  50  50  LYS LYS A . n 
A 1 51  LEU 51  51  51  LEU LEU A . n 
A 1 52  PHE 52  52  52  PHE PHE A . n 
A 1 53  SER 53  53  53  SER SER A . n 
A 1 54  PHE 54  54  54  PHE PHE A . n 
A 1 55  ALA 55  55  55  ALA ALA A . n 
A 1 56  GLU 56  56  56  GLU GLU A . n 
A 1 57  SER 57  57  57  SER SER A . n 
A 1 58  ALA 58  58  58  ALA ALA A . n 
A 1 59  GLU 59  59  59  GLU GLU A . n 
A 1 60  GLU 60  60  60  GLU GLU A . n 
A 1 61  ASN 61  61  61  ASN ASN A . n 
A 1 62  GLY 62  62  62  GLY GLY A . n 
A 1 63  TYR 63  63  63  TYR TYR A . n 
A 1 64  GLN 64  64  64  GLN GLN A . n 
A 1 65  VAL 65  65  65  VAL VAL A . n 
A 1 66  ILE 66  66  66  ILE ILE A . n 
A 1 67  ILE 67  67  67  ILE ILE A . n 
A 1 68  ALA 68  68  68  ALA ALA A . n 
A 1 69  GLY 69  69  69  GLY GLY A . n 
A 1 70  ALA 70  70  70  ALA ALA A . n 
A 1 71  GLY 71  71  71  GLY GLY A . n 
A 1 72  GLY 72  72  72  GLY GLY A . n 
A 1 73  ALA 73  73  73  ALA ALA A . n 
A 1 74  ALA 74  74  74  ALA ALA A . n 
A 1 75  HIS 75  75  75  HIS HIS A . n 
A 1 76  LEU 76  76  76  LEU LEU A . n 
A 1 77  PRO 77  77  77  PRO PRO A . n 
A 1 78  GLY 78  78  78  GLY GLY A . n 
A 1 79  MET 79  79  79  MET MET A . n 
A 1 80  ILE 80  80  80  ILE ILE A . n 
A 1 81  ALA 81  81  81  ALA ALA A . n 
A 1 82  ALA 82  82  82  ALA ALA A . n 
A 1 83  LYS 83  83  83  LYS LYS A . n 
A 1 84  THR 84  84  84  THR THR A . n 
A 1 85  LEU 85  85  85  LEU LEU A . n 
A 1 86  VAL 86  86  86  VAL VAL A . n 
A 1 87  PRO 87  87  87  PRO PRO A . n 
A 1 88  VAL 88  88  88  VAL VAL A . n 
A 1 89  LEU 89  89  89  LEU LEU A . n 
A 1 90  GLY 90  90  90  GLY GLY A . n 
A 1 91  VAL 91  91  91  VAL VAL A . n 
A 1 92  PRO 92  92  92  PRO PRO A . n 
A 1 93  VAL 93  93  93  VAL VAL A . n 
A 1 94  GLN 94  94  94  GLN GLN A . n 
A 1 95  SER 95  95  95  SER SER A . n 
A 1 96  ALA 96  96  96  ALA ALA A . n 
A 1 97  ALA 97  97  97  ALA ALA A . n 
A 1 98  LEU 98  98  98  LEU LEU A . n 
A 1 99  SER 99  99  99  SER SER A . n 
A 1 100 GLY 100 100 100 GLY GLY A . n 
A 1 101 VAL 101 101 101 VAL VAL A . n 
A 1 102 ASP 102 102 102 ASP ASP A . n 
A 1 103 SER 103 103 103 SER SER A . n 
A 1 104 LEU 104 104 104 LEU LEU A . n 
A 1 105 TYR 105 105 105 TYR TYR A . n 
A 1 106 SER 106 106 106 SER SER A . n 
A 1 107 ILE 107 107 107 ILE ILE A . n 
A 1 108 VAL 108 108 108 VAL VAL A . n 
A 1 109 GLN 109 109 109 GLN GLN A . n 
A 1 110 MET 110 110 110 MET MET A . n 
A 1 111 PRO 111 111 111 PRO PRO A . n 
A 1 112 ARG 112 112 112 ARG ARG A . n 
A 1 113 GLY 113 113 113 GLY GLY A . n 
A 1 114 ILE 114 114 114 ILE ILE A . n 
A 1 115 PRO 115 115 115 PRO PRO A . n 
A 1 116 VAL 116 116 116 VAL VAL A . n 
A 1 117 GLY 117 117 117 GLY GLY A . n 
A 1 118 THR 118 118 118 THR THR A . n 
A 1 119 LEU 119 119 119 LEU LEU A . n 
A 1 120 ALA 120 120 120 ALA ALA A . n 
A 1 121 ILE 121 121 121 ILE ILE A . n 
A 1 122 GLY 122 122 122 GLY GLY A . n 
A 1 123 LYS 123 123 123 LYS LYS A . n 
A 1 124 ALA 124 124 124 ALA ALA A . n 
A 1 125 GLY 125 125 125 GLY GLY A . n 
A 1 126 ALA 126 126 126 ALA ALA A . n 
A 1 127 ALA 127 127 127 ALA ALA A . n 
A 1 128 ASN 128 128 128 ASN ASN A . n 
A 1 129 ALA 129 129 129 ALA ALA A . n 
A 1 130 ALA 130 130 130 ALA ALA A . n 
A 1 131 LEU 131 131 131 LEU LEU A . n 
A 1 132 LEU 132 132 132 LEU LEU A . n 
A 1 133 ALA 133 133 133 ALA ALA A . n 
A 1 134 ALA 134 134 134 ALA ALA A . n 
A 1 135 GLN 135 135 135 GLN GLN A . n 
A 1 136 ILE 136 136 136 ILE ILE A . n 
A 1 137 LEU 137 137 137 LEU LEU A . n 
A 1 138 ALA 138 138 138 ALA ALA A . n 
A 1 139 THR 139 139 139 THR THR A . n 
A 1 140 HIS 140 140 140 HIS HIS A . n 
A 1 141 ASP 141 141 141 ASP ASP A . n 
A 1 142 LYS 142 142 142 LYS LYS A . n 
A 1 143 GLU 143 143 143 GLU GLU A . n 
A 1 144 LEU 144 144 144 LEU LEU A . n 
A 1 145 HIS 145 145 145 HIS HIS A . n 
A 1 146 GLN 146 146 146 GLN GLN A . n 
A 1 147 ARG 147 147 147 ARG ARG A . n 
A 1 148 LEU 148 148 148 LEU LEU A . n 
A 1 149 ASN 149 149 149 ASN ASN A . n 
A 1 150 ASP 150 150 150 ASP ASP A . n 
A 1 151 TRP 151 151 151 TRP TRP A . n 
A 1 152 ARG 152 152 152 ARG ARG A . n 
A 1 153 LYS 153 153 153 LYS LYS A . n 
A 1 154 ALA 154 154 154 ALA ALA A . n 
A 1 155 GLN 155 155 155 GLN GLN A . n 
A 1 156 THR 156 156 156 THR THR A . n 
A 1 157 ASP 157 157 157 ASP ASP A . n 
A 1 158 GLU 158 158 158 GLU GLU A . n 
A 1 159 VAL 159 159 159 VAL VAL A . n 
A 1 160 LEU 160 160 160 LEU LEU A . n 
A 1 161 GLU 161 161 161 GLU GLU A . n 
A 1 162 ASN 162 162 162 ASN ASN A . n 
A 1 163 PRO 163 163 163 PRO PRO A . n 
A 1 164 ASP 164 164 164 ASP ASP A . n 
A 1 165 PRO 165 165 165 PRO PRO A . n 
A 1 166 ARG 166 166 166 ARG ARG A . n 
A 1 167 GLY 167 167 167 GLY GLY A . n 
A 1 168 ALA 168 168 168 ALA ALA A . n 
A 1 169 ALA 169 169 ?   ?   ?   A . n 
# 
loop_
_pdbx_nonpoly_scheme.asym_id 
_pdbx_nonpoly_scheme.entity_id 
_pdbx_nonpoly_scheme.mon_id 
_pdbx_nonpoly_scheme.ndb_seq_num 
_pdbx_nonpoly_scheme.pdb_seq_num 
_pdbx_nonpoly_scheme.auth_seq_num 
_pdbx_nonpoly_scheme.pdb_mon_id 
_pdbx_nonpoly_scheme.auth_mon_id 
_pdbx_nonpoly_scheme.pdb_strand_id 
_pdbx_nonpoly_scheme.pdb_ins_code 
B 2 C2R 1   300 300 C2R C2R A . 
C 3 HOH 1   301 2   HOH HOH A . 
C 3 HOH 2   302 3   HOH HOH A . 
C 3 HOH 3   303 4   HOH HOH A . 
C 3 HOH 4   304 5   HOH HOH A . 
C 3 HOH 5   305 6   HOH HOH A . 
C 3 HOH 6   306 8   HOH HOH A . 
C 3 HOH 7   307 9   HOH HOH A . 
C 3 HOH 8   308 10  HOH HOH A . 
C 3 HOH 9   309 12  HOH HOH A . 
C 3 HOH 10  310 14  HOH HOH A . 
C 3 HOH 11  311 16  HOH HOH A . 
C 3 HOH 12  312 18  HOH HOH A . 
C 3 HOH 13  313 19  HOH HOH A . 
C 3 HOH 14  314 20  HOH HOH A . 
C 3 HOH 15  315 21  HOH HOH A . 
C 3 HOH 16  316 23  HOH HOH A . 
C 3 HOH 17  317 24  HOH HOH A . 
C 3 HOH 18  318 26  HOH HOH A . 
C 3 HOH 19  319 28  HOH HOH A . 
C 3 HOH 20  320 29  HOH HOH A . 
C 3 HOH 21  321 30  HOH HOH A . 
C 3 HOH 22  322 31  HOH HOH A . 
C 3 HOH 23  323 32  HOH HOH A . 
C 3 HOH 24  324 34  HOH HOH A . 
C 3 HOH 25  325 36  HOH HOH A . 
C 3 HOH 26  326 37  HOH HOH A . 
C 3 HOH 27  327 38  HOH HOH A . 
C 3 HOH 28  328 41  HOH HOH A . 
C 3 HOH 29  329 43  HOH HOH A . 
C 3 HOH 30  330 44  HOH HOH A . 
C 3 HOH 31  331 45  HOH HOH A . 
C 3 HOH 32  332 47  HOH HOH A . 
C 3 HOH 33  333 48  HOH HOH A . 
C 3 HOH 34  334 49  HOH HOH A . 
C 3 HOH 35  335 52  HOH HOH A . 
C 3 HOH 36  336 53  HOH HOH A . 
C 3 HOH 37  337 54  HOH HOH A . 
C 3 HOH 38  338 55  HOH HOH A . 
C 3 HOH 39  339 57  HOH HOH A . 
C 3 HOH 40  340 60  HOH HOH A . 
C 3 HOH 41  341 61  HOH HOH A . 
C 3 HOH 42  342 62  HOH HOH A . 
C 3 HOH 43  343 63  HOH HOH A . 
C 3 HOH 44  344 64  HOH HOH A . 
C 3 HOH 45  345 65  HOH HOH A . 
C 3 HOH 46  346 68  HOH HOH A . 
C 3 HOH 47  347 69  HOH HOH A . 
C 3 HOH 48  348 70  HOH HOH A . 
C 3 HOH 49  349 71  HOH HOH A . 
C 3 HOH 50  350 72  HOH HOH A . 
C 3 HOH 51  351 74  HOH HOH A . 
C 3 HOH 52  352 76  HOH HOH A . 
C 3 HOH 53  353 77  HOH HOH A . 
C 3 HOH 54  354 79  HOH HOH A . 
C 3 HOH 55  355 80  HOH HOH A . 
C 3 HOH 56  356 82  HOH HOH A . 
C 3 HOH 57  357 83  HOH HOH A . 
C 3 HOH 58  358 84  HOH HOH A . 
C 3 HOH 59  359 85  HOH HOH A . 
C 3 HOH 60  360 88  HOH HOH A . 
C 3 HOH 61  361 89  HOH HOH A . 
C 3 HOH 62  362 90  HOH HOH A . 
C 3 HOH 63  363 91  HOH HOH A . 
C 3 HOH 64  364 93  HOH HOH A . 
C 3 HOH 65  365 95  HOH HOH A . 
C 3 HOH 66  366 96  HOH HOH A . 
C 3 HOH 67  367 97  HOH HOH A . 
C 3 HOH 68  368 98  HOH HOH A . 
C 3 HOH 69  369 99  HOH HOH A . 
C 3 HOH 70  370 103 HOH HOH A . 
C 3 HOH 71  371 106 HOH HOH A . 
C 3 HOH 72  372 110 HOH HOH A . 
C 3 HOH 73  373 111 HOH HOH A . 
C 3 HOH 74  374 112 HOH HOH A . 
C 3 HOH 75  375 113 HOH HOH A . 
C 3 HOH 76  376 115 HOH HOH A . 
C 3 HOH 77  377 116 HOH HOH A . 
C 3 HOH 78  378 117 HOH HOH A . 
C 3 HOH 79  379 118 HOH HOH A . 
C 3 HOH 80  380 119 HOH HOH A . 
C 3 HOH 81  381 120 HOH HOH A . 
C 3 HOH 82  382 121 HOH HOH A . 
C 3 HOH 83  383 122 HOH HOH A . 
C 3 HOH 84  384 123 HOH HOH A . 
C 3 HOH 85  385 124 HOH HOH A . 
C 3 HOH 86  386 125 HOH HOH A . 
C 3 HOH 87  387 126 HOH HOH A . 
C 3 HOH 88  388 127 HOH HOH A . 
C 3 HOH 89  389 128 HOH HOH A . 
C 3 HOH 90  390 129 HOH HOH A . 
C 3 HOH 91  391 130 HOH HOH A . 
C 3 HOH 92  392 131 HOH HOH A . 
C 3 HOH 93  393 132 HOH HOH A . 
C 3 HOH 94  394 133 HOH HOH A . 
C 3 HOH 95  395 134 HOH HOH A . 
C 3 HOH 96  396 136 HOH HOH A . 
C 3 HOH 97  397 137 HOH HOH A . 
C 3 HOH 98  398 139 HOH HOH A . 
C 3 HOH 99  399 141 HOH HOH A . 
C 3 HOH 100 400 143 HOH HOH A . 
C 3 HOH 101 401 144 HOH HOH A . 
C 3 HOH 102 402 145 HOH HOH A . 
C 3 HOH 103 403 147 HOH HOH A . 
C 3 HOH 104 404 150 HOH HOH A . 
C 3 HOH 105 405 152 HOH HOH A . 
C 3 HOH 106 406 153 HOH HOH A . 
C 3 HOH 107 407 157 HOH HOH A . 
C 3 HOH 108 408 158 HOH HOH A . 
C 3 HOH 109 409 160 HOH HOH A . 
C 3 HOH 110 410 164 HOH HOH A . 
C 3 HOH 111 411 169 HOH HOH A . 
C 3 HOH 112 412 174 HOH HOH A . 
C 3 HOH 113 413 176 HOH HOH A . 
C 3 HOH 114 414 181 HOH HOH A . 
C 3 HOH 115 415 182 HOH HOH A . 
C 3 HOH 116 416 185 HOH HOH A . 
C 3 HOH 117 417 186 HOH HOH A . 
C 3 HOH 118 418 188 HOH HOH A . 
C 3 HOH 119 419 189 HOH HOH A . 
C 3 HOH 120 420 192 HOH HOH A . 
C 3 HOH 121 421 198 HOH HOH A . 
C 3 HOH 122 422 200 HOH HOH A . 
# 
_pdbx_struct_assembly.id                   1 
_pdbx_struct_assembly.details              author_and_software_defined_assembly 
_pdbx_struct_assembly.method_details       PISA,PQS 
_pdbx_struct_assembly.oligomeric_details   octameric 
_pdbx_struct_assembly.oligomeric_count     8 
# 
_pdbx_struct_assembly_gen.assembly_id       1 
_pdbx_struct_assembly_gen.oper_expression   1,2,3,4,5,6,7,8 
_pdbx_struct_assembly_gen.asym_id_list      A,B,C 
# 
loop_
_pdbx_struct_assembly_prop.biol_id 
_pdbx_struct_assembly_prop.type 
_pdbx_struct_assembly_prop.value 
_pdbx_struct_assembly_prop.details 
1 'ABSA (A^2)' 37230 ? 
1 MORE         -206  ? 
1 'SSA (A^2)'  38790 ? 
# 
loop_
_pdbx_struct_oper_list.id 
_pdbx_struct_oper_list.type 
_pdbx_struct_oper_list.name 
_pdbx_struct_oper_list.symmetry_operation 
_pdbx_struct_oper_list.matrix[1][1] 
_pdbx_struct_oper_list.matrix[1][2] 
_pdbx_struct_oper_list.matrix[1][3] 
_pdbx_struct_oper_list.vector[1] 
_pdbx_struct_oper_list.matrix[2][1] 
_pdbx_struct_oper_list.matrix[2][2] 
_pdbx_struct_oper_list.matrix[2][3] 
_pdbx_struct_oper_list.vector[2] 
_pdbx_struct_oper_list.matrix[3][1] 
_pdbx_struct_oper_list.matrix[3][2] 
_pdbx_struct_oper_list.matrix[3][3] 
_pdbx_struct_oper_list.vector[3] 
1 'identity operation'         1_555 x,y,z      1.0000000000  0.0000000000  0.0000000000  0.0000000000   0.0000000000  1.0000000000  0.0000000000  0.0000000000  0.0000000000  0.0000000000  1.0000000000  0.0000000000   
2 'crystal symmetry operation' 2_555 -x,-y,z    -0.7368385612 0.3440636502  -0.5819700503 -42.1328530405 0.3440636502  -0.5501628358 -0.7608817639 23.8741250409 -0.5819700503 -0.7608817639 0.2870013970  -4.9375798998  
3 'crystal symmetry operation' 3_555 -y,x,z     0.1315807194  -0.6301531277 -0.7652408444 -12.6615325859 0.9742167779  0.2249185821  -0.0177003143 29.7317631522 0.1832707941  -0.7431814496 0.6435006985  11.8521422525  
4 'crystal symmetry operation' 4_555 y,-x,z     0.1315807194  0.9742167779  0.1832707941  -29.4713204546 -0.6301531277 0.2249185821  -0.7431814496 -5.8576381113 -0.7652408444 -0.0177003143 0.6435006985  -16.7897221523 
5 'crystal symmetry operation' 5_554 -x,y,-z-1  0.3113933207  -0.9497589726 0.0314975217  3.1286533724   -0.9497589726 -0.3121498396 -0.0228116564 3.7311042041  0.0314975217  -0.0228116564 -0.9992434811 -17.7552204060 
6 'crystal symmetry operation' 6_554 x,-y,-z-1  -0.5745547595 0.6056953224  0.5504725286  -32.8214216458 0.6056953224  -0.1376873245 0.7836934203  36.4074894922 0.5504725286  0.7836934203  -0.2877579159 -14.6930646693 
7 'crystal symmetry operation' 7_554 y,x,-z-1   -0.8785251930 -0.4332522902 -0.2012111781 -28.6787590205 -0.4332522902 0.5452384877  0.7176401916  6.2053762873  -0.2012111781 0.7176401916  -0.6667132947 -30.6754339514 
8 'crystal symmetry operation' 8_554 -y,-x,-z-1 0.6153637542  0.0891886401  0.7831812284  -1.0140092529  0.0891886401  -0.9950756518 0.0432415724  33.9332174090 0.7831812284  0.0432415724  -0.6202881024 -1.7728511239 
# 
loop_
_pdbx_struct_special_symmetry.id 
_pdbx_struct_special_symmetry.PDB_model_num 
_pdbx_struct_special_symmetry.auth_asym_id 
_pdbx_struct_special_symmetry.auth_comp_id 
_pdbx_struct_special_symmetry.auth_seq_id 
_pdbx_struct_special_symmetry.PDB_ins_code 
_pdbx_struct_special_symmetry.label_asym_id 
_pdbx_struct_special_symmetry.label_comp_id 
_pdbx_struct_special_symmetry.label_seq_id 
1 1 A HOH 362 ? C HOH . 
2 1 A HOH 388 ? C HOH . 
3 1 A HOH 415 ? C HOH . 
# 
loop_
_pdbx_audit_revision_history.ordinal 
_pdbx_audit_revision_history.data_content_type 
_pdbx_audit_revision_history.major_revision 
_pdbx_audit_revision_history.minor_revision 
_pdbx_audit_revision_history.revision_date 
1 'Structure model' 1 0 2007-04-24 
2 'Structure model' 1 1 2008-05-01 
3 'Structure model' 1 2 2011-07-13 
4 'Structure model' 2 0 2021-10-20 
5 'Structure model' 2 1 2023-08-30 
# 
_pdbx_audit_revision_details.ordinal             1 
_pdbx_audit_revision_details.revision_ordinal    1 
_pdbx_audit_revision_details.data_content_type   'Structure model' 
_pdbx_audit_revision_details.provider            repository 
_pdbx_audit_revision_details.type                'Initial release' 
_pdbx_audit_revision_details.description         ? 
_pdbx_audit_revision_details.details             ? 
# 
loop_
_pdbx_audit_revision_group.ordinal 
_pdbx_audit_revision_group.revision_ordinal 
_pdbx_audit_revision_group.data_content_type 
_pdbx_audit_revision_group.group 
1 2 'Structure model' 'Version format compliance' 
2 3 'Structure model' 'Derived calculations'      
3 3 'Structure model' 'Version format compliance' 
4 4 'Structure model' 'Atomic model'              
5 4 'Structure model' 'Database references'       
6 4 'Structure model' 'Derived calculations'      
7 4 'Structure model' 'Structure summary'         
8 5 'Structure model' 'Data collection'           
9 5 'Structure model' 'Refinement description'    
# 
loop_
_pdbx_audit_revision_category.ordinal 
_pdbx_audit_revision_category.revision_ordinal 
_pdbx_audit_revision_category.data_content_type 
_pdbx_audit_revision_category.category 
1 4 'Structure model' atom_site                     
2 4 'Structure model' chem_comp                     
3 4 'Structure model' database_2                    
4 4 'Structure model' struct_ref_seq_dif            
5 4 'Structure model' struct_site                   
6 5 'Structure model' chem_comp_atom                
7 5 'Structure model' chem_comp_bond                
8 5 'Structure model' pdbx_initial_refinement_model 
# 
loop_
_pdbx_audit_revision_item.ordinal 
_pdbx_audit_revision_item.revision_ordinal 
_pdbx_audit_revision_item.data_content_type 
_pdbx_audit_revision_item.item 
1 4 'Structure model' '_atom_site.occupancy'                
2 4 'Structure model' '_chem_comp.pdbx_synonyms'            
3 4 'Structure model' '_database_2.pdbx_DOI'                
4 4 'Structure model' '_database_2.pdbx_database_accession' 
5 4 'Structure model' '_struct_ref_seq_dif.details'         
6 4 'Structure model' '_struct_site.pdbx_auth_asym_id'      
7 4 'Structure model' '_struct_site.pdbx_auth_comp_id'      
8 4 'Structure model' '_struct_site.pdbx_auth_seq_id'       
# 
loop_
_software.name 
_software.classification 
_software.version 
_software.citation_id 
_software.pdbx_ordinal 
CNS      refinement        1.1 ? 1 
HKL-2000 'data collection' .   ? 2 
HKL-2000 'data reduction'  .   ? 3 
HKL-2000 'data scaling'    .   ? 4 
CNS      phasing           .   ? 5 
# 
_pdbx_validate_torsion.id              1 
_pdbx_validate_torsion.PDB_model_num   1 
_pdbx_validate_torsion.auth_comp_id    GLN 
_pdbx_validate_torsion.auth_asym_id    A 
_pdbx_validate_torsion.auth_seq_id     109 
_pdbx_validate_torsion.PDB_ins_code    ? 
_pdbx_validate_torsion.label_alt_id    ? 
_pdbx_validate_torsion.phi             -76.10 
_pdbx_validate_torsion.psi             46.06 
# 
loop_
_pdbx_unobs_or_zero_occ_residues.id 
_pdbx_unobs_or_zero_occ_residues.PDB_model_num 
_pdbx_unobs_or_zero_occ_residues.polymer_flag 
_pdbx_unobs_or_zero_occ_residues.occupancy_flag 
_pdbx_unobs_or_zero_occ_residues.auth_asym_id 
_pdbx_unobs_or_zero_occ_residues.auth_comp_id 
_pdbx_unobs_or_zero_occ_residues.auth_seq_id 
_pdbx_unobs_or_zero_occ_residues.PDB_ins_code 
_pdbx_unobs_or_zero_occ_residues.label_asym_id 
_pdbx_unobs_or_zero_occ_residues.label_comp_id 
_pdbx_unobs_or_zero_occ_residues.label_seq_id 
1 1 Y 1 A MET 1   ? A MET 1   
2 1 Y 1 A SER 2   ? A SER 2   
3 1 Y 1 A SER 3   ? A SER 3   
4 1 Y 1 A ARG 4   ? A ARG 4   
5 1 Y 1 A ASN 5   ? A ASN 5   
6 1 Y 1 A ASN 6   ? A ASN 6   
7 1 Y 1 A ALA 169 ? A ALA 169 
# 
loop_
_chem_comp_atom.comp_id 
_chem_comp_atom.atom_id 
_chem_comp_atom.type_symbol 
_chem_comp_atom.pdbx_aromatic_flag 
_chem_comp_atom.pdbx_stereo_config 
_chem_comp_atom.pdbx_ordinal 
ALA N      N N N 1   
ALA CA     C N S 2   
ALA C      C N N 3   
ALA O      O N N 4   
ALA CB     C N N 5   
ALA OXT    O N N 6   
ALA H      H N N 7   
ALA H2     H N N 8   
ALA HA     H N N 9   
ALA HB1    H N N 10  
ALA HB2    H N N 11  
ALA HB3    H N N 12  
ALA HXT    H N N 13  
ARG N      N N N 14  
ARG CA     C N S 15  
ARG C      C N N 16  
ARG O      O N N 17  
ARG CB     C N N 18  
ARG CG     C N N 19  
ARG CD     C N N 20  
ARG NE     N N N 21  
ARG CZ     C N N 22  
ARG NH1    N N N 23  
ARG NH2    N N N 24  
ARG OXT    O N N 25  
ARG H      H N N 26  
ARG H2     H N N 27  
ARG HA     H N N 28  
ARG HB2    H N N 29  
ARG HB3    H N N 30  
ARG HG2    H N N 31  
ARG HG3    H N N 32  
ARG HD2    H N N 33  
ARG HD3    H N N 34  
ARG HE     H N N 35  
ARG HH11   H N N 36  
ARG HH12   H N N 37  
ARG HH21   H N N 38  
ARG HH22   H N N 39  
ARG HXT    H N N 40  
ASN N      N N N 41  
ASN CA     C N S 42  
ASN C      C N N 43  
ASN O      O N N 44  
ASN CB     C N N 45  
ASN CG     C N N 46  
ASN OD1    O N N 47  
ASN ND2    N N N 48  
ASN OXT    O N N 49  
ASN H      H N N 50  
ASN H2     H N N 51  
ASN HA     H N N 52  
ASN HB2    H N N 53  
ASN HB3    H N N 54  
ASN HD21   H N N 55  
ASN HD22   H N N 56  
ASN HXT    H N N 57  
ASP N      N N N 58  
ASP CA     C N S 59  
ASP C      C N N 60  
ASP O      O N N 61  
ASP CB     C N N 62  
ASP CG     C N N 63  
ASP OD1    O N N 64  
ASP OD2    O N N 65  
ASP OXT    O N N 66  
ASP H      H N N 67  
ASP H2     H N N 68  
ASP HA     H N N 69  
ASP HB2    H N N 70  
ASP HB3    H N N 71  
ASP HD2    H N N 72  
ASP HXT    H N N 73  
C2R PA     P N N 74  
C2R O1A    O N N 75  
C2R O2A    O N N 76  
C2R O3A    O N N 77  
C2R "O5'"  O N N 78  
C2R "C2'"  C N R 79  
C2R "O2'"  O N N 80  
C2R "C3'"  C N S 81  
C2R "O3'"  O N N 82  
C2R "C5'"  C N N 83  
C2R "C4'"  C N R 84  
C2R "O4'"  O N N 85  
C2R "C1'"  C N R 86  
C2R N1     N Y N 87  
C2R C5     C Y N 88  
C2R C4     C Y N 89  
C2R N3     N Y N 90  
C2R C2     C Y N 91  
C2R N5     N N N 92  
C2R C6     C N N 93  
C2R O7     O N N 94  
C2R O8     O N N 95  
C2R H2A    H N N 96  
C2R H3A    H N N 97  
C2R "H2'"  H N N 98  
C2R H3     H N N 99  
C2R "H3'"  H N N 100 
C2R H1     H N N 101 
C2R "H5'1" H N N 102 
C2R "H5'2" H N N 103 
C2R "H4'"  H N N 104 
C2R "H1'"  H N N 105 
C2R H2     H N N 106 
C2R HN51   H N N 107 
C2R HN52   H N N 108 
C2R HO7    H N N 109 
GLN N      N N N 110 
GLN CA     C N S 111 
GLN C      C N N 112 
GLN O      O N N 113 
GLN CB     C N N 114 
GLN CG     C N N 115 
GLN CD     C N N 116 
GLN OE1    O N N 117 
GLN NE2    N N N 118 
GLN OXT    O N N 119 
GLN H      H N N 120 
GLN H2     H N N 121 
GLN HA     H N N 122 
GLN HB2    H N N 123 
GLN HB3    H N N 124 
GLN HG2    H N N 125 
GLN HG3    H N N 126 
GLN HE21   H N N 127 
GLN HE22   H N N 128 
GLN HXT    H N N 129 
GLU N      N N N 130 
GLU CA     C N S 131 
GLU C      C N N 132 
GLU O      O N N 133 
GLU CB     C N N 134 
GLU CG     C N N 135 
GLU CD     C N N 136 
GLU OE1    O N N 137 
GLU OE2    O N N 138 
GLU OXT    O N N 139 
GLU H      H N N 140 
GLU H2     H N N 141 
GLU HA     H N N 142 
GLU HB2    H N N 143 
GLU HB3    H N N 144 
GLU HG2    H N N 145 
GLU HG3    H N N 146 
GLU HE2    H N N 147 
GLU HXT    H N N 148 
GLY N      N N N 149 
GLY CA     C N N 150 
GLY C      C N N 151 
GLY O      O N N 152 
GLY OXT    O N N 153 
GLY H      H N N 154 
GLY H2     H N N 155 
GLY HA2    H N N 156 
GLY HA3    H N N 157 
GLY HXT    H N N 158 
HIS N      N N N 159 
HIS CA     C N S 160 
HIS C      C N N 161 
HIS O      O N N 162 
HIS CB     C N N 163 
HIS CG     C Y N 164 
HIS ND1    N Y N 165 
HIS CD2    C Y N 166 
HIS CE1    C Y N 167 
HIS NE2    N Y N 168 
HIS OXT    O N N 169 
HIS H      H N N 170 
HIS H2     H N N 171 
HIS HA     H N N 172 
HIS HB2    H N N 173 
HIS HB3    H N N 174 
HIS HD1    H N N 175 
HIS HD2    H N N 176 
HIS HE1    H N N 177 
HIS HE2    H N N 178 
HIS HXT    H N N 179 
HOH O      O N N 180 
HOH H1     H N N 181 
HOH H2     H N N 182 
ILE N      N N N 183 
ILE CA     C N S 184 
ILE C      C N N 185 
ILE O      O N N 186 
ILE CB     C N S 187 
ILE CG1    C N N 188 
ILE CG2    C N N 189 
ILE CD1    C N N 190 
ILE OXT    O N N 191 
ILE H      H N N 192 
ILE H2     H N N 193 
ILE HA     H N N 194 
ILE HB     H N N 195 
ILE HG12   H N N 196 
ILE HG13   H N N 197 
ILE HG21   H N N 198 
ILE HG22   H N N 199 
ILE HG23   H N N 200 
ILE HD11   H N N 201 
ILE HD12   H N N 202 
ILE HD13   H N N 203 
ILE HXT    H N N 204 
LEU N      N N N 205 
LEU CA     C N S 206 
LEU C      C N N 207 
LEU O      O N N 208 
LEU CB     C N N 209 
LEU CG     C N N 210 
LEU CD1    C N N 211 
LEU CD2    C N N 212 
LEU OXT    O N N 213 
LEU H      H N N 214 
LEU H2     H N N 215 
LEU HA     H N N 216 
LEU HB2    H N N 217 
LEU HB3    H N N 218 
LEU HG     H N N 219 
LEU HD11   H N N 220 
LEU HD12   H N N 221 
LEU HD13   H N N 222 
LEU HD21   H N N 223 
LEU HD22   H N N 224 
LEU HD23   H N N 225 
LEU HXT    H N N 226 
LYS N      N N N 227 
LYS CA     C N S 228 
LYS C      C N N 229 
LYS O      O N N 230 
LYS CB     C N N 231 
LYS CG     C N N 232 
LYS CD     C N N 233 
LYS CE     C N N 234 
LYS NZ     N N N 235 
LYS OXT    O N N 236 
LYS H      H N N 237 
LYS H2     H N N 238 
LYS HA     H N N 239 
LYS HB2    H N N 240 
LYS HB3    H N N 241 
LYS HG2    H N N 242 
LYS HG3    H N N 243 
LYS HD2    H N N 244 
LYS HD3    H N N 245 
LYS HE2    H N N 246 
LYS HE3    H N N 247 
LYS HZ1    H N N 248 
LYS HZ2    H N N 249 
LYS HZ3    H N N 250 
LYS HXT    H N N 251 
MET N      N N N 252 
MET CA     C N S 253 
MET C      C N N 254 
MET O      O N N 255 
MET CB     C N N 256 
MET CG     C N N 257 
MET SD     S N N 258 
MET CE     C N N 259 
MET OXT    O N N 260 
MET H      H N N 261 
MET H2     H N N 262 
MET HA     H N N 263 
MET HB2    H N N 264 
MET HB3    H N N 265 
MET HG2    H N N 266 
MET HG3    H N N 267 
MET HE1    H N N 268 
MET HE2    H N N 269 
MET HE3    H N N 270 
MET HXT    H N N 271 
PHE N      N N N 272 
PHE CA     C N S 273 
PHE C      C N N 274 
PHE O      O N N 275 
PHE CB     C N N 276 
PHE CG     C Y N 277 
PHE CD1    C Y N 278 
PHE CD2    C Y N 279 
PHE CE1    C Y N 280 
PHE CE2    C Y N 281 
PHE CZ     C Y N 282 
PHE OXT    O N N 283 
PHE H      H N N 284 
PHE H2     H N N 285 
PHE HA     H N N 286 
PHE HB2    H N N 287 
PHE HB3    H N N 288 
PHE HD1    H N N 289 
PHE HD2    H N N 290 
PHE HE1    H N N 291 
PHE HE2    H N N 292 
PHE HZ     H N N 293 
PHE HXT    H N N 294 
PRO N      N N N 295 
PRO CA     C N S 296 
PRO C      C N N 297 
PRO O      O N N 298 
PRO CB     C N N 299 
PRO CG     C N N 300 
PRO CD     C N N 301 
PRO OXT    O N N 302 
PRO H      H N N 303 
PRO HA     H N N 304 
PRO HB2    H N N 305 
PRO HB3    H N N 306 
PRO HG2    H N N 307 
PRO HG3    H N N 308 
PRO HD2    H N N 309 
PRO HD3    H N N 310 
PRO HXT    H N N 311 
SER N      N N N 312 
SER CA     C N S 313 
SER C      C N N 314 
SER O      O N N 315 
SER CB     C N N 316 
SER OG     O N N 317 
SER OXT    O N N 318 
SER H      H N N 319 
SER H2     H N N 320 
SER HA     H N N 321 
SER HB2    H N N 322 
SER HB3    H N N 323 
SER HG     H N N 324 
SER HXT    H N N 325 
THR N      N N N 326 
THR CA     C N S 327 
THR C      C N N 328 
THR O      O N N 329 
THR CB     C N R 330 
THR OG1    O N N 331 
THR CG2    C N N 332 
THR OXT    O N N 333 
THR H      H N N 334 
THR H2     H N N 335 
THR HA     H N N 336 
THR HB     H N N 337 
THR HG1    H N N 338 
THR HG21   H N N 339 
THR HG22   H N N 340 
THR HG23   H N N 341 
THR HXT    H N N 342 
TRP N      N N N 343 
TRP CA     C N S 344 
TRP C      C N N 345 
TRP O      O N N 346 
TRP CB     C N N 347 
TRP CG     C Y N 348 
TRP CD1    C Y N 349 
TRP CD2    C Y N 350 
TRP NE1    N Y N 351 
TRP CE2    C Y N 352 
TRP CE3    C Y N 353 
TRP CZ2    C Y N 354 
TRP CZ3    C Y N 355 
TRP CH2    C Y N 356 
TRP OXT    O N N 357 
TRP H      H N N 358 
TRP H2     H N N 359 
TRP HA     H N N 360 
TRP HB2    H N N 361 
TRP HB3    H N N 362 
TRP HD1    H N N 363 
TRP HE1    H N N 364 
TRP HE3    H N N 365 
TRP HZ2    H N N 366 
TRP HZ3    H N N 367 
TRP HH2    H N N 368 
TRP HXT    H N N 369 
TYR N      N N N 370 
TYR CA     C N S 371 
TYR C      C N N 372 
TYR O      O N N 373 
TYR CB     C N N 374 
TYR CG     C Y N 375 
TYR CD1    C Y N 376 
TYR CD2    C Y N 377 
TYR CE1    C Y N 378 
TYR CE2    C Y N 379 
TYR CZ     C Y N 380 
TYR OH     O N N 381 
TYR OXT    O N N 382 
TYR H      H N N 383 
TYR H2     H N N 384 
TYR HA     H N N 385 
TYR HB2    H N N 386 
TYR HB3    H N N 387 
TYR HD1    H N N 388 
TYR HD2    H N N 389 
TYR HE1    H N N 390 
TYR HE2    H N N 391 
TYR HH     H N N 392 
TYR HXT    H N N 393 
VAL N      N N N 394 
VAL CA     C N S 395 
VAL C      C N N 396 
VAL O      O N N 397 
VAL CB     C N N 398 
VAL CG1    C N N 399 
VAL CG2    C N N 400 
VAL OXT    O N N 401 
VAL H      H N N 402 
VAL H2     H N N 403 
VAL HA     H N N 404 
VAL HB     H N N 405 
VAL HG11   H N N 406 
VAL HG12   H N N 407 
VAL HG13   H N N 408 
VAL HG21   H N N 409 
VAL HG22   H N N 410 
VAL HG23   H N N 411 
VAL HXT    H N N 412 
# 
loop_
_chem_comp_bond.comp_id 
_chem_comp_bond.atom_id_1 
_chem_comp_bond.atom_id_2 
_chem_comp_bond.value_order 
_chem_comp_bond.pdbx_aromatic_flag 
_chem_comp_bond.pdbx_stereo_config 
_chem_comp_bond.pdbx_ordinal 
ALA N     CA     sing N N 1   
ALA N     H      sing N N 2   
ALA N     H2     sing N N 3   
ALA CA    C      sing N N 4   
ALA CA    CB     sing N N 5   
ALA CA    HA     sing N N 6   
ALA C     O      doub N N 7   
ALA C     OXT    sing N N 8   
ALA CB    HB1    sing N N 9   
ALA CB    HB2    sing N N 10  
ALA CB    HB3    sing N N 11  
ALA OXT   HXT    sing N N 12  
ARG N     CA     sing N N 13  
ARG N     H      sing N N 14  
ARG N     H2     sing N N 15  
ARG CA    C      sing N N 16  
ARG CA    CB     sing N N 17  
ARG CA    HA     sing N N 18  
ARG C     O      doub N N 19  
ARG C     OXT    sing N N 20  
ARG CB    CG     sing N N 21  
ARG CB    HB2    sing N N 22  
ARG CB    HB3    sing N N 23  
ARG CG    CD     sing N N 24  
ARG CG    HG2    sing N N 25  
ARG CG    HG3    sing N N 26  
ARG CD    NE     sing N N 27  
ARG CD    HD2    sing N N 28  
ARG CD    HD3    sing N N 29  
ARG NE    CZ     sing N N 30  
ARG NE    HE     sing N N 31  
ARG CZ    NH1    sing N N 32  
ARG CZ    NH2    doub N N 33  
ARG NH1   HH11   sing N N 34  
ARG NH1   HH12   sing N N 35  
ARG NH2   HH21   sing N N 36  
ARG NH2   HH22   sing N N 37  
ARG OXT   HXT    sing N N 38  
ASN N     CA     sing N N 39  
ASN N     H      sing N N 40  
ASN N     H2     sing N N 41  
ASN CA    C      sing N N 42  
ASN CA    CB     sing N N 43  
ASN CA    HA     sing N N 44  
ASN C     O      doub N N 45  
ASN C     OXT    sing N N 46  
ASN CB    CG     sing N N 47  
ASN CB    HB2    sing N N 48  
ASN CB    HB3    sing N N 49  
ASN CG    OD1    doub N N 50  
ASN CG    ND2    sing N N 51  
ASN ND2   HD21   sing N N 52  
ASN ND2   HD22   sing N N 53  
ASN OXT   HXT    sing N N 54  
ASP N     CA     sing N N 55  
ASP N     H      sing N N 56  
ASP N     H2     sing N N 57  
ASP CA    C      sing N N 58  
ASP CA    CB     sing N N 59  
ASP CA    HA     sing N N 60  
ASP C     O      doub N N 61  
ASP C     OXT    sing N N 62  
ASP CB    CG     sing N N 63  
ASP CB    HB2    sing N N 64  
ASP CB    HB3    sing N N 65  
ASP CG    OD1    doub N N 66  
ASP CG    OD2    sing N N 67  
ASP OD2   HD2    sing N N 68  
ASP OXT   HXT    sing N N 69  
C2R PA    O1A    doub N N 70  
C2R PA    O2A    sing N N 71  
C2R PA    O3A    sing N N 72  
C2R PA    "O5'"  sing N N 73  
C2R O2A   H2A    sing N N 74  
C2R O3A   H3A    sing N N 75  
C2R "O5'" "C5'"  sing N N 76  
C2R "C2'" "O2'"  sing N N 77  
C2R "C2'" "C3'"  sing N N 78  
C2R "C2'" "C1'"  sing N N 79  
C2R "C2'" "H2'"  sing N N 80  
C2R "O2'" H3     sing N N 81  
C2R "C3'" "O3'"  sing N N 82  
C2R "C3'" "C4'"  sing N N 83  
C2R "C3'" "H3'"  sing N N 84  
C2R "O3'" H1     sing N N 85  
C2R "C5'" "C4'"  sing N N 86  
C2R "C5'" "H5'1" sing N N 87  
C2R "C5'" "H5'2" sing N N 88  
C2R "C4'" "O4'"  sing N N 89  
C2R "C4'" "H4'"  sing N N 90  
C2R "O4'" "C1'"  sing N N 91  
C2R "C1'" N1     sing N N 92  
C2R "C1'" "H1'"  sing N N 93  
C2R N1    C5     sing Y N 94  
C2R N1    C2     sing Y N 95  
C2R C5    C4     doub Y N 96  
C2R C5    N5     sing N N 97  
C2R C4    N3     sing Y N 98  
C2R C4    C6     sing N N 99  
C2R N3    C2     doub Y N 100 
C2R C2    H2     sing N N 101 
C2R N5    HN51   sing N N 102 
C2R N5    HN52   sing N N 103 
C2R C6    O7     sing N N 104 
C2R C6    O8     doub N N 105 
C2R O7    HO7    sing N N 106 
GLN N     CA     sing N N 107 
GLN N     H      sing N N 108 
GLN N     H2     sing N N 109 
GLN CA    C      sing N N 110 
GLN CA    CB     sing N N 111 
GLN CA    HA     sing N N 112 
GLN C     O      doub N N 113 
GLN C     OXT    sing N N 114 
GLN CB    CG     sing N N 115 
GLN CB    HB2    sing N N 116 
GLN CB    HB3    sing N N 117 
GLN CG    CD     sing N N 118 
GLN CG    HG2    sing N N 119 
GLN CG    HG3    sing N N 120 
GLN CD    OE1    doub N N 121 
GLN CD    NE2    sing N N 122 
GLN NE2   HE21   sing N N 123 
GLN NE2   HE22   sing N N 124 
GLN OXT   HXT    sing N N 125 
GLU N     CA     sing N N 126 
GLU N     H      sing N N 127 
GLU N     H2     sing N N 128 
GLU CA    C      sing N N 129 
GLU CA    CB     sing N N 130 
GLU CA    HA     sing N N 131 
GLU C     O      doub N N 132 
GLU C     OXT    sing N N 133 
GLU CB    CG     sing N N 134 
GLU CB    HB2    sing N N 135 
GLU CB    HB3    sing N N 136 
GLU CG    CD     sing N N 137 
GLU CG    HG2    sing N N 138 
GLU CG    HG3    sing N N 139 
GLU CD    OE1    doub N N 140 
GLU CD    OE2    sing N N 141 
GLU OE2   HE2    sing N N 142 
GLU OXT   HXT    sing N N 143 
GLY N     CA     sing N N 144 
GLY N     H      sing N N 145 
GLY N     H2     sing N N 146 
GLY CA    C      sing N N 147 
GLY CA    HA2    sing N N 148 
GLY CA    HA3    sing N N 149 
GLY C     O      doub N N 150 
GLY C     OXT    sing N N 151 
GLY OXT   HXT    sing N N 152 
HIS N     CA     sing N N 153 
HIS N     H      sing N N 154 
HIS N     H2     sing N N 155 
HIS CA    C      sing N N 156 
HIS CA    CB     sing N N 157 
HIS CA    HA     sing N N 158 
HIS C     O      doub N N 159 
HIS C     OXT    sing N N 160 
HIS CB    CG     sing N N 161 
HIS CB    HB2    sing N N 162 
HIS CB    HB3    sing N N 163 
HIS CG    ND1    sing Y N 164 
HIS CG    CD2    doub Y N 165 
HIS ND1   CE1    doub Y N 166 
HIS ND1   HD1    sing N N 167 
HIS CD2   NE2    sing Y N 168 
HIS CD2   HD2    sing N N 169 
HIS CE1   NE2    sing Y N 170 
HIS CE1   HE1    sing N N 171 
HIS NE2   HE2    sing N N 172 
HIS OXT   HXT    sing N N 173 
HOH O     H1     sing N N 174 
HOH O     H2     sing N N 175 
ILE N     CA     sing N N 176 
ILE N     H      sing N N 177 
ILE N     H2     sing N N 178 
ILE CA    C      sing N N 179 
ILE CA    CB     sing N N 180 
ILE CA    HA     sing N N 181 
ILE C     O      doub N N 182 
ILE C     OXT    sing N N 183 
ILE CB    CG1    sing N N 184 
ILE CB    CG2    sing N N 185 
ILE CB    HB     sing N N 186 
ILE CG1   CD1    sing N N 187 
ILE CG1   HG12   sing N N 188 
ILE CG1   HG13   sing N N 189 
ILE CG2   HG21   sing N N 190 
ILE CG2   HG22   sing N N 191 
ILE CG2   HG23   sing N N 192 
ILE CD1   HD11   sing N N 193 
ILE CD1   HD12   sing N N 194 
ILE CD1   HD13   sing N N 195 
ILE OXT   HXT    sing N N 196 
LEU N     CA     sing N N 197 
LEU N     H      sing N N 198 
LEU N     H2     sing N N 199 
LEU CA    C      sing N N 200 
LEU CA    CB     sing N N 201 
LEU CA    HA     sing N N 202 
LEU C     O      doub N N 203 
LEU C     OXT    sing N N 204 
LEU CB    CG     sing N N 205 
LEU CB    HB2    sing N N 206 
LEU CB    HB3    sing N N 207 
LEU CG    CD1    sing N N 208 
LEU CG    CD2    sing N N 209 
LEU CG    HG     sing N N 210 
LEU CD1   HD11   sing N N 211 
LEU CD1   HD12   sing N N 212 
LEU CD1   HD13   sing N N 213 
LEU CD2   HD21   sing N N 214 
LEU CD2   HD22   sing N N 215 
LEU CD2   HD23   sing N N 216 
LEU OXT   HXT    sing N N 217 
LYS N     CA     sing N N 218 
LYS N     H      sing N N 219 
LYS N     H2     sing N N 220 
LYS CA    C      sing N N 221 
LYS CA    CB     sing N N 222 
LYS CA    HA     sing N N 223 
LYS C     O      doub N N 224 
LYS C     OXT    sing N N 225 
LYS CB    CG     sing N N 226 
LYS CB    HB2    sing N N 227 
LYS CB    HB3    sing N N 228 
LYS CG    CD     sing N N 229 
LYS CG    HG2    sing N N 230 
LYS CG    HG3    sing N N 231 
LYS CD    CE     sing N N 232 
LYS CD    HD2    sing N N 233 
LYS CD    HD3    sing N N 234 
LYS CE    NZ     sing N N 235 
LYS CE    HE2    sing N N 236 
LYS CE    HE3    sing N N 237 
LYS NZ    HZ1    sing N N 238 
LYS NZ    HZ2    sing N N 239 
LYS NZ    HZ3    sing N N 240 
LYS OXT   HXT    sing N N 241 
MET N     CA     sing N N 242 
MET N     H      sing N N 243 
MET N     H2     sing N N 244 
MET CA    C      sing N N 245 
MET CA    CB     sing N N 246 
MET CA    HA     sing N N 247 
MET C     O      doub N N 248 
MET C     OXT    sing N N 249 
MET CB    CG     sing N N 250 
MET CB    HB2    sing N N 251 
MET CB    HB3    sing N N 252 
MET CG    SD     sing N N 253 
MET CG    HG2    sing N N 254 
MET CG    HG3    sing N N 255 
MET SD    CE     sing N N 256 
MET CE    HE1    sing N N 257 
MET CE    HE2    sing N N 258 
MET CE    HE3    sing N N 259 
MET OXT   HXT    sing N N 260 
PHE N     CA     sing N N 261 
PHE N     H      sing N N 262 
PHE N     H2     sing N N 263 
PHE CA    C      sing N N 264 
PHE CA    CB     sing N N 265 
PHE CA    HA     sing N N 266 
PHE C     O      doub N N 267 
PHE C     OXT    sing N N 268 
PHE CB    CG     sing N N 269 
PHE CB    HB2    sing N N 270 
PHE CB    HB3    sing N N 271 
PHE CG    CD1    doub Y N 272 
PHE CG    CD2    sing Y N 273 
PHE CD1   CE1    sing Y N 274 
PHE CD1   HD1    sing N N 275 
PHE CD2   CE2    doub Y N 276 
PHE CD2   HD2    sing N N 277 
PHE CE1   CZ     doub Y N 278 
PHE CE1   HE1    sing N N 279 
PHE CE2   CZ     sing Y N 280 
PHE CE2   HE2    sing N N 281 
PHE CZ    HZ     sing N N 282 
PHE OXT   HXT    sing N N 283 
PRO N     CA     sing N N 284 
PRO N     CD     sing N N 285 
PRO N     H      sing N N 286 
PRO CA    C      sing N N 287 
PRO CA    CB     sing N N 288 
PRO CA    HA     sing N N 289 
PRO C     O      doub N N 290 
PRO C     OXT    sing N N 291 
PRO CB    CG     sing N N 292 
PRO CB    HB2    sing N N 293 
PRO CB    HB3    sing N N 294 
PRO CG    CD     sing N N 295 
PRO CG    HG2    sing N N 296 
PRO CG    HG3    sing N N 297 
PRO CD    HD2    sing N N 298 
PRO CD    HD3    sing N N 299 
PRO OXT   HXT    sing N N 300 
SER N     CA     sing N N 301 
SER N     H      sing N N 302 
SER N     H2     sing N N 303 
SER CA    C      sing N N 304 
SER CA    CB     sing N N 305 
SER CA    HA     sing N N 306 
SER C     O      doub N N 307 
SER C     OXT    sing N N 308 
SER CB    OG     sing N N 309 
SER CB    HB2    sing N N 310 
SER CB    HB3    sing N N 311 
SER OG    HG     sing N N 312 
SER OXT   HXT    sing N N 313 
THR N     CA     sing N N 314 
THR N     H      sing N N 315 
THR N     H2     sing N N 316 
THR CA    C      sing N N 317 
THR CA    CB     sing N N 318 
THR CA    HA     sing N N 319 
THR C     O      doub N N 320 
THR C     OXT    sing N N 321 
THR CB    OG1    sing N N 322 
THR CB    CG2    sing N N 323 
THR CB    HB     sing N N 324 
THR OG1   HG1    sing N N 325 
THR CG2   HG21   sing N N 326 
THR CG2   HG22   sing N N 327 
THR CG2   HG23   sing N N 328 
THR OXT   HXT    sing N N 329 
TRP N     CA     sing N N 330 
TRP N     H      sing N N 331 
TRP N     H2     sing N N 332 
TRP CA    C      sing N N 333 
TRP CA    CB     sing N N 334 
TRP CA    HA     sing N N 335 
TRP C     O      doub N N 336 
TRP C     OXT    sing N N 337 
TRP CB    CG     sing N N 338 
TRP CB    HB2    sing N N 339 
TRP CB    HB3    sing N N 340 
TRP CG    CD1    doub Y N 341 
TRP CG    CD2    sing Y N 342 
TRP CD1   NE1    sing Y N 343 
TRP CD1   HD1    sing N N 344 
TRP CD2   CE2    doub Y N 345 
TRP CD2   CE3    sing Y N 346 
TRP NE1   CE2    sing Y N 347 
TRP NE1   HE1    sing N N 348 
TRP CE2   CZ2    sing Y N 349 
TRP CE3   CZ3    doub Y N 350 
TRP CE3   HE3    sing N N 351 
TRP CZ2   CH2    doub Y N 352 
TRP CZ2   HZ2    sing N N 353 
TRP CZ3   CH2    sing Y N 354 
TRP CZ3   HZ3    sing N N 355 
TRP CH2   HH2    sing N N 356 
TRP OXT   HXT    sing N N 357 
TYR N     CA     sing N N 358 
TYR N     H      sing N N 359 
TYR N     H2     sing N N 360 
TYR CA    C      sing N N 361 
TYR CA    CB     sing N N 362 
TYR CA    HA     sing N N 363 
TYR C     O      doub N N 364 
TYR C     OXT    sing N N 365 
TYR CB    CG     sing N N 366 
TYR CB    HB2    sing N N 367 
TYR CB    HB3    sing N N 368 
TYR CG    CD1    doub Y N 369 
TYR CG    CD2    sing Y N 370 
TYR CD1   CE1    sing Y N 371 
TYR CD1   HD1    sing N N 372 
TYR CD2   CE2    doub Y N 373 
TYR CD2   HD2    sing N N 374 
TYR CE1   CZ     doub Y N 375 
TYR CE1   HE1    sing N N 376 
TYR CE2   CZ     sing Y N 377 
TYR CE2   HE2    sing N N 378 
TYR CZ    OH     sing N N 379 
TYR OH    HH     sing N N 380 
TYR OXT   HXT    sing N N 381 
VAL N     CA     sing N N 382 
VAL N     H      sing N N 383 
VAL N     H2     sing N N 384 
VAL CA    C      sing N N 385 
VAL CA    CB     sing N N 386 
VAL CA    HA     sing N N 387 
VAL C     O      doub N N 388 
VAL C     OXT    sing N N 389 
VAL CB    CG1    sing N N 390 
VAL CB    CG2    sing N N 391 
VAL CB    HB     sing N N 392 
VAL CG1   HG11   sing N N 393 
VAL CG1   HG12   sing N N 394 
VAL CG1   HG13   sing N N 395 
VAL CG2   HG21   sing N N 396 
VAL CG2   HG22   sing N N 397 
VAL CG2   HG23   sing N N 398 
VAL OXT   HXT    sing N N 399 
# 
loop_
_pdbx_entity_nonpoly.entity_id 
_pdbx_entity_nonpoly.name 
_pdbx_entity_nonpoly.comp_id 
2 '5-AMINO-1-(5-O-PHOSPHONO-BETA-D-RIBOFURANOSYL)-1H-IMIDAZOLE-4-CARBOXYLIC ACID' C2R 
3 water                                                                           HOH 
# 
_pdbx_initial_refinement_model.id               1 
_pdbx_initial_refinement_model.entity_id_list   ? 
_pdbx_initial_refinement_model.type             'experimental model' 
_pdbx_initial_refinement_model.source_name      PDB 
_pdbx_initial_refinement_model.accession_code   2ATE 
_pdbx_initial_refinement_model.details          'PDB ENTRY 2ATE' 
# 
